data_7Z5H
#
_entry.id   7Z5H
#
_cell.length_a   55.646
_cell.length_b   88.067
_cell.length_c   165.581
_cell.angle_alpha   90.000
_cell.angle_beta   90.767
_cell.angle_gamma   90.000
#
_symmetry.space_group_name_H-M   'P 1 21 1'
#
loop_
_entity.id
_entity.type
_entity.pdbx_description
1 polymer 'Uncharacterized protein KIAA0895-like'
2 non-polymer 'ZINC ION'
3 water water
#
_entity_poly.entity_id   1
_entity_poly.type   'polypeptide(L)'
_entity_poly.pdbx_seq_one_letter_code
;PCMLVALRPTNMDRERDKFFQSHYTYNPQFEYQEPMPTAVLEKYCEASGQFIHQAVGIIEAVLEKFGTYEHFEAATGGQL
LTKCQIWSIVRKYMQKEGCAGEVVVQLSEDLLSQAVMMVENSRPTLAINLTGARQYWLEGMLRHEIGTHYLRGVNNARQP
WHNAEGRLRYGLRPANPTEEGLASLHSVLFRKQPFLWRAALLYYTIHRAARMSFRQLFQDLERYVQDADVRWEYCVRAKR
GQTDTSLPGCFSKDQVYLDGIVRILRHRQTIDFPLLTSLGKVSYEDVDHLRPHGVLDNTRVPHFMQDLARYRQQLEHIMA
TNRLDEAELGRLLPD
;
_entity_poly.pdbx_strand_id   A,B,C,D
#
# COMPACT_ATOMS: atom_id res chain seq x y z
N LEU A 4 -6.10 -20.22 22.43
CA LEU A 4 -4.78 -20.41 23.10
C LEU A 4 -4.26 -21.85 23.01
N VAL A 5 -5.17 -22.82 22.81
CA VAL A 5 -4.84 -24.24 22.71
C VAL A 5 -3.86 -24.52 21.55
N ALA A 6 -4.09 -23.86 20.41
CA ALA A 6 -3.31 -24.08 19.20
C ALA A 6 -1.89 -23.52 19.31
N LEU A 7 -1.74 -22.41 20.06
CA LEU A 7 -0.47 -21.71 20.21
C LEU A 7 0.23 -21.99 21.54
N ARG A 8 -0.30 -22.95 22.32
CA ARG A 8 0.36 -23.46 23.50
C ARG A 8 1.37 -24.51 23.01
N PRO A 9 2.69 -24.28 23.14
CA PRO A 9 3.68 -25.20 22.59
C PRO A 9 3.49 -26.63 23.09
N THR A 10 3.63 -27.61 22.19
CA THR A 10 3.47 -29.01 22.52
C THR A 10 4.61 -29.55 23.38
N ASN A 11 5.74 -28.83 23.39
CA ASN A 11 6.92 -29.20 24.18
C ASN A 11 7.28 -28.18 25.27
N MET A 12 6.26 -27.47 25.79
CA MET A 12 6.48 -26.36 26.72
C MET A 12 7.20 -26.78 28.01
N ASP A 13 6.85 -27.95 28.53
CA ASP A 13 7.43 -28.49 29.76
C ASP A 13 8.90 -28.84 29.60
N ARG A 14 9.23 -29.59 28.54
CA ARG A 14 10.61 -30.00 28.26
C ARG A 14 11.52 -28.79 28.02
N GLU A 15 10.97 -27.72 27.45
CA GLU A 15 11.71 -26.50 27.18
C GLU A 15 11.82 -25.62 28.42
N ARG A 16 10.84 -25.70 29.32
CA ARG A 16 10.86 -24.99 30.59
C ARG A 16 11.95 -25.54 31.52
N ASP A 17 11.98 -26.87 31.67
CA ASP A 17 13.02 -27.56 32.44
C ASP A 17 14.40 -27.21 31.90
N LYS A 18 14.55 -27.25 30.57
CA LYS A 18 15.78 -26.84 29.89
C LYS A 18 16.19 -25.42 30.27
N PHE A 19 15.22 -24.49 30.18
CA PHE A 19 15.44 -23.06 30.47
C PHE A 19 15.89 -22.83 31.90
N PHE A 20 15.13 -23.39 32.85
CA PHE A 20 15.40 -23.27 34.28
C PHE A 20 16.75 -23.90 34.64
N GLN A 21 16.97 -25.13 34.17
CA GLN A 21 18.19 -25.91 34.45
C GLN A 21 19.48 -25.28 33.88
N SER A 22 19.34 -24.43 32.86
CA SER A 22 20.46 -23.67 32.29
C SER A 22 20.66 -22.32 32.97
N HIS A 23 19.89 -22.07 34.04
CA HIS A 23 19.87 -20.82 34.77
C HIS A 23 19.50 -19.65 33.85
N TYR A 24 18.42 -19.87 33.06
CA TYR A 24 17.76 -18.84 32.25
C TYR A 24 18.58 -18.31 31.07
N THR A 25 19.59 -19.06 30.63
CA THR A 25 20.46 -18.68 29.51
C THR A 25 20.04 -19.31 28.18
N TYR A 26 19.37 -20.47 28.26
CA TYR A 26 18.88 -21.21 27.09
C TYR A 26 17.72 -20.46 26.44
N ASN A 27 17.65 -20.54 25.11
CA ASN A 27 16.52 -20.02 24.34
C ASN A 27 15.60 -21.17 23.95
N PRO A 28 14.36 -21.22 24.49
CA PRO A 28 13.40 -22.26 24.13
C PRO A 28 13.19 -22.43 22.62
N GLN A 29 13.26 -23.68 22.15
CA GLN A 29 12.93 -24.06 20.79
C GLN A 29 11.58 -24.78 20.81
N PHE A 30 10.51 -23.98 20.74
CA PHE A 30 9.14 -24.47 20.82
C PHE A 30 8.68 -25.17 19.54
N GLU A 31 7.79 -26.15 19.69
CA GLU A 31 7.07 -26.77 18.57
C GLU A 31 5.59 -26.79 18.86
N TYR A 32 4.78 -26.86 17.81
CA TYR A 32 3.33 -26.70 17.89
C TYR A 32 2.59 -27.77 17.10
N GLN A 33 1.29 -27.91 17.40
CA GLN A 33 0.42 -28.85 16.70
C GLN A 33 0.17 -28.32 15.29
N GLU A 34 0.53 -29.12 14.28
CA GLU A 34 0.43 -28.72 12.88
C GLU A 34 -1.01 -28.77 12.40
N PRO A 35 -1.46 -27.86 11.49
CA PRO A 35 -0.63 -26.76 11.02
C PRO A 35 -0.75 -25.56 11.96
N MET A 36 0.20 -24.63 11.88
CA MET A 36 0.15 -23.41 12.64
C MET A 36 -0.89 -22.48 12.02
N PRO A 37 -1.67 -21.73 12.82
CA PRO A 37 -2.63 -20.76 12.27
C PRO A 37 -1.91 -19.51 11.71
N THR A 38 -1.32 -19.70 10.51
CA THR A 38 -0.47 -18.71 9.86
C THR A 38 -1.13 -17.33 9.78
N ALA A 39 -2.40 -17.29 9.39
CA ALA A 39 -3.18 -16.06 9.27
C ALA A 39 -3.21 -15.24 10.57
N VAL A 40 -3.43 -15.94 11.69
CA VAL A 40 -3.55 -15.29 13.01
C VAL A 40 -2.19 -14.85 13.55
N LEU A 41 -1.15 -15.66 13.29
CA LEU A 41 0.23 -15.31 13.60
C LEU A 41 0.65 -14.02 12.92
N GLU A 42 0.36 -13.93 11.61
CA GLU A 42 0.68 -12.76 10.78
C GLU A 42 -0.10 -11.52 11.22
N LYS A 43 -1.36 -11.72 11.63
CA LYS A 43 -2.21 -10.62 12.09
C LYS A 43 -1.66 -9.96 13.36
N TYR A 44 -1.02 -10.77 14.22
CA TYR A 44 -0.51 -10.31 15.50
C TYR A 44 1.02 -10.46 15.59
N CYS A 45 1.71 -10.22 14.47
CA CYS A 45 3.17 -10.35 14.39
C CYS A 45 3.91 -9.06 14.78
N GLU A 46 3.18 -7.94 14.81
CA GLU A 46 3.75 -6.63 15.14
C GLU A 46 3.17 -6.09 16.43
N ALA A 47 4.05 -5.64 17.33
CA ALA A 47 3.67 -5.03 18.61
C ALA A 47 3.46 -3.54 18.44
N SER A 48 2.55 -2.98 19.24
CA SER A 48 2.31 -1.54 19.29
C SER A 48 2.99 -0.94 20.52
N GLY A 49 3.30 0.36 20.44
CA GLY A 49 3.84 1.12 21.55
C GLY A 49 2.98 2.33 21.90
N GLN A 50 1.74 2.34 21.40
CA GLN A 50 0.85 3.48 21.57
C GLN A 50 0.59 3.80 23.04
N PHE A 51 0.43 2.75 23.85
CA PHE A 51 0.11 2.89 25.27
C PHE A 51 1.17 2.34 26.21
N ILE A 52 2.42 2.25 25.72
CA ILE A 52 3.53 1.66 26.49
C ILE A 52 3.81 2.43 27.77
N HIS A 53 3.66 3.76 27.74
CA HIS A 53 3.88 4.62 28.89
C HIS A 53 2.75 4.55 29.91
N GLN A 54 1.56 4.13 29.45
CA GLN A 54 0.42 3.91 30.34
C GLN A 54 0.64 2.60 31.07
N ALA A 55 1.11 1.59 30.34
CA ALA A 55 1.45 0.27 30.90
C ALA A 55 2.46 0.42 32.02
N VAL A 56 3.58 1.07 31.70
CA VAL A 56 4.65 1.32 32.66
C VAL A 56 4.15 2.20 33.80
N GLY A 57 3.28 3.16 33.49
CA GLY A 57 2.62 3.99 34.49
C GLY A 57 1.87 3.19 35.53
N ILE A 58 1.13 2.16 35.09
CA ILE A 58 0.35 1.29 35.96
C ILE A 58 1.26 0.40 36.80
N ILE A 59 2.26 -0.20 36.15
CA ILE A 59 3.24 -1.07 36.78
C ILE A 59 3.97 -0.34 37.91
N GLU A 60 4.48 0.86 37.60
CA GLU A 60 5.20 1.69 38.57
C GLU A 60 4.29 2.16 39.71
N ALA A 61 3.04 2.47 39.41
CA ALA A 61 2.05 2.86 40.42
C ALA A 61 1.87 1.76 41.48
N VAL A 62 1.85 0.51 41.01
CA VAL A 62 1.73 -0.66 41.88
C VAL A 62 2.97 -0.78 42.76
N LEU A 63 4.14 -0.78 42.12
CA LEU A 63 5.42 -0.96 42.80
C LEU A 63 5.76 0.19 43.77
N GLU A 64 5.22 1.38 43.50
CA GLU A 64 5.39 2.54 44.38
C GLU A 64 4.59 2.36 45.66
N LYS A 65 3.39 1.81 45.54
CA LYS A 65 2.48 1.63 46.67
C LYS A 65 2.74 0.34 47.46
N PHE A 66 3.15 -0.72 46.76
CA PHE A 66 3.29 -2.06 47.34
C PHE A 66 4.71 -2.61 47.33
N GLY A 67 5.65 -1.86 46.75
CA GLY A 67 7.05 -2.25 46.72
C GLY A 67 7.37 -3.29 45.68
N THR A 68 6.75 -4.48 45.81
CA THR A 68 6.87 -5.57 44.87
C THR A 68 5.50 -6.07 44.41
N TYR A 69 5.49 -6.84 43.32
CA TYR A 69 4.29 -7.52 42.87
C TYR A 69 3.88 -8.58 43.89
N GLU A 70 4.89 -9.31 44.39
CA GLU A 70 4.67 -10.36 45.39
C GLU A 70 3.78 -9.89 46.54
N HIS A 71 4.09 -8.71 47.10
CA HIS A 71 3.28 -8.13 48.18
C HIS A 71 1.93 -7.62 47.68
N PHE A 72 1.90 -7.01 46.49
CA PHE A 72 0.65 -6.56 45.86
C PHE A 72 -0.33 -7.72 45.75
N GLU A 73 0.14 -8.84 45.17
CA GLU A 73 -0.65 -10.05 44.98
C GLU A 73 -1.29 -10.53 46.28
N ALA A 74 -0.45 -10.74 47.31
CA ALA A 74 -0.89 -11.27 48.59
C ALA A 74 -1.78 -10.31 49.37
N ALA A 75 -1.43 -9.01 49.34
CA ALA A 75 -2.17 -7.99 50.09
C ALA A 75 -3.55 -7.71 49.51
N THR A 76 -3.63 -7.61 48.18
CA THR A 76 -4.87 -7.24 47.48
C THR A 76 -5.67 -8.46 47.00
N GLY A 77 -4.97 -9.54 46.63
CA GLY A 77 -5.57 -10.73 46.06
C GLY A 77 -6.32 -11.62 47.04
N GLY A 78 -5.85 -11.65 48.29
CA GLY A 78 -6.40 -12.50 49.32
C GLY A 78 -5.68 -13.84 49.30
N GLN A 79 -6.20 -14.78 50.10
CA GLN A 79 -5.65 -16.11 50.21
C GLN A 79 -5.82 -16.95 48.93
N LEU A 80 -4.88 -17.87 48.72
CA LEU A 80 -4.99 -18.92 47.71
C LEU A 80 -6.19 -19.78 48.08
N LEU A 81 -6.97 -20.17 47.06
CA LEU A 81 -8.21 -20.90 47.25
C LEU A 81 -8.07 -22.41 47.02
N THR A 82 -8.81 -23.18 47.83
CA THR A 82 -8.97 -24.61 47.60
C THR A 82 -10.03 -24.80 46.52
N LYS A 83 -10.11 -26.03 45.99
CA LYS A 83 -11.10 -26.38 44.97
C LYS A 83 -12.50 -26.09 45.48
N CYS A 84 -12.78 -26.53 46.71
CA CYS A 84 -14.05 -26.31 47.39
C CYS A 84 -14.49 -24.86 47.40
N GLN A 85 -13.55 -23.96 47.74
CA GLN A 85 -13.79 -22.53 47.84
C GLN A 85 -14.07 -21.91 46.46
N ILE A 86 -13.34 -22.39 45.45
CA ILE A 86 -13.53 -21.96 44.07
C ILE A 86 -14.95 -22.28 43.60
N TRP A 87 -15.36 -23.55 43.75
CA TRP A 87 -16.71 -24.01 43.37
C TRP A 87 -17.79 -23.20 44.07
N SER A 88 -17.58 -22.92 45.36
CA SER A 88 -18.52 -22.16 46.17
C SER A 88 -18.74 -20.75 45.62
N ILE A 89 -17.63 -20.06 45.32
CA ILE A 89 -17.66 -18.70 44.78
C ILE A 89 -18.30 -18.68 43.38
N VAL A 90 -17.99 -19.69 42.56
CA VAL A 90 -18.54 -19.83 41.22
C VAL A 90 -20.05 -20.03 41.27
N ARG A 91 -20.49 -20.98 42.09
CA ARG A 91 -21.91 -21.27 42.25
C ARG A 91 -22.71 -20.04 42.67
N LYS A 92 -22.17 -19.29 43.65
CA LYS A 92 -22.79 -18.06 44.11
C LYS A 92 -22.89 -17.04 42.96
N TYR A 93 -21.84 -16.96 42.14
CA TYR A 93 -21.80 -16.03 41.02
C TYR A 93 -22.85 -16.36 39.95
N MET A 94 -22.89 -17.63 39.51
CA MET A 94 -23.82 -18.07 38.47
C MET A 94 -25.27 -17.74 38.83
N GLN A 95 -25.63 -17.95 40.10
CA GLN A 95 -26.96 -17.64 40.62
C GLN A 95 -27.21 -16.14 40.62
N LYS A 96 -26.20 -15.36 41.01
CA LYS A 96 -26.26 -13.91 41.02
C LYS A 96 -26.47 -13.33 39.63
N GLU A 97 -25.91 -14.02 38.61
CA GLU A 97 -25.97 -13.59 37.22
C GLU A 97 -27.19 -14.17 36.48
N GLY A 98 -27.89 -15.11 37.12
CA GLY A 98 -29.07 -15.74 36.56
C GLY A 98 -28.78 -16.75 35.45
N CYS A 99 -27.52 -17.18 35.36
CA CYS A 99 -27.09 -18.17 34.37
C CYS A 99 -26.64 -19.48 35.03
N ALA A 100 -27.32 -19.83 36.14
CA ALA A 100 -27.09 -21.08 36.84
C ALA A 100 -27.45 -22.26 35.94
N GLY A 101 -26.53 -23.23 35.85
CA GLY A 101 -26.75 -24.47 35.13
C GLY A 101 -26.49 -24.43 33.63
N GLU A 102 -25.99 -23.30 33.13
CA GLU A 102 -25.75 -23.09 31.70
C GLU A 102 -24.33 -23.46 31.27
N VAL A 103 -23.38 -23.27 32.20
CA VAL A 103 -21.96 -23.42 31.90
C VAL A 103 -21.34 -24.56 32.73
N VAL A 104 -20.59 -25.43 32.06
CA VAL A 104 -19.76 -26.43 32.72
C VAL A 104 -18.53 -25.73 33.27
N VAL A 105 -18.17 -26.06 34.51
CA VAL A 105 -16.98 -25.54 35.17
C VAL A 105 -15.96 -26.65 35.32
N GLN A 106 -14.71 -26.36 34.93
CA GLN A 106 -13.59 -27.30 35.03
C GLN A 106 -12.40 -26.63 35.73
N LEU A 107 -11.63 -27.44 36.46
CA LEU A 107 -10.46 -26.97 37.19
C LEU A 107 -9.22 -27.62 36.58
N SER A 108 -8.22 -26.79 36.28
CA SER A 108 -7.00 -27.21 35.59
C SER A 108 -5.77 -26.51 36.15
N GLU A 109 -4.59 -27.12 35.96
CA GLU A 109 -3.29 -26.56 36.36
C GLU A 109 -2.50 -26.02 35.17
N ASP A 110 -2.90 -26.43 33.96
CA ASP A 110 -2.17 -26.17 32.71
C ASP A 110 -2.83 -25.09 31.83
N LEU A 111 -3.19 -23.96 32.46
CA LEU A 111 -3.69 -22.78 31.78
C LEU A 111 -2.66 -21.66 31.87
N LEU A 112 -2.43 -20.98 30.72
CA LEU A 112 -1.52 -19.85 30.67
C LEU A 112 -2.15 -18.57 31.20
N SER A 113 -3.44 -18.63 31.53
CA SER A 113 -4.15 -17.52 32.20
C SER A 113 -4.94 -18.04 33.41
N GLN A 114 -5.62 -17.13 34.11
CA GLN A 114 -6.45 -17.44 35.26
C GLN A 114 -7.60 -18.36 34.87
N ALA A 115 -8.24 -18.03 33.74
CA ALA A 115 -9.37 -18.81 33.21
C ALA A 115 -9.55 -18.58 31.72
N VAL A 116 -10.13 -19.57 31.04
CA VAL A 116 -10.52 -19.47 29.62
C VAL A 116 -11.95 -20.00 29.42
N MET A 117 -12.78 -19.17 28.79
CA MET A 117 -14.15 -19.54 28.40
C MET A 117 -14.04 -20.23 27.04
N MET A 118 -14.65 -21.41 26.89
CA MET A 118 -14.50 -22.25 25.70
C MET A 118 -15.85 -22.68 25.16
N VAL A 119 -15.81 -23.46 24.06
CA VAL A 119 -16.97 -24.16 23.52
C VAL A 119 -16.59 -25.62 23.22
N GLU A 120 -16.51 -26.42 24.30
CA GLU A 120 -16.27 -27.87 24.25
C GLU A 120 -17.60 -28.61 24.08
N ASN A 121 -17.62 -29.61 23.17
CA ASN A 121 -18.82 -30.38 22.85
C ASN A 121 -20.00 -29.50 22.40
N SER A 122 -19.68 -28.45 21.64
CA SER A 122 -20.64 -27.43 21.19
C SER A 122 -21.40 -26.76 22.34
N ARG A 123 -20.77 -26.68 23.52
CA ARG A 123 -21.38 -26.19 24.76
C ARG A 123 -20.39 -25.35 25.56
N PRO A 124 -20.84 -24.26 26.22
CA PRO A 124 -19.91 -23.40 26.97
C PRO A 124 -19.23 -24.12 28.12
N THR A 125 -17.92 -23.89 28.26
CA THR A 125 -17.09 -24.50 29.30
C THR A 125 -16.16 -23.42 29.88
N LEU A 126 -16.24 -23.22 31.20
CA LEU A 126 -15.34 -22.33 31.93
C LEU A 126 -14.26 -23.17 32.61
N ALA A 127 -13.02 -23.05 32.10
CA ALA A 127 -11.86 -23.69 32.70
C ALA A 127 -11.16 -22.68 33.59
N ILE A 128 -11.02 -23.01 34.88
CA ILE A 128 -10.39 -22.14 35.88
C ILE A 128 -9.07 -22.77 36.30
N ASN A 129 -8.01 -21.94 36.32
CA ASN A 129 -6.70 -22.35 36.78
C ASN A 129 -6.71 -22.36 38.29
N LEU A 130 -6.57 -23.57 38.87
CA LEU A 130 -6.51 -23.72 40.33
C LEU A 130 -5.19 -23.21 40.91
N THR A 131 -4.12 -23.24 40.11
CA THR A 131 -2.81 -22.72 40.47
C THR A 131 -2.85 -21.19 40.54
N GLY A 132 -2.82 -20.64 41.76
CA GLY A 132 -2.79 -19.20 41.98
C GLY A 132 -4.15 -18.52 42.02
N ALA A 133 -5.22 -19.30 42.12
CA ALA A 133 -6.56 -18.74 42.34
C ALA A 133 -6.65 -18.08 43.74
N ARG A 134 -7.14 -16.85 43.79
CA ARG A 134 -7.17 -16.05 45.02
C ARG A 134 -8.54 -15.46 45.29
N GLN A 135 -8.84 -15.27 46.58
CA GLN A 135 -10.16 -14.89 47.09
C GLN A 135 -10.78 -13.68 46.40
N TYR A 136 -10.15 -12.51 46.54
CA TYR A 136 -10.69 -11.24 46.06
C TYR A 136 -10.52 -11.09 44.54
N TRP A 137 -9.60 -11.86 43.96
CA TRP A 137 -9.35 -11.85 42.52
C TRP A 137 -10.31 -12.74 41.73
N LEU A 138 -10.75 -13.86 42.32
CA LEU A 138 -11.55 -14.87 41.58
C LEU A 138 -12.92 -14.33 41.10
N GLU A 139 -13.57 -13.57 41.99
CA GLU A 139 -14.81 -12.88 41.70
C GLU A 139 -14.70 -12.02 40.45
N GLY A 140 -13.56 -11.33 40.29
CA GLY A 140 -13.24 -10.55 39.11
C GLY A 140 -13.14 -11.36 37.84
N MET A 141 -12.47 -12.52 37.91
CA MET A 141 -12.36 -13.44 36.78
C MET A 141 -13.75 -13.81 36.25
N LEU A 142 -14.67 -14.09 37.18
CA LEU A 142 -16.04 -14.44 36.84
C LEU A 142 -16.79 -13.28 36.17
N ARG A 143 -16.51 -12.04 36.62
CA ARG A 143 -17.08 -10.84 36.00
C ARG A 143 -16.55 -10.64 34.59
N HIS A 144 -15.30 -11.07 34.37
CA HIS A 144 -14.61 -11.03 33.09
C HIS A 144 -15.19 -12.10 32.15
N GLU A 145 -15.05 -13.37 32.56
CA GLU A 145 -15.37 -14.51 31.71
C GLU A 145 -16.86 -14.79 31.52
N ILE A 146 -17.64 -14.57 32.59
CA ILE A 146 -19.09 -14.83 32.57
C ILE A 146 -19.86 -13.53 32.39
N GLY A 147 -19.57 -12.54 33.25
CA GLY A 147 -20.24 -11.26 33.21
C GLY A 147 -20.09 -10.49 31.89
N THR A 148 -18.99 -10.74 31.18
CA THR A 148 -18.70 -10.07 29.90
C THR A 148 -18.71 -11.05 28.72
N HIS A 149 -17.69 -11.92 28.61
CA HIS A 149 -17.55 -12.81 27.45
C HIS A 149 -18.79 -13.67 27.20
N TYR A 150 -19.28 -14.34 28.25
CA TYR A 150 -20.41 -15.26 28.12
C TYR A 150 -21.71 -14.54 27.78
N LEU A 151 -22.03 -13.47 28.52
CA LEU A 151 -23.27 -12.71 28.31
C LEU A 151 -23.30 -12.04 26.93
N ARG A 152 -22.15 -11.45 26.53
CA ARG A 152 -22.00 -10.89 25.20
C ARG A 152 -22.24 -11.96 24.13
N GLY A 153 -21.65 -13.14 24.34
CA GLY A 153 -21.79 -14.28 23.45
C GLY A 153 -23.22 -14.74 23.24
N VAL A 154 -23.96 -14.87 24.34
CA VAL A 154 -25.36 -15.29 24.30
C VAL A 154 -26.25 -14.22 23.63
N ASN A 155 -25.98 -12.95 23.95
CA ASN A 155 -26.69 -11.83 23.33
C ASN A 155 -26.42 -11.76 21.82
N ASN A 156 -25.14 -11.97 21.45
CA ASN A 156 -24.69 -11.97 20.08
C ASN A 156 -25.33 -13.05 19.22
N ALA A 157 -25.59 -14.21 19.82
CA ALA A 157 -26.20 -15.35 19.13
C ALA A 157 -27.62 -15.03 18.67
N ARG A 158 -28.27 -14.08 19.36
CA ARG A 158 -29.62 -13.62 19.05
C ARG A 158 -29.68 -12.52 17.99
N GLN A 159 -28.50 -12.00 17.57
CA GLN A 159 -28.43 -10.86 16.65
C GLN A 159 -28.22 -11.26 15.19
N PRO A 160 -28.60 -10.40 14.22
CA PRO A 160 -28.36 -10.67 12.80
C PRO A 160 -26.89 -10.90 12.44
N TRP A 161 -25.97 -10.35 13.25
CA TRP A 161 -24.53 -10.47 13.04
C TRP A 161 -23.92 -11.56 13.93
N HIS A 162 -24.68 -12.65 14.14
CA HIS A 162 -24.29 -13.75 15.01
C HIS A 162 -23.19 -14.65 14.43
N ASN A 163 -22.96 -14.55 13.12
CA ASN A 163 -21.88 -15.26 12.44
C ASN A 163 -21.10 -14.34 11.51
N ALA A 164 -20.05 -14.88 10.89
CA ALA A 164 -19.15 -14.16 9.98
C ALA A 164 -19.90 -13.37 8.90
N GLU A 165 -20.81 -14.04 8.19
CA GLU A 165 -21.63 -13.41 7.14
C GLU A 165 -22.41 -12.22 7.68
N GLY A 166 -23.03 -12.40 8.85
CA GLY A 166 -23.80 -11.37 9.52
C GLY A 166 -22.98 -10.14 9.87
N ARG A 167 -21.72 -10.37 10.27
CA ARG A 167 -20.78 -9.30 10.56
C ARG A 167 -20.48 -8.47 9.32
N LEU A 168 -20.19 -9.16 8.20
CA LEU A 168 -19.94 -8.54 6.90
C LEU A 168 -21.14 -7.73 6.42
N ARG A 169 -22.31 -8.39 6.42
CA ARG A 169 -23.55 -7.79 5.93
C ARG A 169 -23.89 -6.49 6.67
N TYR A 170 -23.70 -6.48 8.00
CA TYR A 170 -24.03 -5.32 8.83
C TYR A 170 -22.83 -4.39 9.07
N GLY A 171 -21.67 -4.75 8.48
CA GLY A 171 -20.50 -3.91 8.44
C GLY A 171 -19.91 -3.63 9.81
N LEU A 172 -19.59 -4.70 10.53
CA LEU A 172 -19.10 -4.60 11.90
C LEU A 172 -17.58 -4.49 11.93
N ARG A 173 -17.09 -3.55 12.76
CA ARG A 173 -15.68 -3.55 13.18
C ARG A 173 -15.44 -4.78 14.04
N PRO A 174 -14.18 -5.25 14.18
CA PRO A 174 -13.88 -6.38 15.06
C PRO A 174 -14.37 -6.17 16.50
N ALA A 175 -14.69 -7.27 17.18
CA ALA A 175 -15.16 -7.26 18.56
C ALA A 175 -14.12 -6.70 19.50
N ASN A 176 -12.87 -7.11 19.27
CA ASN A 176 -11.71 -6.59 19.98
C ASN A 176 -11.26 -5.28 19.33
N PRO A 177 -10.71 -4.31 20.08
CA PRO A 177 -10.36 -4.50 21.49
C PRO A 177 -11.47 -4.23 22.52
N THR A 178 -12.68 -3.89 22.07
CA THR A 178 -13.80 -3.57 22.95
C THR A 178 -14.14 -4.72 23.88
N GLU A 179 -14.07 -5.96 23.36
CA GLU A 179 -14.42 -7.16 24.12
C GLU A 179 -13.56 -7.34 25.37
N GLU A 180 -12.25 -7.46 25.17
CA GLU A 180 -11.30 -7.72 26.24
C GLU A 180 -11.02 -6.49 27.08
N GLY A 181 -11.24 -5.30 26.52
CA GLY A 181 -11.20 -4.04 27.25
C GLY A 181 -12.28 -3.97 28.30
N LEU A 182 -13.51 -4.29 27.89
CA LEU A 182 -14.67 -4.33 28.77
C LEU A 182 -14.51 -5.40 29.85
N ALA A 183 -14.01 -6.57 29.44
CA ALA A 183 -13.80 -7.71 30.33
C ALA A 183 -12.75 -7.40 31.41
N SER A 184 -11.68 -6.70 31.02
CA SER A 184 -10.59 -6.32 31.92
C SER A 184 -11.00 -5.26 32.94
N LEU A 185 -11.78 -4.27 32.50
CA LEU A 185 -12.35 -3.27 33.40
C LEU A 185 -13.26 -3.93 34.41
N HIS A 186 -14.05 -4.91 33.95
CA HIS A 186 -15.00 -5.62 34.79
C HIS A 186 -14.34 -6.53 35.82
N SER A 187 -13.13 -7.01 35.54
CA SER A 187 -12.39 -7.88 36.46
C SER A 187 -12.01 -7.14 37.74
N VAL A 188 -11.64 -5.86 37.58
CA VAL A 188 -11.19 -5.02 38.69
C VAL A 188 -12.28 -4.07 39.20
N LEU A 189 -13.53 -4.31 38.79
CA LEU A 189 -14.64 -3.40 39.07
C LEU A 189 -14.86 -2.97 40.53
N PHE A 190 -15.10 -3.92 41.44
CA PHE A 190 -15.42 -3.64 42.85
C PHE A 190 -14.25 -3.79 43.82
N ARG A 191 -13.03 -3.86 43.30
CA ARG A 191 -11.83 -3.97 44.10
C ARG A 191 -11.49 -2.62 44.73
N LYS A 192 -10.83 -2.66 45.90
CA LYS A 192 -10.45 -1.46 46.63
C LYS A 192 -9.20 -0.82 46.04
N GLN A 193 -8.32 -1.65 45.48
CA GLN A 193 -7.13 -1.21 44.75
C GLN A 193 -7.12 -1.78 43.35
N PRO A 194 -7.96 -1.26 42.42
CA PRO A 194 -8.16 -1.89 41.12
C PRO A 194 -7.06 -1.59 40.10
N PHE A 195 -5.81 -1.93 40.42
CA PHE A 195 -4.69 -1.75 39.52
C PHE A 195 -4.77 -2.78 38.40
N LEU A 196 -4.55 -2.34 37.15
CA LEU A 196 -4.64 -3.18 35.97
C LEU A 196 -3.29 -3.79 35.63
N TRP A 197 -2.71 -4.49 36.61
CA TRP A 197 -1.36 -5.03 36.53
C TRP A 197 -1.18 -5.97 35.34
N ARG A 198 -2.04 -6.99 35.28
CA ARG A 198 -2.02 -8.04 34.25
C ARG A 198 -2.02 -7.44 32.85
N ALA A 199 -2.98 -6.54 32.59
CA ALA A 199 -3.12 -5.86 31.30
C ALA A 199 -1.84 -5.11 30.95
N ALA A 200 -1.34 -4.30 31.90
CA ALA A 200 -0.17 -3.46 31.71
C ALA A 200 1.10 -4.27 31.43
N LEU A 201 1.31 -5.34 32.21
CA LEU A 201 2.51 -6.16 32.09
C LEU A 201 2.52 -6.99 30.79
N LEU A 202 1.34 -7.47 30.39
CA LEU A 202 1.17 -8.14 29.09
C LEU A 202 1.53 -7.20 27.93
N TYR A 203 0.99 -5.98 27.99
CA TYR A 203 1.27 -4.95 26.99
C TYR A 203 2.76 -4.69 26.89
N TYR A 204 3.39 -4.45 28.06
CA TYR A 204 4.82 -4.20 28.18
C TYR A 204 5.68 -5.36 27.63
N THR A 205 5.34 -6.60 28.03
CA THR A 205 6.13 -7.78 27.70
C THR A 205 6.17 -8.02 26.19
N ILE A 206 5.03 -7.79 25.53
CA ILE A 206 4.90 -7.93 24.08
C ILE A 206 5.77 -6.90 23.36
N HIS A 207 5.70 -5.65 23.83
CA HIS A 207 6.51 -4.56 23.30
C HIS A 207 8.00 -4.93 23.28
N ARG A 208 8.49 -5.49 24.39
CA ARG A 208 9.88 -5.91 24.51
C ARG A 208 10.18 -7.19 23.71
N ALA A 209 9.22 -8.12 23.69
CA ALA A 209 9.35 -9.40 23.00
C ALA A 209 9.67 -9.22 21.51
N ALA A 210 9.06 -8.19 20.91
CA ALA A 210 9.29 -7.80 19.52
C ALA A 210 10.75 -7.49 19.21
N ARG A 211 11.48 -7.00 20.23
CA ARG A 211 12.90 -6.63 20.12
C ARG A 211 13.87 -7.68 20.66
N MET A 212 13.38 -8.55 21.55
CA MET A 212 14.22 -9.40 22.38
C MET A 212 14.09 -10.89 22.13
N SER A 213 15.17 -11.61 22.44
CA SER A 213 15.14 -13.07 22.59
C SER A 213 14.39 -13.40 23.87
N PHE A 214 14.10 -14.71 24.06
CA PHE A 214 13.41 -15.20 25.24
C PHE A 214 14.25 -14.88 26.49
N ARG A 215 15.52 -15.28 26.43
CA ARG A 215 16.52 -15.02 27.46
C ARG A 215 16.50 -13.56 27.91
N GLN A 216 16.61 -12.65 26.93
CA GLN A 216 16.60 -11.21 27.16
C GLN A 216 15.29 -10.73 27.78
N LEU A 217 14.17 -11.24 27.25
CA LEU A 217 12.84 -10.87 27.72
C LEU A 217 12.62 -11.31 29.17
N PHE A 218 13.05 -12.54 29.48
CA PHE A 218 12.92 -13.12 30.81
C PHE A 218 13.71 -12.30 31.83
N GLN A 219 14.93 -11.90 31.46
CA GLN A 219 15.79 -11.08 32.30
C GLN A 219 15.18 -9.69 32.51
N ASP A 220 14.70 -9.08 31.41
CA ASP A 220 14.12 -7.75 31.41
C ASP A 220 12.98 -7.62 32.42
N LEU A 221 12.15 -8.65 32.53
CA LEU A 221 10.98 -8.66 33.41
C LEU A 221 11.31 -8.73 34.89
N GLU A 222 12.55 -9.13 35.21
CA GLU A 222 13.01 -9.25 36.59
C GLU A 222 12.78 -7.95 37.37
N ARG A 223 12.89 -6.81 36.67
CA ARG A 223 12.69 -5.50 37.25
C ARG A 223 11.29 -5.28 37.82
N TYR A 224 10.29 -6.01 37.28
CA TYR A 224 8.90 -5.86 37.69
C TYR A 224 8.33 -7.03 38.51
N VAL A 225 8.83 -8.24 38.26
CA VAL A 225 8.38 -9.43 38.95
C VAL A 225 9.50 -10.46 39.05
N GLN A 226 9.72 -10.97 40.27
CA GLN A 226 10.84 -11.82 40.58
C GLN A 226 10.57 -13.27 40.24
N ASP A 227 9.38 -13.75 40.61
CA ASP A 227 9.00 -15.15 40.45
C ASP A 227 9.28 -15.64 39.02
N ALA A 228 10.13 -16.66 38.90
CA ALA A 228 10.52 -17.24 37.62
C ALA A 228 9.35 -17.91 36.89
N ASP A 229 8.46 -18.54 37.65
CA ASP A 229 7.26 -19.19 37.10
C ASP A 229 6.31 -18.17 36.49
N VAL A 230 6.08 -17.06 37.21
CA VAL A 230 5.24 -15.97 36.72
C VAL A 230 5.83 -15.39 35.44
N ARG A 231 7.14 -15.11 35.46
CA ARG A 231 7.85 -14.57 34.30
C ARG A 231 7.81 -15.50 33.08
N TRP A 232 7.95 -16.81 33.32
CA TRP A 232 7.87 -17.82 32.27
C TRP A 232 6.53 -17.76 31.55
N GLU A 233 5.44 -17.65 32.31
CA GLU A 233 4.10 -17.50 31.77
C GLU A 233 4.01 -16.30 30.83
N TYR A 234 4.41 -15.12 31.31
CA TYR A 234 4.34 -13.86 30.54
C TYR A 234 5.18 -13.92 29.25
N CYS A 235 6.35 -14.56 29.33
CA CYS A 235 7.25 -14.71 28.19
C CYS A 235 6.66 -15.60 27.09
N VAL A 236 6.10 -16.74 27.49
CA VAL A 236 5.47 -17.68 26.56
C VAL A 236 4.26 -17.06 25.88
N ARG A 237 3.40 -16.40 26.66
CA ARG A 237 2.26 -15.68 26.14
C ARG A 237 2.65 -14.65 25.08
N ALA A 238 3.74 -13.94 25.32
CA ALA A 238 4.26 -12.90 24.43
C ALA A 238 4.90 -13.48 23.17
N LYS A 239 5.43 -14.71 23.28
CA LYS A 239 6.11 -15.39 22.17
C LYS A 239 5.37 -16.65 21.64
N ARG A 240 4.06 -16.71 21.87
CA ARG A 240 3.20 -17.76 21.32
C ARG A 240 3.36 -17.81 19.81
N GLY A 241 3.73 -18.99 19.30
CA GLY A 241 3.88 -19.22 17.87
C GLY A 241 5.32 -19.17 17.41
N GLN A 242 6.17 -18.44 18.14
CA GLN A 242 7.60 -18.39 17.85
C GLN A 242 8.18 -19.78 18.08
N THR A 243 8.89 -20.29 17.07
CA THR A 243 9.57 -21.59 17.19
C THR A 243 10.94 -21.39 17.84
N ASP A 244 11.82 -20.69 17.14
CA ASP A 244 13.15 -20.33 17.63
C ASP A 244 13.10 -18.99 18.35
N THR A 245 12.92 -19.03 19.67
CA THR A 245 12.75 -17.83 20.50
C THR A 245 14.05 -17.04 20.75
N SER A 246 15.17 -17.52 20.21
CA SER A 246 16.44 -16.81 20.23
C SER A 246 16.39 -15.52 19.40
N LEU A 247 15.47 -15.48 18.43
CA LEU A 247 15.26 -14.32 17.58
C LEU A 247 14.21 -13.39 18.19
N PRO A 248 14.22 -12.09 17.84
CA PRO A 248 13.12 -11.19 18.25
C PRO A 248 11.82 -11.62 17.61
N GLY A 249 10.69 -11.22 18.21
CA GLY A 249 9.37 -11.53 17.68
C GLY A 249 8.35 -11.77 18.78
N CYS A 250 7.08 -11.54 18.44
CA CYS A 250 6.00 -11.59 19.41
C CYS A 250 4.68 -12.04 18.78
N PHE A 251 3.77 -12.47 19.65
CA PHE A 251 2.36 -12.61 19.35
C PHE A 251 1.71 -11.46 20.11
N SER A 252 1.24 -10.45 19.38
CA SER A 252 0.81 -9.18 19.95
C SER A 252 -0.62 -9.15 20.51
N LYS A 253 -1.33 -10.28 20.42
CA LYS A 253 -2.73 -10.41 20.83
C LYS A 253 -3.05 -9.83 22.21
N ASP A 254 -2.21 -10.13 23.20
CA ASP A 254 -2.46 -9.75 24.59
C ASP A 254 -2.33 -8.24 24.88
N GLN A 255 -1.89 -7.47 23.88
CA GLN A 255 -1.91 -6.01 23.97
C GLN A 255 -3.34 -5.45 23.93
N VAL A 256 -4.28 -6.29 23.50
CA VAL A 256 -5.68 -5.93 23.35
C VAL A 256 -6.30 -5.42 24.65
N TYR A 257 -5.88 -5.99 25.79
CA TYR A 257 -6.46 -5.67 27.10
C TYR A 257 -6.30 -4.19 27.44
N LEU A 258 -5.05 -3.71 27.49
CA LEU A 258 -4.77 -2.32 27.80
C LEU A 258 -5.32 -1.39 26.72
N ASP A 259 -5.15 -1.81 25.46
CA ASP A 259 -5.66 -1.08 24.29
C ASP A 259 -7.16 -0.81 24.43
N GLY A 260 -7.91 -1.85 24.78
CA GLY A 260 -9.34 -1.74 25.01
C GLY A 260 -9.71 -0.88 26.22
N ILE A 261 -9.00 -1.09 27.33
CA ILE A 261 -9.22 -0.33 28.56
C ILE A 261 -9.15 1.17 28.31
N VAL A 262 -8.04 1.62 27.69
CA VAL A 262 -7.79 3.03 27.44
C VAL A 262 -8.90 3.65 26.60
N ARG A 263 -9.25 2.96 25.51
CA ARG A 263 -10.26 3.41 24.56
C ARG A 263 -11.64 3.54 25.18
N ILE A 264 -12.06 2.51 25.94
CA ILE A 264 -13.36 2.50 26.60
C ILE A 264 -13.45 3.58 27.67
N LEU A 265 -12.39 3.74 28.46
CA LEU A 265 -12.34 4.75 29.51
C LEU A 265 -12.38 6.16 28.92
N ARG A 266 -11.60 6.36 27.85
CA ARG A 266 -11.58 7.62 27.10
C ARG A 266 -12.98 8.05 26.63
N HIS A 267 -13.77 7.07 26.15
CA HIS A 267 -15.08 7.33 25.56
C HIS A 267 -16.26 6.90 26.43
N ARG A 268 -16.00 6.65 27.72
CA ARG A 268 -17.01 6.12 28.65
C ARG A 268 -18.26 6.99 28.72
N GLN A 269 -18.08 8.32 28.60
CA GLN A 269 -19.15 9.29 28.73
C GLN A 269 -20.20 9.21 27.61
N THR A 270 -19.79 8.72 26.44
CA THR A 270 -20.66 8.58 25.26
C THR A 270 -21.11 7.14 24.99
N ILE A 271 -20.54 6.16 25.72
CA ILE A 271 -20.90 4.75 25.61
C ILE A 271 -22.08 4.41 26.52
N ASP A 272 -23.05 3.67 25.95
CA ASP A 272 -24.17 3.08 26.67
C ASP A 272 -23.77 1.64 26.94
N PHE A 273 -23.34 1.39 28.19
CA PHE A 273 -22.73 0.10 28.57
C PHE A 273 -23.71 -1.08 28.58
N PRO A 274 -24.95 -0.91 29.09
CA PRO A 274 -25.99 -1.93 28.93
C PRO A 274 -26.25 -2.30 27.47
N LEU A 275 -26.47 -1.27 26.63
CA LEU A 275 -26.70 -1.44 25.20
C LEU A 275 -25.51 -2.12 24.51
N LEU A 276 -24.30 -1.70 24.88
CA LEU A 276 -23.06 -2.26 24.35
C LEU A 276 -22.95 -3.76 24.60
N THR A 277 -23.38 -4.19 25.80
CA THR A 277 -23.39 -5.60 26.17
C THR A 277 -24.55 -6.35 25.47
N SER A 278 -25.72 -5.69 25.40
CA SER A 278 -26.92 -6.27 24.78
C SER A 278 -26.77 -6.57 23.27
N LEU A 279 -25.97 -5.76 22.57
CA LEU A 279 -25.77 -5.90 21.13
C LEU A 279 -24.82 -7.05 20.73
N GLY A 280 -24.13 -7.63 21.73
CA GLY A 280 -23.28 -8.79 21.53
C GLY A 280 -21.83 -8.41 21.29
N LYS A 281 -21.13 -9.21 20.48
CA LYS A 281 -19.70 -9.07 20.21
C LYS A 281 -19.41 -7.90 19.26
N VAL A 282 -19.71 -6.67 19.71
CA VAL A 282 -19.60 -5.48 18.88
C VAL A 282 -18.65 -4.43 19.50
N SER A 283 -18.01 -3.65 18.62
CA SER A 283 -17.17 -2.52 19.00
C SER A 283 -18.04 -1.40 19.60
N TYR A 284 -17.45 -0.63 20.53
CA TYR A 284 -18.13 0.51 21.16
C TYR A 284 -18.46 1.57 20.11
N GLU A 285 -17.69 1.58 19.03
CA GLU A 285 -17.87 2.51 17.92
C GLU A 285 -19.08 2.16 17.03
N ASP A 286 -19.50 0.89 17.04
CA ASP A 286 -20.61 0.42 16.20
C ASP A 286 -22.00 0.54 16.85
N VAL A 287 -22.07 1.04 18.09
CA VAL A 287 -23.30 1.02 18.86
C VAL A 287 -24.44 1.80 18.19
N ASP A 288 -24.14 3.02 17.72
CA ASP A 288 -25.12 3.86 17.02
C ASP A 288 -25.53 3.26 15.66
N HIS A 289 -24.55 2.70 14.96
CA HIS A 289 -24.75 2.02 13.68
C HIS A 289 -25.71 0.83 13.81
N LEU A 290 -25.54 0.03 14.88
CA LEU A 290 -26.23 -1.24 15.06
C LEU A 290 -27.51 -1.17 15.90
N ARG A 291 -27.65 -0.11 16.69
CA ARG A 291 -28.82 0.08 17.57
C ARG A 291 -30.14 -0.14 16.83
N PRO A 292 -30.36 0.46 15.63
CA PRO A 292 -31.61 0.25 14.89
C PRO A 292 -31.90 -1.20 14.49
N HIS A 293 -30.85 -2.02 14.37
CA HIS A 293 -30.97 -3.40 13.88
C HIS A 293 -30.81 -4.49 14.95
N GLY A 294 -30.59 -4.08 16.20
CA GLY A 294 -30.44 -5.01 17.30
C GLY A 294 -31.78 -5.49 17.82
N VAL A 295 -31.84 -6.77 18.20
CA VAL A 295 -33.02 -7.35 18.86
C VAL A 295 -32.72 -7.51 20.36
N LEU A 296 -33.39 -6.68 21.16
CA LEU A 296 -33.02 -6.45 22.55
C LEU A 296 -34.07 -6.91 23.57
N ASP A 297 -35.05 -7.70 23.13
CA ASP A 297 -36.15 -8.14 23.98
C ASP A 297 -35.63 -8.98 25.14
N ASN A 298 -34.94 -10.06 24.81
CA ASN A 298 -34.44 -11.04 25.79
C ASN A 298 -32.92 -11.13 25.81
N THR A 299 -32.26 -9.96 25.78
CA THR A 299 -30.81 -9.86 25.93
C THR A 299 -30.51 -9.62 27.40
N ARG A 300 -29.42 -10.21 27.90
CA ARG A 300 -29.02 -10.10 29.30
C ARG A 300 -27.88 -9.12 29.55
N VAL A 301 -28.09 -8.25 30.55
CA VAL A 301 -27.09 -7.31 31.04
C VAL A 301 -26.56 -7.85 32.37
N PRO A 302 -25.22 -7.82 32.61
CA PRO A 302 -24.67 -8.33 33.87
C PRO A 302 -25.22 -7.62 35.11
N HIS A 303 -25.25 -8.35 36.23
CA HIS A 303 -25.80 -7.89 37.51
C HIS A 303 -25.12 -6.61 38.00
N PHE A 304 -23.81 -6.51 37.76
CA PHE A 304 -23.00 -5.37 38.23
C PHE A 304 -23.23 -4.07 37.46
N MET A 305 -24.07 -4.15 36.41
CA MET A 305 -24.41 -3.01 35.57
C MET A 305 -25.81 -2.44 35.87
N GLN A 306 -26.57 -3.11 36.76
CA GLN A 306 -27.93 -2.73 37.12
C GLN A 306 -27.97 -1.38 37.84
N ASP A 307 -27.08 -1.22 38.83
CA ASP A 307 -26.82 0.07 39.45
C ASP A 307 -25.76 0.75 38.58
N LEU A 308 -26.24 1.50 37.58
CA LEU A 308 -25.40 2.07 36.53
C LEU A 308 -24.61 3.28 37.05
N ALA A 309 -25.23 4.07 37.92
CA ALA A 309 -24.58 5.18 38.61
C ALA A 309 -23.33 4.71 39.32
N ARG A 310 -23.45 3.60 40.06
CA ARG A 310 -22.33 3.00 40.79
C ARG A 310 -21.27 2.43 39.85
N TYR A 311 -21.72 1.82 38.75
CA TYR A 311 -20.84 1.26 37.73
C TYR A 311 -19.88 2.33 37.20
N ARG A 312 -20.42 3.53 36.93
CA ARG A 312 -19.65 4.65 36.38
C ARG A 312 -18.66 5.20 37.41
N GLN A 313 -19.09 5.25 38.67
CA GLN A 313 -18.21 5.63 39.79
C GLN A 313 -17.00 4.71 39.87
N GLN A 314 -17.25 3.40 39.71
CA GLN A 314 -16.19 2.40 39.70
C GLN A 314 -15.17 2.65 38.58
N LEU A 315 -15.66 3.02 37.39
CA LEU A 315 -14.81 3.33 36.24
C LEU A 315 -13.90 4.53 36.54
N GLU A 316 -14.46 5.56 37.19
CA GLU A 316 -13.71 6.73 37.65
C GLU A 316 -12.63 6.31 38.65
N HIS A 317 -13.00 5.44 39.59
CA HIS A 317 -12.08 4.91 40.60
C HIS A 317 -10.94 4.12 39.95
N ILE A 318 -11.27 3.39 38.88
CA ILE A 318 -10.28 2.61 38.13
C ILE A 318 -9.26 3.50 37.41
N MET A 319 -9.74 4.61 36.83
CA MET A 319 -8.88 5.58 36.17
C MET A 319 -7.93 6.20 37.18
N ALA A 320 -8.50 6.80 38.24
CA ALA A 320 -7.72 7.42 39.31
C ALA A 320 -6.60 6.49 39.74
N THR A 321 -6.98 5.28 40.16
CA THR A 321 -6.04 4.29 40.66
C THR A 321 -4.89 4.02 39.69
N ASN A 322 -5.20 3.93 38.40
CA ASN A 322 -4.22 3.55 37.37
C ASN A 322 -3.50 4.70 36.67
N ARG A 323 -3.65 5.91 37.21
CA ARG A 323 -3.02 7.13 36.67
C ARG A 323 -3.42 7.37 35.22
N LEU A 324 -4.73 7.21 34.95
CA LEU A 324 -5.33 7.44 33.64
C LEU A 324 -6.43 8.48 33.78
N ASP A 325 -6.06 9.69 34.21
CA ASP A 325 -6.99 10.80 34.38
C ASP A 325 -7.49 11.32 33.04
N GLU A 326 -8.66 11.99 33.08
CA GLU A 326 -9.37 12.52 31.91
C GLU A 326 -8.45 13.26 30.93
N ALA A 327 -7.67 14.22 31.46
CA ALA A 327 -6.78 15.06 30.67
C ALA A 327 -5.78 14.23 29.86
N GLU A 328 -5.23 13.18 30.48
CA GLU A 328 -4.26 12.30 29.84
C GLU A 328 -4.89 11.47 28.73
N LEU A 329 -6.09 10.93 28.99
CA LEU A 329 -6.86 10.21 27.97
C LEU A 329 -7.22 11.15 26.80
N GLY A 330 -7.56 12.40 27.13
CA GLY A 330 -7.84 13.44 26.15
C GLY A 330 -6.70 13.68 25.18
N ARG A 331 -5.47 13.80 25.69
CA ARG A 331 -4.27 13.98 24.87
C ARG A 331 -3.90 12.71 24.11
N LEU A 332 -4.11 11.55 24.74
CA LEU A 332 -3.84 10.24 24.13
C LEU A 332 -4.64 10.02 22.87
N LEU A 333 -5.95 10.31 22.95
CA LEU A 333 -6.90 10.13 21.86
C LEU A 333 -7.73 11.41 21.69
N PRO A 334 -7.23 12.42 20.94
CA PRO A 334 -8.00 13.64 20.70
C PRO A 334 -9.17 13.44 19.73
N ASP A 335 -10.04 12.46 20.05
CA ASP A 335 -11.21 12.13 19.23
C ASP A 335 -12.36 13.10 19.55
N VAL B 5 -29.69 -11.47 -2.57
CA VAL B 5 -28.56 -10.62 -2.08
C VAL B 5 -29.06 -9.20 -1.77
N ALA B 6 -28.39 -8.53 -0.83
CA ALA B 6 -28.72 -7.17 -0.40
C ALA B 6 -28.51 -6.10 -1.45
N LEU B 7 -27.84 -6.43 -2.54
CA LEU B 7 -27.38 -5.46 -3.56
C LEU B 7 -28.24 -5.43 -4.82
N ARG B 8 -29.38 -6.13 -4.79
CA ARG B 8 -30.40 -6.03 -5.83
C ARG B 8 -31.23 -4.79 -5.48
N PRO B 9 -31.18 -3.70 -6.30
CA PRO B 9 -31.89 -2.48 -5.95
C PRO B 9 -33.37 -2.71 -5.70
N THR B 10 -33.91 -2.07 -4.66
CA THR B 10 -35.31 -2.20 -4.30
C THR B 10 -36.25 -1.49 -5.29
N ASN B 11 -35.67 -0.57 -6.08
CA ASN B 11 -36.41 0.18 -7.10
C ASN B 11 -35.93 -0.08 -8.53
N MET B 12 -35.44 -1.30 -8.78
CA MET B 12 -34.81 -1.65 -10.05
C MET B 12 -35.76 -1.50 -11.25
N ASP B 13 -37.02 -1.92 -11.06
CA ASP B 13 -38.05 -1.86 -12.09
C ASP B 13 -38.42 -0.43 -12.48
N ARG B 14 -38.70 0.41 -11.46
CA ARG B 14 -39.06 1.81 -11.68
C ARG B 14 -37.94 2.59 -12.36
N GLU B 15 -36.69 2.22 -12.08
CA GLU B 15 -35.53 2.86 -12.69
C GLU B 15 -35.24 2.32 -14.09
N ARG B 16 -35.61 1.05 -14.34
CA ARG B 16 -35.49 0.43 -15.66
C ARG B 16 -36.44 1.08 -16.66
N ASP B 17 -37.72 1.19 -16.28
CA ASP B 17 -38.73 1.86 -17.09
C ASP B 17 -38.31 3.30 -17.40
N LYS B 18 -37.82 4.01 -16.38
CA LYS B 18 -37.26 5.36 -16.53
C LYS B 18 -36.15 5.40 -17.58
N PHE B 19 -35.20 4.46 -17.45
CA PHE B 19 -34.04 4.37 -18.35
C PHE B 19 -34.44 4.12 -19.80
N PHE B 20 -35.28 3.10 -20.00
CA PHE B 20 -35.78 2.71 -21.32
C PHE B 20 -36.60 3.84 -21.95
N GLN B 21 -37.55 4.39 -21.18
CA GLN B 21 -38.46 5.44 -21.63
C GLN B 21 -37.76 6.77 -22.00
N SER B 22 -36.55 6.98 -21.45
CA SER B 22 -35.72 8.14 -21.78
C SER B 22 -34.78 7.87 -22.96
N HIS B 23 -34.94 6.70 -23.58
CA HIS B 23 -34.08 6.21 -24.66
C HIS B 23 -32.62 6.14 -24.21
N TYR B 24 -32.42 5.54 -23.02
CA TYR B 24 -31.09 5.18 -22.49
C TYR B 24 -30.19 6.36 -22.10
N THR B 25 -30.78 7.55 -21.89
CA THR B 25 -30.04 8.76 -21.53
C THR B 25 -30.04 9.03 -20.01
N TYR B 26 -31.08 8.53 -19.33
CA TYR B 26 -31.25 8.68 -17.88
C TYR B 26 -30.20 7.83 -17.14
N ASN B 27 -29.73 8.35 -16.00
CA ASN B 27 -28.84 7.63 -15.10
C ASN B 27 -29.66 7.10 -13.92
N PRO B 28 -29.83 5.76 -13.79
CA PRO B 28 -30.56 5.18 -12.66
C PRO B 28 -30.08 5.67 -11.29
N GLN B 29 -31.03 6.09 -10.45
CA GLN B 29 -30.79 6.42 -9.05
C GLN B 29 -31.36 5.29 -8.19
N PHE B 30 -30.52 4.26 -7.99
CA PHE B 30 -30.91 3.06 -7.25
C PHE B 30 -30.97 3.29 -5.75
N GLU B 31 -31.84 2.52 -5.08
CA GLU B 31 -31.97 2.51 -3.63
C GLU B 31 -31.98 1.04 -3.19
N TYR B 32 -31.56 0.81 -1.95
CA TYR B 32 -31.32 -0.53 -1.41
C TYR B 32 -31.93 -0.68 -0.01
N GLN B 33 -32.11 -1.94 0.40
CA GLN B 33 -32.58 -2.25 1.75
C GLN B 33 -31.48 -1.94 2.75
N GLU B 34 -31.78 -1.06 3.71
CA GLU B 34 -30.80 -0.60 4.70
C GLU B 34 -30.51 -1.67 5.75
N PRO B 35 -29.26 -1.77 6.25
CA PRO B 35 -28.15 -0.94 5.79
C PRO B 35 -27.48 -1.58 4.58
N MET B 36 -26.72 -0.79 3.83
CA MET B 36 -25.91 -1.31 2.74
C MET B 36 -24.70 -2.02 3.33
N PRO B 37 -24.26 -3.16 2.76
CA PRO B 37 -23.11 -3.90 3.29
C PRO B 37 -21.78 -3.20 2.97
N THR B 38 -21.52 -2.12 3.72
CA THR B 38 -20.38 -1.22 3.50
C THR B 38 -19.06 -1.94 3.32
N ALA B 39 -18.79 -2.92 4.19
CA ALA B 39 -17.54 -3.69 4.17
C ALA B 39 -17.33 -4.41 2.83
N VAL B 40 -18.41 -5.02 2.31
CA VAL B 40 -18.35 -5.80 1.07
C VAL B 40 -18.27 -4.89 -0.16
N LEU B 41 -18.97 -3.76 -0.12
CA LEU B 41 -18.89 -2.72 -1.14
C LEU B 41 -17.46 -2.21 -1.29
N GLU B 42 -16.82 -1.88 -0.15
CA GLU B 42 -15.45 -1.40 -0.11
C GLU B 42 -14.45 -2.44 -0.59
N LYS B 43 -14.69 -3.72 -0.26
CA LYS B 43 -13.83 -4.81 -0.69
C LYS B 43 -13.80 -4.99 -2.20
N TYR B 44 -14.93 -4.70 -2.86
CA TYR B 44 -15.09 -4.87 -4.30
C TYR B 44 -15.37 -3.53 -5.01
N CYS B 45 -14.75 -2.46 -4.52
CA CYS B 45 -14.96 -1.11 -5.07
C CYS B 45 -14.04 -0.77 -6.23
N GLU B 46 -12.94 -1.55 -6.37
CA GLU B 46 -11.95 -1.36 -7.43
C GLU B 46 -11.96 -2.54 -8.39
N ALA B 47 -11.99 -2.22 -9.69
CA ALA B 47 -11.94 -3.21 -10.76
C ALA B 47 -10.50 -3.52 -11.13
N SER B 48 -10.25 -4.75 -11.57
CA SER B 48 -8.96 -5.19 -12.06
C SER B 48 -8.96 -5.20 -13.58
N GLY B 49 -7.76 -5.06 -14.17
CA GLY B 49 -7.56 -5.15 -15.60
C GLY B 49 -6.54 -6.23 -15.97
N GLN B 50 -6.26 -7.13 -15.03
CA GLN B 50 -5.23 -8.15 -15.21
C GLN B 50 -5.53 -9.04 -16.41
N PHE B 51 -6.81 -9.40 -16.58
CA PHE B 51 -7.24 -10.31 -17.64
C PHE B 51 -8.21 -9.66 -18.65
N ILE B 52 -8.19 -8.33 -18.75
CA ILE B 52 -9.09 -7.58 -19.61
C ILE B 52 -8.97 -7.96 -21.08
N HIS B 53 -7.74 -8.23 -21.55
CA HIS B 53 -7.54 -8.60 -22.95
C HIS B 53 -7.82 -10.08 -23.21
N GLN B 54 -7.91 -10.89 -22.16
CA GLN B 54 -8.40 -12.26 -22.28
C GLN B 54 -9.92 -12.22 -22.46
N ALA B 55 -10.58 -11.39 -21.65
CA ALA B 55 -12.03 -11.16 -21.72
C ALA B 55 -12.44 -10.74 -23.13
N VAL B 56 -11.80 -9.68 -23.61
CA VAL B 56 -12.05 -9.13 -24.94
C VAL B 56 -11.70 -10.18 -26.01
N GLY B 57 -10.63 -10.95 -25.77
CA GLY B 57 -10.25 -12.06 -26.64
C GLY B 57 -11.36 -13.09 -26.82
N ILE B 58 -12.03 -13.44 -25.71
CA ILE B 58 -13.12 -14.41 -25.72
C ILE B 58 -14.36 -13.85 -26.43
N ILE B 59 -14.71 -12.60 -26.09
CA ILE B 59 -15.85 -11.90 -26.67
C ILE B 59 -15.72 -11.80 -28.19
N GLU B 60 -14.55 -11.35 -28.66
CA GLU B 60 -14.27 -11.22 -30.10
C GLU B 60 -14.26 -12.57 -30.81
N ALA B 61 -13.74 -13.60 -30.14
CA ALA B 61 -13.72 -14.96 -30.68
C ALA B 61 -15.14 -15.47 -30.97
N VAL B 62 -16.07 -15.13 -30.06
CA VAL B 62 -17.48 -15.48 -30.21
C VAL B 62 -18.08 -14.75 -31.41
N LEU B 63 -17.92 -13.42 -31.44
CA LEU B 63 -18.48 -12.59 -32.50
C LEU B 63 -17.89 -12.87 -33.89
N GLU B 64 -16.64 -13.36 -33.92
CA GLU B 64 -15.99 -13.78 -35.15
C GLU B 64 -16.63 -15.05 -35.72
N LYS B 65 -16.98 -15.98 -34.83
CA LYS B 65 -17.55 -17.27 -35.22
C LYS B 65 -19.07 -17.23 -35.43
N PHE B 66 -19.76 -16.41 -34.63
CA PHE B 66 -21.22 -16.37 -34.61
C PHE B 66 -21.83 -15.05 -35.06
N GLY B 67 -20.98 -14.05 -35.35
CA GLY B 67 -21.43 -12.77 -35.86
C GLY B 67 -21.98 -11.86 -34.79
N THR B 68 -23.08 -12.31 -34.15
CA THR B 68 -23.72 -11.60 -33.05
C THR B 68 -23.89 -12.49 -31.84
N TYR B 69 -24.17 -11.87 -30.69
CA TYR B 69 -24.51 -12.61 -29.48
C TYR B 69 -25.84 -13.32 -29.67
N GLU B 70 -26.80 -12.61 -30.28
CA GLU B 70 -28.13 -13.14 -30.56
C GLU B 70 -28.06 -14.54 -31.18
N HIS B 71 -27.23 -14.70 -32.22
CA HIS B 71 -27.05 -15.99 -32.88
C HIS B 71 -26.27 -16.98 -32.02
N PHE B 72 -25.24 -16.49 -31.31
CA PHE B 72 -24.48 -17.32 -30.36
C PHE B 72 -25.40 -17.97 -29.35
N GLU B 73 -26.24 -17.14 -28.72
CA GLU B 73 -27.21 -17.57 -27.71
C GLU B 73 -28.10 -18.71 -28.22
N ALA B 74 -28.75 -18.48 -29.36
CA ALA B 74 -29.69 -19.43 -29.93
C ALA B 74 -29.02 -20.70 -30.48
N ALA B 75 -27.85 -20.53 -31.11
CA ALA B 75 -27.12 -21.65 -31.72
C ALA B 75 -26.51 -22.59 -30.68
N THR B 76 -25.91 -22.01 -29.63
CA THR B 76 -25.20 -22.78 -28.59
C THR B 76 -26.08 -23.10 -27.37
N GLY B 77 -27.01 -22.19 -27.05
CA GLY B 77 -27.84 -22.30 -25.87
C GLY B 77 -28.95 -23.34 -25.94
N GLY B 78 -29.48 -23.56 -27.15
CA GLY B 78 -30.58 -24.47 -27.35
C GLY B 78 -31.89 -23.72 -27.26
N GLN B 79 -33.00 -24.45 -27.28
CA GLN B 79 -34.33 -23.86 -27.22
C GLN B 79 -34.66 -23.27 -25.86
N LEU B 80 -35.50 -22.23 -25.87
CA LEU B 80 -36.11 -21.68 -24.66
C LEU B 80 -36.98 -22.78 -24.05
N LEU B 81 -36.92 -22.91 -22.72
CA LEU B 81 -37.58 -23.99 -22.00
C LEU B 81 -38.87 -23.54 -21.32
N THR B 82 -39.87 -24.42 -21.33
CA THR B 82 -41.06 -24.31 -20.50
C THR B 82 -40.73 -24.79 -19.10
N LYS B 83 -41.62 -24.50 -18.14
CA LYS B 83 -41.45 -24.94 -16.76
C LYS B 83 -41.27 -26.45 -16.69
N CYS B 84 -42.15 -27.17 -17.40
CA CYS B 84 -42.12 -28.63 -17.49
C CYS B 84 -40.77 -29.18 -17.91
N GLN B 85 -40.18 -28.56 -18.95
CA GLN B 85 -38.89 -28.96 -19.49
C GLN B 85 -37.75 -28.69 -18.52
N ILE B 86 -37.82 -27.56 -17.81
CA ILE B 86 -36.85 -27.20 -16.78
C ILE B 86 -36.83 -28.27 -15.67
N TRP B 87 -38.00 -28.57 -15.11
CA TRP B 87 -38.15 -29.58 -14.06
C TRP B 87 -37.61 -30.94 -14.51
N SER B 88 -37.91 -31.31 -15.77
CA SER B 88 -37.48 -32.57 -16.34
C SER B 88 -35.96 -32.69 -16.37
N ILE B 89 -35.30 -31.63 -16.87
CA ILE B 89 -33.84 -31.58 -16.97
C ILE B 89 -33.19 -31.60 -15.57
N VAL B 90 -33.80 -30.87 -14.63
CA VAL B 90 -33.31 -30.80 -13.26
C VAL B 90 -33.40 -32.16 -12.58
N ARG B 91 -34.57 -32.81 -12.69
CA ARG B 91 -34.80 -34.11 -12.09
C ARG B 91 -33.81 -35.15 -12.61
N LYS B 92 -33.58 -35.15 -13.93
CA LYS B 92 -32.60 -36.03 -14.55
C LYS B 92 -31.20 -35.80 -14.00
N TYR B 93 -30.87 -34.51 -13.79
CA TYR B 93 -29.55 -34.14 -13.27
C TYR B 93 -29.33 -34.62 -11.84
N MET B 94 -30.30 -34.32 -10.95
CA MET B 94 -30.21 -34.68 -9.54
C MET B 94 -29.98 -36.18 -9.35
N GLN B 95 -30.68 -36.99 -10.14
CA GLN B 95 -30.53 -38.45 -10.14
C GLN B 95 -29.16 -38.87 -10.63
N LYS B 96 -28.68 -38.21 -11.68
CA LYS B 96 -27.35 -38.44 -12.26
C LYS B 96 -26.24 -38.16 -11.24
N GLU B 97 -26.48 -37.15 -10.38
CA GLU B 97 -25.52 -36.69 -9.38
C GLU B 97 -25.66 -37.44 -8.04
N GLY B 98 -26.74 -38.21 -7.89
CA GLY B 98 -27.03 -38.96 -6.69
C GLY B 98 -27.49 -38.11 -5.51
N CYS B 99 -27.92 -36.87 -5.80
CA CYS B 99 -28.40 -35.94 -4.79
C CYS B 99 -29.89 -35.63 -4.98
N ALA B 100 -30.65 -36.62 -5.45
CA ALA B 100 -32.08 -36.52 -5.61
C ALA B 100 -32.74 -36.32 -4.24
N GLY B 101 -33.61 -35.32 -4.15
CA GLY B 101 -34.41 -35.06 -2.97
C GLY B 101 -33.74 -34.24 -1.88
N GLU B 102 -32.52 -33.74 -2.14
CA GLU B 102 -31.74 -32.97 -1.18
C GLU B 102 -31.97 -31.47 -1.29
N VAL B 103 -32.24 -31.00 -2.51
CA VAL B 103 -32.37 -29.59 -2.82
C VAL B 103 -33.77 -29.26 -3.30
N VAL B 104 -34.36 -28.20 -2.73
CA VAL B 104 -35.60 -27.62 -3.21
C VAL B 104 -35.31 -26.82 -4.46
N VAL B 105 -36.17 -26.96 -5.46
CA VAL B 105 -36.07 -26.22 -6.72
C VAL B 105 -37.23 -25.23 -6.81
N GLN B 106 -36.89 -23.97 -7.13
CA GLN B 106 -37.87 -22.91 -7.33
C GLN B 106 -37.66 -22.20 -8.65
N LEU B 107 -38.76 -21.70 -9.23
CA LEU B 107 -38.74 -20.98 -10.50
C LEU B 107 -39.14 -19.52 -10.25
N SER B 108 -38.32 -18.58 -10.75
CA SER B 108 -38.49 -17.15 -10.53
C SER B 108 -38.17 -16.35 -11.80
N GLU B 109 -38.73 -15.13 -11.88
CA GLU B 109 -38.54 -14.21 -13.01
C GLU B 109 -37.57 -13.07 -12.67
N ASP B 110 -37.33 -12.86 -11.37
CA ASP B 110 -36.62 -11.71 -10.82
C ASP B 110 -35.20 -12.04 -10.35
N LEU B 111 -34.44 -12.76 -11.19
CA LEU B 111 -33.04 -13.08 -10.91
C LEU B 111 -32.12 -12.36 -11.90
N LEU B 112 -31.04 -11.77 -11.39
CA LEU B 112 -30.03 -11.11 -12.21
C LEU B 112 -29.09 -12.10 -12.89
N SER B 113 -29.21 -13.39 -12.53
CA SER B 113 -28.46 -14.49 -13.16
C SER B 113 -29.40 -15.63 -13.55
N GLN B 114 -28.84 -16.66 -14.17
CA GLN B 114 -29.59 -17.85 -14.58
C GLN B 114 -30.18 -18.56 -13.38
N ALA B 115 -29.36 -18.71 -12.33
CA ALA B 115 -29.76 -19.39 -11.10
C ALA B 115 -28.87 -19.01 -9.92
N VAL B 116 -29.44 -19.09 -8.71
CA VAL B 116 -28.73 -18.82 -7.46
C VAL B 116 -29.06 -19.90 -6.43
N MET B 117 -28.00 -20.52 -5.88
CA MET B 117 -28.09 -21.48 -4.80
C MET B 117 -28.20 -20.69 -3.49
N MET B 118 -29.17 -21.04 -2.64
CA MET B 118 -29.44 -20.33 -1.38
C MET B 118 -29.50 -21.30 -0.21
N VAL B 119 -29.76 -20.75 0.98
CA VAL B 119 -30.01 -21.52 2.20
C VAL B 119 -31.24 -20.96 2.92
N GLU B 120 -32.43 -21.28 2.38
CA GLU B 120 -33.73 -20.93 2.97
C GLU B 120 -34.17 -22.00 3.95
N ASN B 121 -34.65 -21.58 5.12
CA ASN B 121 -35.06 -22.47 6.21
C ASN B 121 -33.94 -23.43 6.64
N SER B 122 -32.70 -22.90 6.66
CA SER B 122 -31.48 -23.66 6.96
C SER B 122 -31.28 -24.88 6.04
N ARG B 123 -31.80 -24.78 4.81
CA ARG B 123 -31.79 -25.89 3.84
C ARG B 123 -31.54 -25.38 2.43
N PRO B 124 -30.80 -26.15 1.59
CA PRO B 124 -30.45 -25.69 0.25
C PRO B 124 -31.67 -25.47 -0.64
N THR B 125 -31.66 -24.35 -1.38
CA THR B 125 -32.72 -23.99 -2.32
C THR B 125 -32.08 -23.47 -3.61
N LEU B 126 -32.40 -24.12 -4.73
CA LEU B 126 -31.96 -23.71 -6.05
C LEU B 126 -33.08 -22.95 -6.75
N ALA B 127 -32.87 -21.63 -6.92
CA ALA B 127 -33.79 -20.76 -7.63
C ALA B 127 -33.31 -20.61 -9.06
N ILE B 128 -34.15 -21.00 -10.03
CA ILE B 128 -33.84 -20.97 -11.45
C ILE B 128 -34.67 -19.87 -12.11
N ASN B 129 -34.00 -19.04 -12.93
CA ASN B 129 -34.65 -17.98 -13.68
C ASN B 129 -35.35 -18.61 -14.89
N LEU B 130 -36.68 -18.58 -14.89
CA LEU B 130 -37.48 -19.11 -15.98
C LEU B 130 -37.42 -18.21 -17.20
N THR B 131 -37.18 -16.90 -16.99
CA THR B 131 -37.04 -15.93 -18.07
C THR B 131 -35.72 -16.15 -18.81
N GLY B 132 -35.82 -16.68 -20.04
CA GLY B 132 -34.67 -16.94 -20.90
C GLY B 132 -33.91 -18.23 -20.65
N ALA B 133 -34.52 -19.16 -19.91
CA ALA B 133 -33.94 -20.48 -19.67
C ALA B 133 -33.81 -21.26 -20.97
N ARG B 134 -32.63 -21.85 -21.21
CA ARG B 134 -32.33 -22.58 -22.45
C ARG B 134 -31.75 -23.95 -22.17
N GLN B 135 -31.99 -24.90 -23.09
CA GLN B 135 -31.68 -26.31 -22.87
C GLN B 135 -30.24 -26.61 -22.43
N TYR B 136 -29.27 -26.26 -23.28
CA TYR B 136 -27.87 -26.60 -23.04
C TYR B 136 -27.21 -25.71 -22.00
N TRP B 137 -27.81 -24.53 -21.77
CA TRP B 137 -27.33 -23.57 -20.77
C TRP B 137 -27.80 -23.89 -19.35
N LEU B 138 -29.03 -24.42 -19.24
CA LEU B 138 -29.55 -24.96 -17.99
C LEU B 138 -28.74 -26.15 -17.50
N GLU B 139 -28.39 -27.09 -18.38
CA GLU B 139 -27.59 -28.25 -18.00
C GLU B 139 -26.25 -27.81 -17.38
N GLY B 140 -25.65 -26.78 -17.99
CA GLY B 140 -24.43 -26.17 -17.49
C GLY B 140 -24.59 -25.52 -16.13
N MET B 141 -25.70 -24.77 -15.97
CA MET B 141 -26.06 -24.14 -14.70
C MET B 141 -26.07 -25.15 -13.55
N LEU B 142 -26.67 -26.32 -13.81
CA LEU B 142 -26.75 -27.40 -12.82
C LEU B 142 -25.37 -27.95 -12.47
N ARG B 143 -24.48 -28.03 -13.46
CA ARG B 143 -23.10 -28.46 -13.23
C ARG B 143 -22.33 -27.42 -12.39
N HIS B 144 -22.70 -26.15 -12.56
CA HIS B 144 -22.15 -25.02 -11.81
C HIS B 144 -22.68 -25.03 -10.37
N GLU B 145 -24.01 -24.90 -10.23
CA GLU B 145 -24.65 -24.68 -8.93
C GLU B 145 -24.72 -25.92 -8.05
N ILE B 146 -24.95 -27.09 -8.67
CA ILE B 146 -25.08 -28.35 -7.95
C ILE B 146 -23.78 -29.16 -8.02
N GLY B 147 -23.27 -29.35 -9.24
CA GLY B 147 -22.05 -30.12 -9.46
C GLY B 147 -20.82 -29.57 -8.78
N THR B 148 -20.80 -28.24 -8.56
CA THR B 148 -19.67 -27.56 -7.94
C THR B 148 -20.04 -26.96 -6.57
N HIS B 149 -20.83 -25.88 -6.54
CA HIS B 149 -21.14 -25.16 -5.30
C HIS B 149 -21.73 -26.06 -4.22
N TYR B 150 -22.76 -26.84 -4.58
CA TYR B 150 -23.45 -27.69 -3.62
C TYR B 150 -22.57 -28.85 -3.10
N LEU B 151 -21.92 -29.56 -4.01
CA LEU B 151 -21.06 -30.69 -3.63
C LEU B 151 -19.86 -30.25 -2.79
N ARG B 152 -19.23 -29.14 -3.18
CA ARG B 152 -18.16 -28.53 -2.41
C ARG B 152 -18.66 -28.18 -1.01
N GLY B 153 -19.85 -27.57 -0.93
CA GLY B 153 -20.48 -27.19 0.32
C GLY B 153 -20.72 -28.34 1.28
N VAL B 154 -21.26 -29.44 0.76
CA VAL B 154 -21.54 -30.65 1.55
C VAL B 154 -20.24 -31.31 2.03
N ASN B 155 -19.24 -31.37 1.14
CA ASN B 155 -17.92 -31.90 1.47
C ASN B 155 -17.22 -31.05 2.53
N ASN B 156 -17.33 -29.73 2.39
CA ASN B 156 -16.76 -28.76 3.30
C ASN B 156 -17.32 -28.85 4.71
N ALA B 157 -18.61 -29.18 4.81
CA ALA B 157 -19.29 -29.29 6.10
C ALA B 157 -18.71 -30.44 6.95
N ARG B 158 -18.13 -31.43 6.26
CA ARG B 158 -17.50 -32.58 6.90
C ARG B 158 -16.03 -32.35 7.32
N GLN B 159 -15.46 -31.20 6.94
CA GLN B 159 -14.04 -30.91 7.17
C GLN B 159 -13.78 -30.07 8.43
N PRO B 160 -12.56 -30.14 9.01
CA PRO B 160 -12.20 -29.31 10.17
C PRO B 160 -12.35 -27.81 9.94
N TRP B 161 -12.25 -27.38 8.67
CA TRP B 161 -12.37 -25.97 8.28
C TRP B 161 -13.77 -25.64 7.76
N HIS B 162 -14.79 -26.25 8.38
CA HIS B 162 -16.18 -26.12 7.96
C HIS B 162 -16.80 -24.77 8.34
N ASN B 163 -16.16 -24.04 9.27
CA ASN B 163 -16.59 -22.69 9.65
C ASN B 163 -15.41 -21.73 9.69
N ALA B 164 -15.70 -20.45 9.97
CA ALA B 164 -14.71 -19.36 10.01
C ALA B 164 -13.48 -19.70 10.86
N GLU B 165 -13.71 -20.15 12.11
CA GLU B 165 -12.63 -20.55 13.02
C GLU B 165 -11.75 -21.62 12.41
N GLY B 166 -12.39 -22.65 11.82
CA GLY B 166 -11.70 -23.75 11.19
C GLY B 166 -10.80 -23.32 10.04
N ARG B 167 -11.26 -22.31 9.27
CA ARG B 167 -10.49 -21.73 8.19
C ARG B 167 -9.22 -21.06 8.72
N LEU B 168 -9.37 -20.24 9.78
CA LEU B 168 -8.27 -19.57 10.46
C LEU B 168 -7.27 -20.57 11.01
N ARG B 169 -7.78 -21.52 11.80
CA ARG B 169 -6.96 -22.52 12.46
C ARG B 169 -6.09 -23.32 11.49
N TYR B 170 -6.67 -23.70 10.34
CA TYR B 170 -5.97 -24.48 9.32
C TYR B 170 -5.30 -23.63 8.24
N GLY B 171 -5.44 -22.30 8.37
CA GLY B 171 -4.74 -21.34 7.55
C GLY B 171 -5.11 -21.41 6.08
N LEU B 172 -6.40 -21.26 5.80
CA LEU B 172 -6.93 -21.38 4.45
C LEU B 172 -6.94 -20.04 3.74
N ARG B 173 -6.50 -20.04 2.48
CA ARG B 173 -6.74 -18.94 1.56
C ARG B 173 -8.24 -18.91 1.25
N PRO B 174 -8.79 -17.76 0.81
CA PRO B 174 -10.21 -17.67 0.44
C PRO B 174 -10.62 -18.72 -0.60
N ALA B 175 -11.89 -19.14 -0.55
CA ALA B 175 -12.45 -20.13 -1.46
C ALA B 175 -12.43 -19.62 -2.90
N ASN B 176 -12.76 -18.34 -3.06
CA ASN B 176 -12.67 -17.65 -4.34
C ASN B 176 -11.25 -17.16 -4.55
N PRO B 177 -10.74 -17.08 -5.80
CA PRO B 177 -11.55 -17.32 -7.01
C PRO B 177 -11.67 -18.78 -7.47
N THR B 178 -11.08 -19.73 -6.74
CA THR B 178 -11.10 -21.14 -7.11
C THR B 178 -12.52 -21.68 -7.23
N GLU B 179 -13.42 -21.23 -6.34
CA GLU B 179 -14.80 -21.71 -6.28
C GLU B 179 -15.57 -21.41 -7.58
N GLU B 180 -15.66 -20.12 -7.93
CA GLU B 180 -16.42 -19.68 -9.09
C GLU B 180 -15.70 -19.93 -10.40
N GLY B 181 -14.37 -20.07 -10.34
CA GLY B 181 -13.56 -20.48 -11.47
C GLY B 181 -13.88 -21.92 -11.88
N LEU B 182 -13.91 -22.82 -10.90
CA LEU B 182 -14.25 -24.22 -11.08
C LEU B 182 -15.70 -24.37 -11.58
N ALA B 183 -16.60 -23.60 -10.97
CA ALA B 183 -18.02 -23.61 -11.31
C ALA B 183 -18.28 -23.16 -12.75
N SER B 184 -17.54 -22.13 -13.18
CA SER B 184 -17.66 -21.56 -14.54
C SER B 184 -17.11 -22.50 -15.62
N LEU B 185 -15.98 -23.15 -15.32
CA LEU B 185 -15.42 -24.17 -16.22
C LEU B 185 -16.39 -25.32 -16.37
N HIS B 186 -17.05 -25.70 -15.27
CA HIS B 186 -17.99 -26.82 -15.26
C HIS B 186 -19.29 -26.52 -16.01
N SER B 187 -19.68 -25.23 -16.08
CA SER B 187 -20.88 -24.83 -16.79
C SER B 187 -20.77 -25.09 -18.30
N VAL B 188 -19.56 -24.88 -18.85
CA VAL B 188 -19.30 -25.05 -20.28
C VAL B 188 -18.64 -26.39 -20.61
N LEU B 189 -18.63 -27.32 -19.66
CA LEU B 189 -17.87 -28.57 -19.76
C LEU B 189 -18.04 -29.40 -21.05
N PHE B 190 -19.27 -29.86 -21.34
CA PHE B 190 -19.53 -30.78 -22.45
C PHE B 190 -20.06 -30.14 -23.74
N ARG B 191 -19.95 -28.81 -23.83
CA ARG B 191 -20.43 -28.07 -24.99
C ARG B 191 -19.44 -28.22 -26.15
N LYS B 192 -19.96 -28.12 -27.38
CA LYS B 192 -19.16 -28.23 -28.58
C LYS B 192 -18.38 -26.95 -28.87
N GLN B 193 -18.96 -25.80 -28.50
CA GLN B 193 -18.31 -24.49 -28.58
C GLN B 193 -18.32 -23.82 -27.21
N PRO B 194 -17.46 -24.27 -26.26
CA PRO B 194 -17.53 -23.81 -24.86
C PRO B 194 -16.89 -22.45 -24.62
N PHE B 195 -17.40 -21.42 -25.29
CA PHE B 195 -16.93 -20.04 -25.10
C PHE B 195 -17.43 -19.54 -23.74
N LEU B 196 -16.54 -18.88 -23.00
CA LEU B 196 -16.83 -18.36 -21.67
C LEU B 196 -17.32 -16.91 -21.78
N TRP B 197 -18.40 -16.72 -22.54
CA TRP B 197 -18.95 -15.41 -22.85
C TRP B 197 -19.34 -14.65 -21.60
N ARG B 198 -20.18 -15.28 -20.76
CA ARG B 198 -20.71 -14.69 -19.52
C ARG B 198 -19.58 -14.16 -18.63
N ALA B 199 -18.59 -15.03 -18.36
CA ALA B 199 -17.43 -14.67 -17.55
C ALA B 199 -16.69 -13.45 -18.12
N ALA B 200 -16.40 -13.52 -19.42
CA ALA B 200 -15.63 -12.49 -20.14
C ALA B 200 -16.35 -11.14 -20.16
N LEU B 201 -17.66 -11.16 -20.44
CA LEU B 201 -18.44 -9.93 -20.55
C LEU B 201 -18.66 -9.27 -19.17
N LEU B 202 -18.84 -10.09 -18.13
CA LEU B 202 -18.92 -9.60 -16.75
C LEU B 202 -17.61 -8.89 -16.36
N TYR B 203 -16.48 -9.55 -16.66
CA TYR B 203 -15.15 -8.99 -16.40
C TYR B 203 -14.98 -7.65 -17.09
N TYR B 204 -15.29 -7.62 -18.39
CA TYR B 204 -15.21 -6.42 -19.23
C TYR B 204 -16.10 -5.29 -18.71
N THR B 205 -17.36 -5.60 -18.40
CA THR B 205 -18.36 -4.60 -18.02
C THR B 205 -17.97 -3.90 -16.71
N ILE B 206 -17.42 -4.66 -15.77
CA ILE B 206 -16.94 -4.12 -14.50
C ILE B 206 -15.76 -3.17 -14.72
N HIS B 207 -14.81 -3.58 -15.56
CA HIS B 207 -13.67 -2.76 -15.93
C HIS B 207 -14.09 -1.38 -16.43
N ARG B 208 -15.09 -1.35 -17.32
CA ARG B 208 -15.61 -0.11 -17.86
C ARG B 208 -16.47 0.66 -16.86
N ALA B 209 -17.25 -0.07 -16.05
CA ALA B 209 -18.13 0.50 -15.05
C ALA B 209 -17.39 1.41 -14.06
N ALA B 210 -16.15 0.99 -13.72
CA ALA B 210 -15.25 1.75 -12.86
C ALA B 210 -14.94 3.15 -13.40
N ARG B 211 -14.98 3.30 -14.72
CA ARG B 211 -14.67 4.54 -15.42
C ARG B 211 -15.91 5.32 -15.89
N MET B 212 -17.04 4.61 -16.03
CA MET B 212 -18.20 5.13 -16.74
C MET B 212 -19.45 5.30 -15.89
N SER B 213 -20.32 6.22 -16.32
CA SER B 213 -21.69 6.30 -15.85
C SER B 213 -22.48 5.13 -16.41
N PHE B 214 -23.72 4.94 -15.92
CA PHE B 214 -24.59 3.87 -16.37
C PHE B 214 -24.87 4.06 -17.87
N ARG B 215 -25.32 5.27 -18.22
CA ARG B 215 -25.57 5.68 -19.60
C ARG B 215 -24.41 5.29 -20.52
N GLN B 216 -23.20 5.70 -20.14
CA GLN B 216 -21.99 5.42 -20.91
C GLN B 216 -21.71 3.93 -21.01
N LEU B 217 -21.87 3.21 -19.89
CA LEU B 217 -21.63 1.77 -19.82
C LEU B 217 -22.61 1.01 -20.72
N PHE B 218 -23.89 1.40 -20.67
CA PHE B 218 -24.94 0.79 -21.47
C PHE B 218 -24.68 0.95 -22.96
N GLN B 219 -24.26 2.17 -23.35
CA GLN B 219 -23.89 2.47 -24.73
C GLN B 219 -22.67 1.67 -25.18
N ASP B 220 -21.65 1.63 -24.31
CA ASP B 220 -20.38 0.95 -24.59
C ASP B 220 -20.59 -0.53 -24.97
N LEU B 221 -21.53 -1.19 -24.28
CA LEU B 221 -21.81 -2.61 -24.48
C LEU B 221 -22.50 -2.93 -25.79
N GLU B 222 -23.08 -1.90 -26.44
CA GLU B 222 -23.78 -2.07 -27.70
C GLU B 222 -22.89 -2.74 -28.75
N ARG B 223 -21.58 -2.49 -28.68
CA ARG B 223 -20.60 -3.08 -29.57
C ARG B 223 -20.54 -4.61 -29.51
N TYR B 224 -20.94 -5.18 -28.37
CA TYR B 224 -20.87 -6.63 -28.14
C TYR B 224 -22.23 -7.33 -28.11
N VAL B 225 -23.27 -6.63 -27.67
CA VAL B 225 -24.61 -7.19 -27.56
C VAL B 225 -25.65 -6.09 -27.72
N GLN B 226 -26.63 -6.35 -28.59
CA GLN B 226 -27.61 -5.36 -29.00
C GLN B 226 -28.78 -5.29 -28.01
N ASP B 227 -29.27 -6.47 -27.62
CA ASP B 227 -30.42 -6.61 -26.72
C ASP B 227 -30.29 -5.70 -25.50
N ALA B 228 -31.26 -4.77 -25.36
CA ALA B 228 -31.28 -3.79 -24.27
C ALA B 228 -31.50 -4.46 -22.90
N ASP B 229 -32.33 -5.51 -22.88
CA ASP B 229 -32.60 -6.25 -21.65
C ASP B 229 -31.35 -6.97 -21.15
N VAL B 230 -30.61 -7.62 -22.07
CA VAL B 230 -29.35 -8.29 -21.74
C VAL B 230 -28.35 -7.27 -21.18
N ARG B 231 -28.20 -6.14 -21.89
CA ARG B 231 -27.30 -5.07 -21.48
C ARG B 231 -27.65 -4.49 -20.11
N TRP B 232 -28.94 -4.30 -19.85
CA TRP B 232 -29.43 -3.80 -18.56
C TRP B 232 -28.99 -4.70 -17.41
N GLU B 233 -29.12 -6.01 -17.60
CA GLU B 233 -28.68 -6.99 -16.62
C GLU B 233 -27.19 -6.82 -16.28
N TYR B 234 -26.35 -6.81 -17.31
CA TYR B 234 -24.90 -6.70 -17.15
C TYR B 234 -24.47 -5.39 -16.46
N CYS B 235 -25.17 -4.29 -16.79
CA CYS B 235 -24.90 -2.99 -16.21
C CYS B 235 -25.21 -2.93 -14.71
N VAL B 236 -26.39 -3.46 -14.33
CA VAL B 236 -26.82 -3.52 -12.94
C VAL B 236 -25.88 -4.39 -12.10
N ARG B 237 -25.53 -5.57 -12.62
CA ARG B 237 -24.58 -6.48 -11.96
C ARG B 237 -23.24 -5.79 -11.69
N ALA B 238 -22.78 -5.00 -12.66
CA ALA B 238 -21.50 -4.28 -12.56
C ALA B 238 -21.57 -3.09 -11.61
N LYS B 239 -22.77 -2.51 -11.45
CA LYS B 239 -22.98 -1.34 -10.59
C LYS B 239 -23.86 -1.60 -9.35
N ARG B 240 -23.91 -2.88 -8.92
CA ARG B 240 -24.56 -3.27 -7.68
C ARG B 240 -24.02 -2.47 -6.51
N GLY B 241 -24.91 -1.78 -5.81
CA GLY B 241 -24.55 -1.00 -4.63
C GLY B 241 -24.42 0.49 -4.91
N GLN B 242 -24.12 0.83 -6.17
CA GLN B 242 -24.06 2.23 -6.59
C GLN B 242 -25.45 2.82 -6.48
N THR B 243 -25.57 3.95 -5.78
CA THR B 243 -26.83 4.67 -5.65
C THR B 243 -27.02 5.59 -6.86
N ASP B 244 -26.15 6.60 -6.97
CA ASP B 244 -26.13 7.54 -8.09
C ASP B 244 -25.20 7.02 -9.18
N THR B 245 -25.76 6.29 -10.16
CA THR B 245 -24.99 5.64 -11.22
C THR B 245 -24.49 6.60 -12.31
N SER B 246 -24.80 7.90 -12.17
CA SER B 246 -24.24 8.94 -13.04
C SER B 246 -22.73 9.09 -12.86
N LEU B 247 -22.23 8.70 -11.69
CA LEU B 247 -20.80 8.74 -11.38
C LEU B 247 -20.13 7.42 -11.77
N PRO B 248 -18.80 7.41 -12.04
CA PRO B 248 -18.08 6.16 -12.23
C PRO B 248 -18.11 5.31 -10.95
N GLY B 249 -17.91 4.01 -11.09
CA GLY B 249 -17.89 3.09 -9.96
C GLY B 249 -18.48 1.74 -10.28
N CYS B 250 -18.03 0.71 -9.55
CA CYS B 250 -18.41 -0.67 -9.81
C CYS B 250 -18.45 -1.52 -8.55
N PHE B 251 -19.12 -2.67 -8.67
CA PHE B 251 -19.01 -3.77 -7.74
C PHE B 251 -18.23 -4.83 -8.51
N SER B 252 -16.97 -5.05 -8.12
CA SER B 252 -16.02 -5.85 -8.88
C SER B 252 -16.10 -7.36 -8.68
N LYS B 253 -17.03 -7.81 -7.84
CA LYS B 253 -17.20 -9.22 -7.48
C LYS B 253 -17.23 -10.19 -8.66
N ASP B 254 -17.98 -9.84 -9.71
CA ASP B 254 -18.20 -10.73 -10.86
C ASP B 254 -16.96 -10.94 -11.75
N GLN B 255 -15.88 -10.20 -11.47
CA GLN B 255 -14.59 -10.45 -12.13
C GLN B 255 -13.97 -11.78 -11.68
N VAL B 256 -14.49 -12.33 -10.58
CA VAL B 256 -14.00 -13.57 -9.99
C VAL B 256 -14.03 -14.76 -10.96
N TYR B 257 -15.05 -14.78 -11.83
CA TYR B 257 -15.29 -15.91 -12.75
C TYR B 257 -14.11 -16.11 -13.70
N LEU B 258 -13.79 -15.07 -14.47
CA LEU B 258 -12.67 -15.13 -15.42
C LEU B 258 -11.35 -15.29 -14.68
N ASP B 259 -11.20 -14.55 -13.57
CA ASP B 259 -10.02 -14.61 -12.72
C ASP B 259 -9.72 -16.05 -12.27
N GLY B 260 -10.77 -16.75 -11.80
CA GLY B 260 -10.67 -18.15 -11.41
C GLY B 260 -10.37 -19.10 -12.55
N ILE B 261 -11.07 -18.90 -13.68
CA ILE B 261 -10.89 -19.70 -14.89
C ILE B 261 -9.43 -19.73 -15.33
N VAL B 262 -8.85 -18.54 -15.49
CA VAL B 262 -7.48 -18.39 -15.99
C VAL B 262 -6.50 -19.12 -15.09
N ARG B 263 -6.64 -18.90 -13.77
CA ARG B 263 -5.75 -19.46 -12.77
C ARG B 263 -5.81 -21.00 -12.72
N ILE B 264 -7.03 -21.53 -12.72
CA ILE B 264 -7.24 -22.99 -12.69
C ILE B 264 -6.72 -23.66 -13.96
N LEU B 265 -6.98 -23.04 -15.11
CA LEU B 265 -6.51 -23.58 -16.40
C LEU B 265 -4.99 -23.56 -16.48
N ARG B 266 -4.39 -22.44 -16.04
CA ARG B 266 -2.94 -22.30 -15.94
C ARG B 266 -2.28 -23.45 -15.15
N HIS B 267 -2.92 -23.83 -14.04
CA HIS B 267 -2.36 -24.82 -13.11
C HIS B 267 -3.05 -26.19 -13.16
N ARG B 268 -3.85 -26.42 -14.19
CA ARG B 268 -4.68 -27.63 -14.29
C ARG B 268 -3.87 -28.94 -14.21
N GLN B 269 -2.64 -28.91 -14.75
CA GLN B 269 -1.77 -30.06 -14.83
C GLN B 269 -1.27 -30.55 -13.47
N THR B 270 -1.22 -29.65 -12.48
CA THR B 270 -0.77 -29.96 -11.12
C THR B 270 -1.91 -30.08 -10.10
N ILE B 271 -3.14 -29.71 -10.50
CA ILE B 271 -4.33 -29.81 -9.67
C ILE B 271 -4.97 -31.20 -9.76
N ASP B 272 -5.31 -31.77 -8.59
CA ASP B 272 -6.10 -32.98 -8.47
C ASP B 272 -7.55 -32.55 -8.25
N PHE B 273 -8.34 -32.61 -9.33
CA PHE B 273 -9.69 -32.05 -9.36
C PHE B 273 -10.71 -32.78 -8.47
N PRO B 274 -10.69 -34.14 -8.43
CA PRO B 274 -11.49 -34.87 -7.43
C PRO B 274 -11.17 -34.45 -6.00
N LEU B 275 -9.88 -34.45 -5.65
CA LEU B 275 -9.39 -34.05 -4.33
C LEU B 275 -9.78 -32.61 -4.01
N LEU B 276 -9.63 -31.71 -5.00
CA LEU B 276 -9.98 -30.31 -4.86
C LEU B 276 -11.44 -30.11 -4.49
N THR B 277 -12.32 -30.92 -5.09
CA THR B 277 -13.76 -30.90 -4.79
C THR B 277 -14.05 -31.56 -3.43
N SER B 278 -13.35 -32.67 -3.15
CA SER B 278 -13.52 -33.43 -1.90
C SER B 278 -13.16 -32.65 -0.63
N LEU B 279 -12.17 -31.75 -0.74
CA LEU B 279 -11.69 -30.94 0.39
C LEU B 279 -12.61 -29.78 0.78
N GLY B 280 -13.60 -29.47 -0.07
CA GLY B 280 -14.61 -28.47 0.21
C GLY B 280 -14.26 -27.12 -0.36
N LYS B 281 -14.67 -26.06 0.33
CA LYS B 281 -14.52 -24.68 -0.11
C LYS B 281 -13.07 -24.18 0.05
N VAL B 282 -12.15 -24.80 -0.71
CA VAL B 282 -10.72 -24.52 -0.60
C VAL B 282 -10.10 -24.05 -1.92
N SER B 283 -9.06 -23.21 -1.81
CA SER B 283 -8.25 -22.76 -2.93
C SER B 283 -7.46 -23.93 -3.52
N TYR B 284 -7.20 -23.88 -4.84
CA TYR B 284 -6.41 -24.90 -5.53
C TYR B 284 -4.98 -24.93 -4.99
N GLU B 285 -4.54 -23.79 -4.43
CA GLU B 285 -3.22 -23.65 -3.83
C GLU B 285 -3.08 -24.34 -2.48
N ASP B 286 -4.21 -24.55 -1.79
CA ASP B 286 -4.22 -25.17 -0.45
C ASP B 286 -4.32 -26.70 -0.45
N VAL B 287 -4.39 -27.32 -1.62
CA VAL B 287 -4.65 -28.75 -1.73
C VAL B 287 -3.58 -29.60 -1.04
N ASP B 288 -2.30 -29.30 -1.29
CA ASP B 288 -1.18 -29.99 -0.65
C ASP B 288 -1.11 -29.74 0.84
N HIS B 289 -1.38 -28.49 1.25
CA HIS B 289 -1.44 -28.08 2.64
C HIS B 289 -2.49 -28.85 3.44
N LEU B 290 -3.67 -29.03 2.84
CA LEU B 290 -4.85 -29.56 3.51
C LEU B 290 -5.08 -31.07 3.34
N ARG B 291 -4.45 -31.66 2.32
CA ARG B 291 -4.59 -33.08 2.02
C ARG B 291 -4.38 -33.96 3.25
N PRO B 292 -3.31 -33.76 4.05
CA PRO B 292 -3.09 -34.57 5.26
C PRO B 292 -4.20 -34.47 6.31
N HIS B 293 -4.96 -33.37 6.33
CA HIS B 293 -5.95 -33.07 7.35
C HIS B 293 -7.41 -33.22 6.90
N GLY B 294 -7.61 -33.59 5.62
CA GLY B 294 -8.94 -33.77 5.06
C GLY B 294 -9.51 -35.12 5.43
N VAL B 295 -10.83 -35.17 5.69
CA VAL B 295 -11.56 -36.42 5.90
C VAL B 295 -12.37 -36.74 4.64
N LEU B 296 -11.93 -37.77 3.92
CA LEU B 296 -12.34 -38.04 2.54
C LEU B 296 -13.13 -39.34 2.36
N ASP B 297 -13.58 -39.95 3.45
CA ASP B 297 -14.28 -41.23 3.41
C ASP B 297 -15.57 -41.12 2.60
N ASN B 298 -16.45 -40.20 3.03
CA ASN B 298 -17.77 -40.02 2.44
C ASN B 298 -17.96 -38.64 1.82
N THR B 299 -16.93 -38.19 1.08
CA THR B 299 -17.00 -36.95 0.30
C THR B 299 -17.43 -37.31 -1.12
N ARG B 300 -18.25 -36.44 -1.73
CA ARG B 300 -18.79 -36.67 -3.07
C ARG B 300 -18.07 -35.87 -4.16
N VAL B 301 -17.70 -36.56 -5.23
CA VAL B 301 -17.15 -35.97 -6.45
C VAL B 301 -18.25 -35.95 -7.51
N PRO B 302 -18.41 -34.85 -8.29
CA PRO B 302 -19.45 -34.80 -9.33
C PRO B 302 -19.33 -35.91 -10.37
N HIS B 303 -20.48 -36.30 -10.95
CA HIS B 303 -20.57 -37.38 -11.93
C HIS B 303 -19.71 -37.13 -13.16
N PHE B 304 -19.60 -35.85 -13.56
CA PHE B 304 -18.82 -35.48 -14.75
C PHE B 304 -17.30 -35.56 -14.58
N MET B 305 -16.85 -35.88 -13.36
CA MET B 305 -15.45 -36.01 -13.01
C MET B 305 -15.00 -37.48 -12.88
N GLN B 306 -15.95 -38.43 -12.98
CA GLN B 306 -15.69 -39.87 -12.84
C GLN B 306 -14.78 -40.40 -13.96
N ASP B 307 -15.11 -40.04 -15.20
CA ASP B 307 -14.23 -40.24 -16.35
C ASP B 307 -13.29 -39.03 -16.38
N LEU B 308 -12.17 -39.17 -15.66
CA LEU B 308 -11.24 -38.08 -15.40
C LEU B 308 -10.42 -37.75 -16.65
N ALA B 309 -10.05 -38.77 -17.42
CA ALA B 309 -9.38 -38.61 -18.70
C ALA B 309 -10.17 -37.67 -19.60
N ARG B 310 -11.49 -37.92 -19.70
CA ARG B 310 -12.39 -37.09 -20.51
C ARG B 310 -12.53 -35.68 -19.95
N TYR B 311 -12.60 -35.58 -18.61
CA TYR B 311 -12.70 -34.30 -17.92
C TYR B 311 -11.55 -33.37 -18.32
N ARG B 312 -10.33 -33.92 -18.36
CA ARG B 312 -9.12 -33.17 -18.68
C ARG B 312 -9.10 -32.75 -20.15
N GLN B 313 -9.57 -33.63 -21.03
CA GLN B 313 -9.74 -33.33 -22.45
C GLN B 313 -10.66 -32.14 -22.65
N GLN B 314 -11.77 -32.11 -21.91
CA GLN B 314 -12.73 -31.01 -21.93
C GLN B 314 -12.07 -29.68 -21.56
N LEU B 315 -11.21 -29.70 -20.53
CA LEU B 315 -10.50 -28.51 -20.07
C LEU B 315 -9.57 -27.97 -21.15
N GLU B 316 -8.86 -28.88 -21.84
CA GLU B 316 -8.00 -28.56 -22.99
C GLU B 316 -8.84 -27.90 -24.10
N HIS B 317 -10.00 -28.51 -24.37
CA HIS B 317 -10.94 -28.01 -25.38
C HIS B 317 -11.45 -26.62 -25.04
N ILE B 318 -11.68 -26.37 -23.75
CA ILE B 318 -12.14 -25.08 -23.25
C ILE B 318 -11.09 -23.98 -23.44
N MET B 319 -9.82 -24.33 -23.18
CA MET B 319 -8.72 -23.38 -23.39
C MET B 319 -8.59 -23.03 -24.86
N ALA B 320 -8.44 -24.07 -25.70
CA ALA B 320 -8.34 -23.90 -27.15
C ALA B 320 -9.42 -22.95 -27.64
N THR B 321 -10.68 -23.29 -27.35
CA THR B 321 -11.84 -22.52 -27.78
C THR B 321 -11.75 -21.04 -27.39
N ASN B 322 -11.29 -20.77 -26.17
CA ASN B 322 -11.27 -19.41 -25.62
C ASN B 322 -9.96 -18.62 -25.82
N ARG B 323 -9.08 -19.16 -26.68
CA ARG B 323 -7.80 -18.54 -27.02
C ARG B 323 -6.93 -18.34 -25.78
N LEU B 324 -6.88 -19.37 -24.93
CA LEU B 324 -6.07 -19.39 -23.72
C LEU B 324 -5.14 -20.60 -23.80
N ASP B 325 -4.27 -20.64 -24.80
CA ASP B 325 -3.32 -21.75 -24.99
C ASP B 325 -2.24 -21.76 -23.90
N GLU B 326 -1.63 -22.93 -23.68
CA GLU B 326 -0.64 -23.18 -22.63
C GLU B 326 0.44 -22.10 -22.54
N ALA B 327 1.05 -21.81 -23.71
CA ALA B 327 2.14 -20.85 -23.83
C ALA B 327 1.75 -19.47 -23.30
N GLU B 328 0.52 -19.04 -23.63
CA GLU B 328 -0.01 -17.74 -23.24
C GLU B 328 -0.25 -17.67 -21.72
N LEU B 329 -0.84 -18.74 -21.16
CA LEU B 329 -1.04 -18.86 -19.72
C LEU B 329 0.30 -18.89 -18.99
N GLY B 330 1.29 -19.57 -19.59
CA GLY B 330 2.65 -19.62 -19.06
C GLY B 330 3.29 -18.25 -18.88
N ARG B 331 3.17 -17.40 -19.91
CA ARG B 331 3.68 -16.03 -19.85
C ARG B 331 2.87 -15.13 -18.92
N LEU B 332 1.55 -15.35 -18.92
CA LEU B 332 0.61 -14.59 -18.07
C LEU B 332 0.92 -14.74 -16.59
N LEU B 333 1.16 -15.99 -16.17
CA LEU B 333 1.48 -16.34 -14.79
C LEU B 333 2.71 -17.23 -14.75
N PRO B 334 3.94 -16.66 -14.79
CA PRO B 334 5.16 -17.46 -14.75
C PRO B 334 5.33 -18.26 -13.45
N VAL C 5 15.89 9.80 -27.70
CA VAL C 5 17.23 9.66 -28.36
C VAL C 5 18.11 8.63 -27.64
N ALA C 6 18.08 8.65 -26.30
CA ALA C 6 18.83 7.69 -25.49
C ALA C 6 18.26 6.27 -25.59
N LEU C 7 16.92 6.18 -25.73
CA LEU C 7 16.19 4.93 -25.79
C LEU C 7 15.72 4.55 -27.21
N ARG C 8 16.30 5.21 -28.21
CA ARG C 8 16.06 4.89 -29.62
C ARG C 8 16.99 3.73 -29.95
N PRO C 9 16.46 2.51 -30.24
CA PRO C 9 17.32 1.35 -30.46
C PRO C 9 18.36 1.58 -31.53
N THR C 10 19.59 1.11 -31.27
CA THR C 10 20.70 1.27 -32.20
C THR C 10 20.56 0.40 -33.45
N ASN C 11 19.70 -0.63 -33.37
CA ASN C 11 19.44 -1.55 -34.47
C ASN C 11 17.99 -1.51 -34.97
N MET C 12 17.36 -0.33 -34.85
CA MET C 12 15.93 -0.18 -35.15
C MET C 12 15.59 -0.52 -36.60
N ASP C 13 16.46 -0.09 -37.53
CA ASP C 13 16.25 -0.32 -38.96
C ASP C 13 16.35 -1.80 -39.34
N ARG C 14 17.40 -2.47 -38.88
CA ARG C 14 17.61 -3.89 -39.16
C ARG C 14 16.48 -4.76 -38.57
N GLU C 15 15.91 -4.34 -37.44
CA GLU C 15 14.80 -5.03 -36.81
C GLU C 15 13.46 -4.72 -37.47
N ARG C 16 13.36 -3.52 -38.05
CA ARG C 16 12.16 -3.10 -38.78
C ARG C 16 12.02 -3.90 -40.08
N ASP C 17 13.11 -3.98 -40.86
CA ASP C 17 13.15 -4.77 -42.09
C ASP C 17 12.81 -6.24 -41.79
N LYS C 18 13.40 -6.78 -40.70
CA LYS C 18 13.10 -8.13 -40.22
C LYS C 18 11.60 -8.30 -39.95
N PHE C 19 11.02 -7.34 -39.22
CA PHE C 19 9.60 -7.35 -38.82
C PHE C 19 8.67 -7.33 -40.02
N PHE C 20 8.90 -6.37 -40.91
CA PHE C 20 8.11 -6.18 -42.14
C PHE C 20 8.22 -7.40 -43.05
N GLN C 21 9.46 -7.85 -43.30
CA GLN C 21 9.75 -8.97 -44.19
C GLN C 21 9.20 -10.33 -43.71
N SER C 22 8.93 -10.43 -42.40
CA SER C 22 8.29 -11.62 -41.81
C SER C 22 6.76 -11.49 -41.78
N HIS C 23 6.23 -10.43 -42.40
CA HIS C 23 4.82 -10.10 -42.41
C HIS C 23 4.29 -9.93 -40.97
N TYR C 24 5.04 -9.16 -40.17
CA TYR C 24 4.65 -8.70 -38.84
C TYR C 24 4.53 -9.79 -37.76
N THR C 25 5.18 -10.94 -38.00
CA THR C 25 5.15 -12.07 -37.06
C THR C 25 6.37 -12.13 -36.14
N TYR C 26 7.50 -11.56 -36.61
CA TYR C 26 8.74 -11.48 -35.86
C TYR C 26 8.61 -10.53 -34.68
N ASN C 27 9.29 -10.87 -33.57
CA ASN C 27 9.39 -9.99 -32.40
C ASN C 27 10.75 -9.30 -32.41
N PRO C 28 10.80 -7.97 -32.60
CA PRO C 28 12.07 -7.23 -32.58
C PRO C 28 12.92 -7.50 -31.33
N GLN C 29 14.21 -7.79 -31.54
CA GLN C 29 15.21 -7.91 -30.48
C GLN C 29 16.10 -6.68 -30.54
N PHE C 30 15.65 -5.62 -29.85
CA PHE C 30 16.33 -4.33 -29.85
C PHE C 30 17.59 -4.33 -28.99
N GLU C 31 18.55 -3.48 -29.37
CA GLU C 31 19.77 -3.23 -28.63
C GLU C 31 19.97 -1.72 -28.54
N TYR C 32 20.68 -1.28 -27.49
CA TYR C 32 20.78 0.13 -27.14
C TYR C 32 22.22 0.55 -26.83
N GLN C 33 22.44 1.87 -26.88
CA GLN C 33 23.73 2.46 -26.54
C GLN C 33 23.94 2.34 -25.04
N GLU C 34 25.04 1.70 -24.64
CA GLU C 34 25.37 1.46 -23.23
C GLU C 34 25.80 2.74 -22.52
N PRO C 35 25.45 2.90 -21.21
CA PRO C 35 24.62 1.95 -20.48
C PRO C 35 23.15 2.26 -20.67
N MET C 36 22.28 1.30 -20.35
CA MET C 36 20.84 1.52 -20.36
C MET C 36 20.46 2.36 -19.15
N PRO C 37 19.53 3.33 -19.29
CA PRO C 37 19.11 4.16 -18.16
C PRO C 37 18.19 3.39 -17.20
N THR C 38 18.75 2.43 -16.47
CA THR C 38 18.01 1.47 -15.66
C THR C 38 16.96 2.13 -14.75
N ALA C 39 17.38 3.19 -14.05
CA ALA C 39 16.54 3.92 -13.12
C ALA C 39 15.29 4.49 -13.79
N VAL C 40 15.46 5.06 -14.99
CA VAL C 40 14.35 5.69 -15.73
C VAL C 40 13.41 4.64 -16.35
N LEU C 41 13.98 3.52 -16.81
CA LEU C 41 13.21 2.37 -17.28
C LEU C 41 12.29 1.82 -16.19
N GLU C 42 12.85 1.64 -14.99
CA GLU C 42 12.11 1.16 -13.82
C GLU C 42 11.03 2.14 -13.36
N LYS C 43 11.32 3.44 -13.46
CA LYS C 43 10.36 4.48 -13.09
C LYS C 43 9.11 4.47 -13.97
N TYR C 44 9.29 4.12 -15.25
CA TYR C 44 8.22 4.11 -16.24
C TYR C 44 7.94 2.71 -16.79
N CYS C 45 8.05 1.69 -15.92
CA CYS C 45 7.86 0.29 -16.28
C CYS C 45 6.40 -0.16 -16.21
N GLU C 46 5.56 0.62 -15.51
CA GLU C 46 4.14 0.32 -15.35
C GLU C 46 3.27 1.36 -16.03
N ALA C 47 2.29 0.90 -16.83
CA ALA C 47 1.34 1.75 -17.53
C ALA C 47 0.12 2.04 -16.66
N SER C 48 -0.48 3.22 -16.86
CA SER C 48 -1.72 3.61 -16.21
C SER C 48 -2.91 3.41 -17.15
N GLY C 49 -4.10 3.23 -16.57
CA GLY C 49 -5.34 3.13 -17.29
C GLY C 49 -6.36 4.17 -16.84
N GLN C 50 -5.89 5.19 -16.13
CA GLN C 50 -6.77 6.21 -15.56
C GLN C 50 -7.61 6.92 -16.62
N PHE C 51 -6.98 7.21 -17.76
CA PHE C 51 -7.61 7.95 -18.86
C PHE C 51 -7.74 7.15 -20.16
N ILE C 52 -7.71 5.81 -20.06
CA ILE C 52 -7.73 4.92 -21.21
C ILE C 52 -9.00 5.09 -22.08
N HIS C 53 -10.15 5.33 -21.43
CA HIS C 53 -11.39 5.49 -22.19
C HIS C 53 -11.55 6.91 -22.75
N GLN C 54 -10.75 7.86 -22.25
CA GLN C 54 -10.67 9.19 -22.87
C GLN C 54 -9.86 9.08 -24.16
N ALA C 55 -8.74 8.35 -24.08
CA ALA C 55 -7.87 8.08 -25.21
C ALA C 55 -8.66 7.45 -26.35
N VAL C 56 -9.34 6.34 -26.04
CA VAL C 56 -10.18 5.62 -26.98
C VAL C 56 -11.30 6.52 -27.52
N GLY C 57 -11.86 7.35 -26.64
CA GLY C 57 -12.87 8.33 -27.00
C GLY C 57 -12.40 9.28 -28.10
N ILE C 58 -11.17 9.77 -27.96
CA ILE C 58 -10.56 10.70 -28.92
C ILE C 58 -10.27 10.00 -30.25
N ILE C 59 -9.67 8.81 -30.17
CA ILE C 59 -9.32 8.00 -31.33
C ILE C 59 -10.55 7.69 -32.17
N GLU C 60 -11.62 7.21 -31.52
CA GLU C 60 -12.87 6.86 -32.21
C GLU C 60 -13.55 8.09 -32.81
N ALA C 61 -13.48 9.23 -32.10
CA ALA C 61 -14.03 10.48 -32.60
C ALA C 61 -13.38 10.91 -33.92
N VAL C 62 -12.06 10.69 -34.03
CA VAL C 62 -11.30 10.99 -35.23
C VAL C 62 -11.74 10.07 -36.37
N LEU C 63 -11.75 8.76 -36.11
CA LEU C 63 -12.10 7.76 -37.12
C LEU C 63 -13.56 7.86 -37.58
N GLU C 64 -14.44 8.37 -36.71
CA GLU C 64 -15.83 8.63 -37.06
C GLU C 64 -15.96 9.78 -38.06
N LYS C 65 -15.15 10.83 -37.87
CA LYS C 65 -15.18 12.03 -38.68
C LYS C 65 -14.35 11.92 -39.96
N PHE C 66 -13.23 11.20 -39.90
CA PHE C 66 -12.27 11.10 -41.00
C PHE C 66 -12.11 9.71 -41.60
N GLY C 67 -12.78 8.72 -41.02
CA GLY C 67 -12.76 7.36 -41.52
C GLY C 67 -11.50 6.60 -41.15
N THR C 68 -10.36 7.10 -41.64
CA THR C 68 -9.03 6.54 -41.35
C THR C 68 -8.08 7.61 -40.84
N TYR C 69 -6.97 7.16 -40.26
CA TYR C 69 -5.89 8.05 -39.87
C TYR C 69 -5.26 8.68 -41.11
N GLU C 70 -5.05 7.85 -42.15
CA GLU C 70 -4.46 8.28 -43.40
C GLU C 70 -5.11 9.58 -43.91
N HIS C 71 -6.45 9.60 -43.94
CA HIS C 71 -7.20 10.79 -44.37
C HIS C 71 -7.12 11.93 -43.35
N PHE C 72 -7.19 11.59 -42.06
CA PHE C 72 -7.03 12.57 -40.98
C PHE C 72 -5.72 13.35 -41.14
N GLU C 73 -4.62 12.59 -41.29
CA GLU C 73 -3.28 13.13 -41.48
C GLU C 73 -3.22 14.16 -42.61
N ALA C 74 -3.65 13.73 -43.80
CA ALA C 74 -3.57 14.54 -45.00
C ALA C 74 -4.54 15.73 -45.00
N ALA C 75 -5.75 15.51 -44.46
CA ALA C 75 -6.78 16.55 -44.43
C ALA C 75 -6.46 17.66 -43.42
N THR C 76 -6.00 17.28 -42.23
CA THR C 76 -5.76 18.21 -41.13
C THR C 76 -4.30 18.69 -41.06
N GLY C 77 -3.36 17.82 -41.46
CA GLY C 77 -1.94 18.08 -41.38
C GLY C 77 -1.40 19.07 -42.41
N GLY C 78 -2.01 19.10 -43.59
CA GLY C 78 -1.57 19.97 -44.67
C GLY C 78 -0.53 19.27 -45.52
N GLN C 79 0.12 20.05 -46.39
CA GLN C 79 1.06 19.49 -47.37
C GLN C 79 2.36 19.00 -46.73
N LEU C 80 2.96 17.96 -47.32
CA LEU C 80 4.32 17.55 -46.97
C LEU C 80 5.27 18.69 -47.32
N LEU C 81 6.24 18.96 -46.43
CA LEU C 81 7.15 20.08 -46.55
C LEU C 81 8.54 19.65 -47.02
N THR C 82 9.15 20.49 -47.86
CA THR C 82 10.56 20.41 -48.20
C THR C 82 11.36 21.08 -47.09
N LYS C 83 12.69 20.87 -47.10
CA LYS C 83 13.60 21.48 -46.13
C LYS C 83 13.45 23.00 -46.12
N CYS C 84 13.44 23.58 -47.32
CA CYS C 84 13.27 25.01 -47.55
C CYS C 84 12.02 25.57 -46.85
N GLN C 85 10.91 24.85 -47.01
CA GLN C 85 9.63 25.25 -46.43
C GLN C 85 9.63 25.16 -44.91
N ILE C 86 10.30 24.12 -44.38
CA ILE C 86 10.44 23.94 -42.94
C ILE C 86 11.19 25.14 -42.33
N TRP C 87 12.36 25.46 -42.88
CA TRP C 87 13.17 26.59 -42.43
C TRP C 87 12.38 27.90 -42.47
N SER C 88 11.63 28.09 -43.56
CA SER C 88 10.83 29.29 -43.77
C SER C 88 9.77 29.46 -42.66
N ILE C 89 9.04 28.38 -42.37
CA ILE C 89 8.00 28.38 -41.34
C ILE C 89 8.59 28.61 -39.95
N VAL C 90 9.75 27.98 -39.69
CA VAL C 90 10.45 28.11 -38.42
C VAL C 90 10.91 29.55 -38.21
N ARG C 91 11.58 30.12 -39.22
CA ARG C 91 12.08 31.50 -39.16
C ARG C 91 10.95 32.49 -38.88
N LYS C 92 9.83 32.32 -39.59
CA LYS C 92 8.64 33.16 -39.38
C LYS C 92 8.13 33.04 -37.95
N TYR C 93 8.17 31.82 -37.40
CA TYR C 93 7.70 31.57 -36.04
C TYR C 93 8.59 32.24 -34.99
N MET C 94 9.90 32.03 -35.10
CA MET C 94 10.87 32.60 -34.14
C MET C 94 10.74 34.11 -34.04
N GLN C 95 10.54 34.79 -35.17
CA GLN C 95 10.33 36.22 -35.22
C GLN C 95 9.02 36.64 -34.57
N LYS C 96 7.96 35.85 -34.83
CA LYS C 96 6.64 36.04 -34.24
C LYS C 96 6.69 35.93 -32.71
N GLU C 97 7.56 35.05 -32.21
CA GLU C 97 7.72 34.75 -30.79
C GLU C 97 8.75 35.64 -30.10
N GLY C 98 9.50 36.42 -30.90
CA GLY C 98 10.50 37.34 -30.40
C GLY C 98 11.79 36.69 -29.95
N CYS C 99 11.99 35.42 -30.31
CA CYS C 99 13.17 34.65 -29.92
C CYS C 99 14.01 34.25 -31.14
N ALA C 100 14.07 35.15 -32.12
CA ALA C 100 14.87 34.96 -33.32
C ALA C 100 16.35 34.90 -32.95
N GLY C 101 17.05 33.88 -33.44
CA GLY C 101 18.49 33.71 -33.27
C GLY C 101 18.97 33.11 -31.96
N GLU C 102 18.03 32.64 -31.15
CA GLU C 102 18.32 32.07 -29.84
C GLU C 102 18.49 30.56 -29.86
N VAL C 103 17.81 29.89 -30.80
CA VAL C 103 17.81 28.43 -30.90
C VAL C 103 18.45 27.97 -32.21
N VAL C 104 19.32 26.96 -32.12
CA VAL C 104 19.85 26.27 -33.29
C VAL C 104 18.76 25.32 -33.79
N VAL C 105 18.55 25.31 -35.11
CA VAL C 105 17.59 24.43 -35.77
C VAL C 105 18.36 23.40 -36.58
N GLN C 106 17.99 22.12 -36.40
CA GLN C 106 18.59 21.01 -37.14
C GLN C 106 17.51 20.15 -37.77
N LEU C 107 17.83 19.55 -38.91
CA LEU C 107 16.94 18.66 -39.64
C LEU C 107 17.50 17.24 -39.62
N SER C 108 16.65 16.28 -39.26
CA SER C 108 17.01 14.87 -39.14
C SER C 108 15.92 13.95 -39.70
N GLU C 109 16.32 12.74 -40.08
CA GLU C 109 15.42 11.71 -40.62
C GLU C 109 15.13 10.60 -39.60
N ASP C 110 15.96 10.54 -38.54
CA ASP C 110 15.99 9.43 -37.60
C ASP C 110 15.37 9.76 -36.23
N LEU C 111 14.22 10.44 -36.23
CA LEU C 111 13.50 10.82 -35.01
C LEU C 111 12.19 10.05 -34.87
N LEU C 112 11.94 9.56 -33.64
CA LEU C 112 10.70 8.86 -33.31
C LEU C 112 9.52 9.81 -33.12
N SER C 113 9.79 11.12 -33.10
CA SER C 113 8.76 12.15 -33.05
C SER C 113 8.98 13.20 -34.12
N GLN C 114 8.04 14.15 -34.21
CA GLN C 114 8.11 15.26 -35.15
C GLN C 114 9.34 16.12 -34.88
N ALA C 115 9.57 16.42 -33.60
CA ALA C 115 10.67 17.27 -33.17
C ALA C 115 10.99 17.08 -31.68
N VAL C 116 12.25 17.32 -31.32
CA VAL C 116 12.74 17.25 -29.95
C VAL C 116 13.63 18.45 -29.63
N MET C 117 13.30 19.16 -28.54
CA MET C 117 14.08 20.26 -28.01
C MET C 117 15.17 19.64 -27.14
N MET C 118 16.42 20.09 -27.35
CA MET C 118 17.58 19.54 -26.65
C MET C 118 18.43 20.64 -26.03
N VAL C 119 19.52 20.23 -25.37
CA VAL C 119 20.57 21.14 -24.87
C VAL C 119 21.95 20.61 -25.28
N GLU C 120 22.28 20.79 -26.56
CA GLU C 120 23.58 20.43 -27.14
C GLU C 120 24.54 21.61 -26.98
N ASN C 121 25.78 21.31 -26.56
CA ASN C 121 26.82 22.31 -26.30
C ASN C 121 26.37 23.35 -25.27
N SER C 122 25.63 22.90 -24.26
CA SER C 122 25.02 23.73 -23.22
C SER C 122 24.11 24.84 -23.78
N ARG C 123 23.51 24.58 -24.94
CA ARG C 123 22.71 25.57 -25.68
C ARG C 123 21.49 24.92 -26.34
N PRO C 124 20.33 25.62 -26.40
CA PRO C 124 19.12 25.02 -26.95
C PRO C 124 19.26 24.64 -28.42
N THR C 125 18.76 23.44 -28.77
CA THR C 125 18.80 22.91 -30.12
C THR C 125 17.45 22.25 -30.43
N LEU C 126 16.79 22.75 -31.48
CA LEU C 126 15.53 22.19 -31.98
C LEU C 126 15.81 21.29 -33.19
N ALA C 127 15.65 19.98 -33.00
CA ALA C 127 15.80 19.00 -34.06
C ALA C 127 14.43 18.66 -34.61
N ILE C 128 14.23 18.89 -35.92
CA ILE C 128 12.98 18.67 -36.61
C ILE C 128 13.12 17.48 -37.57
N ASN C 129 12.14 16.56 -37.51
CA ASN C 129 12.09 15.42 -38.40
C ASN C 129 11.58 15.87 -39.76
N LEU C 130 12.45 15.83 -40.76
CA LEU C 130 12.08 16.23 -42.13
C LEU C 130 11.19 15.17 -42.80
N THR C 131 11.33 13.90 -42.37
CA THR C 131 10.54 12.79 -42.88
C THR C 131 9.08 12.89 -42.41
N GLY C 132 8.19 13.25 -43.33
CA GLY C 132 6.76 13.35 -43.08
C GLY C 132 6.29 14.66 -42.44
N ALA C 133 7.14 15.69 -42.50
CA ALA C 133 6.81 17.00 -41.98
C ALA C 133 5.68 17.61 -42.79
N ARG C 134 4.68 18.17 -42.08
CA ARG C 134 3.50 18.76 -42.70
C ARG C 134 3.22 20.16 -42.21
N GLN C 135 2.61 20.98 -43.08
CA GLN C 135 2.44 22.41 -42.87
C GLN C 135 1.79 22.78 -41.53
N TYR C 136 0.55 22.35 -41.31
CA TYR C 136 -0.22 22.75 -40.12
C TYR C 136 0.22 22.03 -38.85
N TRP C 137 0.90 20.89 -39.02
CA TRP C 137 1.43 20.10 -37.92
C TRP C 137 2.78 20.61 -37.42
N LEU C 138 3.62 21.10 -38.34
CA LEU C 138 4.84 21.82 -38.01
C LEU C 138 4.56 23.09 -37.21
N GLU C 139 3.58 23.89 -37.63
CA GLU C 139 3.21 25.11 -36.91
C GLU C 139 2.84 24.81 -35.46
N GLY C 140 2.09 23.71 -35.25
CA GLY C 140 1.74 23.20 -33.94
C GLY C 140 2.93 22.77 -33.12
N MET C 141 3.85 22.03 -33.77
CA MET C 141 5.10 21.59 -33.16
C MET C 141 5.88 22.76 -32.58
N LEU C 142 5.96 23.86 -33.33
CA LEU C 142 6.65 25.07 -32.90
C LEU C 142 5.95 25.72 -31.70
N ARG C 143 4.62 25.66 -31.66
CA ARG C 143 3.87 26.16 -30.51
C ARG C 143 4.12 25.30 -29.26
N HIS C 144 4.35 24.00 -29.49
CA HIS C 144 4.69 23.02 -28.46
C HIS C 144 6.12 23.24 -27.97
N GLU C 145 7.10 23.09 -28.87
CA GLU C 145 8.51 23.06 -28.53
C GLU C 145 9.09 24.43 -28.20
N ILE C 146 8.64 25.48 -28.90
CA ILE C 146 9.15 26.84 -28.71
C ILE C 146 8.20 27.67 -27.86
N GLY C 147 6.92 27.70 -28.26
CA GLY C 147 5.89 28.46 -27.57
C GLY C 147 5.67 28.05 -26.12
N THR C 148 5.97 26.78 -25.81
CA THR C 148 5.80 26.23 -24.46
C THR C 148 7.16 25.86 -23.81
N HIS C 149 7.79 24.77 -24.27
CA HIS C 149 9.00 24.25 -23.64
C HIS C 149 10.12 25.30 -23.54
N TYR C 150 10.41 25.98 -24.66
CA TYR C 150 11.49 26.95 -24.72
C TYR C 150 11.22 28.20 -23.87
N LEU C 151 10.03 28.79 -24.04
CA LEU C 151 9.65 30.00 -23.30
C LEU C 151 9.57 29.75 -21.78
N ARG C 152 9.00 28.61 -21.40
CA ARG C 152 8.98 28.18 -20.00
C ARG C 152 10.42 28.07 -19.47
N GLY C 153 11.30 27.44 -20.26
CA GLY C 153 12.71 27.26 -19.92
C GLY C 153 13.45 28.56 -19.66
N VAL C 154 13.27 29.54 -20.56
CA VAL C 154 13.90 30.85 -20.46
C VAL C 154 13.37 31.64 -19.26
N ASN C 155 12.05 31.57 -19.06
CA ASN C 155 11.41 32.21 -17.90
C ASN C 155 11.88 31.60 -16.59
N ASN C 156 12.00 30.27 -16.57
CA ASN C 156 12.46 29.50 -15.42
C ASN C 156 13.89 29.84 -15.01
N ALA C 157 14.74 30.13 -16.00
CA ALA C 157 16.14 30.47 -15.77
C ALA C 157 16.29 31.77 -15.00
N ARG C 158 15.27 32.64 -15.09
CA ARG C 158 15.23 33.92 -14.39
C ARG C 158 14.67 33.83 -12.97
N GLN C 159 14.16 32.66 -12.57
CA GLN C 159 13.49 32.47 -11.29
C GLN C 159 14.38 31.90 -10.19
N PRO C 160 14.05 32.11 -8.90
CA PRO C 160 14.81 31.53 -7.79
C PRO C 160 14.91 30.00 -7.83
N TRP C 161 13.94 29.36 -8.49
CA TRP C 161 13.90 27.89 -8.62
C TRP C 161 14.44 27.42 -9.98
N HIS C 162 15.47 28.11 -10.46
CA HIS C 162 16.06 27.86 -11.78
C HIS C 162 16.93 26.61 -11.84
N ASN C 163 17.32 26.09 -10.67
CA ASN C 163 18.08 24.85 -10.58
C ASN C 163 17.50 23.92 -9.52
N ALA C 164 18.08 22.72 -9.39
CA ALA C 164 17.63 21.68 -8.46
C ALA C 164 17.41 22.20 -7.03
N GLU C 165 18.43 22.87 -6.48
CA GLU C 165 18.38 23.46 -5.15
C GLU C 165 17.22 24.42 -4.99
N GLY C 166 17.04 25.29 -5.99
CA GLY C 166 15.97 26.26 -6.02
C GLY C 166 14.59 25.62 -5.99
N ARG C 167 14.44 24.49 -6.69
CA ARG C 167 13.20 23.72 -6.69
C ARG C 167 12.88 23.19 -5.29
N LEU C 168 13.89 22.59 -4.65
CA LEU C 168 13.78 22.09 -3.28
C LEU C 168 13.42 23.19 -2.30
N ARG C 169 14.20 24.26 -2.32
CA ARG C 169 14.04 25.39 -1.41
C ARG C 169 12.64 25.99 -1.47
N TYR C 170 12.11 26.14 -2.68
CA TYR C 170 10.78 26.74 -2.91
C TYR C 170 9.65 25.70 -2.96
N GLY C 171 10.01 24.42 -2.80
CA GLY C 171 9.07 23.33 -2.63
C GLY C 171 8.18 23.12 -3.85
N LEU C 172 8.83 22.89 -4.99
CA LEU C 172 8.13 22.73 -6.26
C LEU C 172 7.76 21.28 -6.52
N ARG C 173 6.51 21.06 -6.93
CA ARG C 173 6.08 19.80 -7.52
C ARG C 173 6.78 19.66 -8.87
N PRO C 174 6.91 18.42 -9.41
CA PRO C 174 7.47 18.22 -10.74
C PRO C 174 6.80 19.07 -11.83
N ALA C 175 7.58 19.44 -12.86
CA ALA C 175 7.10 20.26 -13.95
C ALA C 175 6.03 19.49 -14.76
N ASN C 176 6.26 18.19 -14.97
CA ASN C 176 5.29 17.30 -15.58
C ASN C 176 4.27 16.82 -14.54
N PRO C 177 3.01 16.53 -14.92
CA PRO C 177 2.57 16.55 -16.32
C PRO C 177 2.10 17.91 -16.88
N THR C 178 2.19 18.98 -16.08
CA THR C 178 1.77 20.32 -16.51
C THR C 178 2.51 20.78 -17.76
N GLU C 179 3.80 20.46 -17.86
CA GLU C 179 4.65 20.89 -18.96
C GLU C 179 4.17 20.35 -20.31
N GLU C 180 4.11 19.02 -20.44
CA GLU C 180 3.74 18.35 -21.68
C GLU C 180 2.25 18.43 -21.97
N GLY C 181 1.44 18.61 -20.93
CA GLY C 181 0.01 18.85 -21.06
C GLY C 181 -0.25 20.18 -21.74
N LEU C 182 0.42 21.23 -21.26
CA LEU C 182 0.32 22.57 -21.82
C LEU C 182 0.83 22.61 -23.26
N ALA C 183 1.97 21.92 -23.49
CA ALA C 183 2.59 21.84 -24.80
C ALA C 183 1.71 21.15 -25.83
N SER C 184 1.02 20.09 -25.41
CA SER C 184 0.12 19.31 -26.27
C SER C 184 -1.15 20.08 -26.64
N LEU C 185 -1.72 20.80 -25.67
CA LEU C 185 -2.87 21.67 -25.92
C LEU C 185 -2.49 22.76 -26.92
N HIS C 186 -1.26 23.30 -26.78
CA HIS C 186 -0.79 24.37 -27.63
C HIS C 186 -0.48 23.93 -29.06
N SER C 187 -0.16 22.65 -29.25
CA SER C 187 0.13 22.09 -30.59
C SER C 187 -1.12 22.12 -31.47
N VAL C 188 -2.29 21.86 -30.86
CA VAL C 188 -3.57 21.81 -31.59
C VAL C 188 -4.38 23.10 -31.47
N LEU C 189 -3.76 24.16 -30.94
CA LEU C 189 -4.37 25.48 -30.91
C LEU C 189 -4.60 25.91 -32.37
N PHE C 190 -5.74 26.56 -32.62
CA PHE C 190 -6.08 27.18 -33.92
C PHE C 190 -6.44 26.26 -35.07
N ARG C 191 -6.41 24.94 -34.85
CA ARG C 191 -6.91 23.99 -35.82
C ARG C 191 -8.43 23.98 -35.77
N LYS C 192 -9.07 23.67 -36.90
CA LYS C 192 -10.52 23.62 -37.02
C LYS C 192 -11.08 22.34 -36.42
N GLN C 193 -10.29 21.26 -36.48
CA GLN C 193 -10.60 19.97 -35.86
C GLN C 193 -9.44 19.57 -34.94
N PRO C 194 -9.29 20.20 -33.75
CA PRO C 194 -8.12 19.98 -32.89
C PRO C 194 -8.19 18.69 -32.07
N PHE C 195 -8.25 17.55 -32.76
CA PHE C 195 -8.25 16.24 -32.12
C PHE C 195 -6.85 15.94 -31.60
N LEU C 196 -6.78 15.43 -30.37
CA LEU C 196 -5.52 15.11 -29.70
C LEU C 196 -5.16 13.65 -29.97
N TRP C 197 -5.03 13.32 -31.26
CA TRP C 197 -4.82 11.96 -31.73
C TRP C 197 -3.52 11.38 -31.18
N ARG C 198 -2.41 12.10 -31.37
CA ARG C 198 -1.08 11.69 -30.95
C ARG C 198 -1.05 11.32 -29.46
N ALA C 199 -1.55 12.23 -28.61
CA ALA C 199 -1.61 12.02 -27.17
C ALA C 199 -2.41 10.77 -26.82
N ALA C 200 -3.61 10.65 -27.41
CA ALA C 200 -4.53 9.55 -27.15
C ALA C 200 -3.97 8.19 -27.57
N LEU C 201 -3.37 8.14 -28.76
CA LEU C 201 -2.85 6.88 -29.31
C LEU C 201 -1.60 6.42 -28.58
N LEU C 202 -0.76 7.37 -28.16
CA LEU C 202 0.41 7.07 -27.31
C LEU C 202 -0.04 6.45 -25.98
N TYR C 203 -1.04 7.08 -25.35
CA TYR C 203 -1.61 6.62 -24.10
C TYR C 203 -2.14 5.19 -24.25
N TYR C 204 -2.95 4.98 -25.29
CA TYR C 204 -3.53 3.68 -25.61
C TYR C 204 -2.49 2.59 -25.86
N THR C 205 -1.49 2.93 -26.70
CA THR C 205 -0.48 1.97 -27.13
C THR C 205 0.36 1.45 -25.96
N ILE C 206 0.68 2.35 -25.02
CA ILE C 206 1.43 2.02 -23.81
C ILE C 206 0.62 1.07 -22.93
N HIS C 207 -0.66 1.38 -22.74
CA HIS C 207 -1.58 0.54 -21.98
C HIS C 207 -1.57 -0.91 -22.47
N ARG C 208 -1.64 -1.08 -23.79
CA ARG C 208 -1.63 -2.41 -24.40
C ARG C 208 -0.23 -3.05 -24.38
N ALA C 209 0.79 -2.22 -24.58
CA ALA C 209 2.19 -2.67 -24.60
C ALA C 209 2.58 -3.42 -23.32
N ALA C 210 2.06 -2.93 -22.19
CA ALA C 210 2.25 -3.52 -20.86
C ALA C 210 1.79 -4.98 -20.80
N ARG C 211 0.77 -5.32 -21.60
CA ARG C 211 0.16 -6.65 -21.65
C ARG C 211 0.63 -7.50 -22.83
N MET C 212 1.13 -6.86 -23.90
CA MET C 212 1.34 -7.50 -25.18
C MET C 212 2.79 -7.57 -25.64
N SER C 213 3.08 -8.57 -26.48
CA SER C 213 4.30 -8.62 -27.27
C SER C 213 4.22 -7.55 -28.37
N PHE C 214 5.33 -7.33 -29.06
CA PHE C 214 5.41 -6.36 -30.16
C PHE C 214 4.42 -6.76 -31.26
N ARG C 215 4.53 -8.02 -31.69
CA ARG C 215 3.64 -8.65 -32.66
C ARG C 215 2.17 -8.37 -32.35
N GLN C 216 1.77 -8.69 -31.13
CA GLN C 216 0.40 -8.50 -30.65
C GLN C 216 0.00 -7.02 -30.65
N LEU C 217 0.90 -6.16 -30.18
CA LEU C 217 0.67 -4.73 -30.10
C LEU C 217 0.48 -4.11 -31.49
N PHE C 218 1.34 -4.52 -32.43
CA PHE C 218 1.31 -4.05 -33.81
C PHE C 218 -0.01 -4.43 -34.48
N GLN C 219 -0.46 -5.67 -34.26
CA GLN C 219 -1.73 -6.16 -34.76
C GLN C 219 -2.90 -5.41 -34.15
N ASP C 220 -2.87 -5.23 -32.83
CA ASP C 220 -3.92 -4.55 -32.07
C ASP C 220 -4.23 -3.15 -32.62
N LEU C 221 -3.18 -2.42 -33.03
CA LEU C 221 -3.30 -1.05 -33.53
C LEU C 221 -3.94 -0.96 -34.91
N GLU C 222 -3.99 -2.08 -35.63
CA GLU C 222 -4.57 -2.15 -36.98
C GLU C 222 -6.00 -1.61 -36.99
N ARG C 223 -6.72 -1.81 -35.89
CA ARG C 223 -8.09 -1.32 -35.73
C ARG C 223 -8.21 0.20 -35.84
N TYR C 224 -7.12 0.93 -35.54
CA TYR C 224 -7.12 2.39 -35.51
C TYR C 224 -6.35 3.06 -36.65
N VAL C 225 -5.29 2.38 -37.12
CA VAL C 225 -4.44 2.90 -38.17
C VAL C 225 -3.82 1.76 -38.95
N GLN C 226 -3.93 1.83 -40.28
CA GLN C 226 -3.54 0.76 -41.18
C GLN C 226 -2.05 0.84 -41.50
N ASP C 227 -1.58 2.06 -41.79
CA ASP C 227 -0.19 2.33 -42.14
C ASP C 227 0.80 1.62 -41.20
N ALA C 228 1.61 0.72 -41.76
CA ALA C 228 2.57 -0.08 -41.01
C ALA C 228 3.69 0.78 -40.42
N ASP C 229 4.11 1.80 -41.17
CA ASP C 229 5.14 2.72 -40.71
C ASP C 229 4.69 3.53 -39.51
N VAL C 230 3.46 4.04 -39.56
CA VAL C 230 2.87 4.78 -38.44
C VAL C 230 2.80 3.87 -37.20
N ARG C 231 2.27 2.66 -37.39
CA ARG C 231 2.13 1.69 -36.31
C ARG C 231 3.48 1.31 -35.69
N TRP C 232 4.50 1.14 -36.54
CA TRP C 232 5.85 0.81 -36.10
C TRP C 232 6.41 1.88 -35.15
N GLU C 233 6.22 3.15 -35.51
CA GLU C 233 6.65 4.27 -34.69
C GLU C 233 6.02 4.18 -33.28
N TYR C 234 4.69 4.06 -33.23
CA TYR C 234 3.96 4.00 -31.97
C TYR C 234 4.35 2.82 -31.09
N CYS C 235 4.62 1.66 -31.72
CA CYS C 235 5.02 0.45 -31.01
C CYS C 235 6.39 0.61 -30.36
N VAL C 236 7.36 1.15 -31.11
CA VAL C 236 8.71 1.40 -30.61
C VAL C 236 8.72 2.41 -29.46
N ARG C 237 7.99 3.52 -29.63
CA ARG C 237 7.83 4.53 -28.57
C ARG C 237 7.29 3.92 -27.27
N ALA C 238 6.32 3.00 -27.41
CA ALA C 238 5.69 2.35 -26.27
C ALA C 238 6.59 1.29 -25.62
N LYS C 239 7.52 0.73 -26.41
CA LYS C 239 8.43 -0.32 -25.94
C LYS C 239 9.92 0.11 -25.91
N ARG C 240 10.15 1.43 -25.83
CA ARG C 240 11.48 1.99 -25.66
C ARG C 240 12.16 1.37 -24.46
N GLY C 241 13.34 0.77 -24.69
CA GLY C 241 14.12 0.17 -23.63
C GLY C 241 13.98 -1.33 -23.54
N GLN C 242 12.85 -1.86 -24.01
CA GLN C 242 12.62 -3.30 -24.08
C GLN C 242 13.61 -3.88 -25.06
N THR C 243 14.36 -4.91 -24.62
CA THR C 243 15.30 -5.62 -25.48
C THR C 243 14.56 -6.71 -26.25
N ASP C 244 14.06 -7.71 -25.53
CA ASP C 244 13.26 -8.80 -26.07
C ASP C 244 11.78 -8.42 -26.03
N THR C 245 11.28 -7.86 -27.14
CA THR C 245 9.90 -7.36 -27.22
C THR C 245 8.82 -8.45 -27.36
N SER C 246 9.26 -9.72 -27.39
CA SER C 246 8.35 -10.87 -27.35
C SER C 246 7.58 -10.96 -26.03
N LEU C 247 8.15 -10.38 -24.97
CA LEU C 247 7.54 -10.34 -23.65
C LEU C 247 6.69 -9.08 -23.50
N PRO C 248 5.66 -9.09 -22.61
CA PRO C 248 4.94 -7.86 -22.28
C PRO C 248 5.86 -6.86 -21.61
N GLY C 249 5.51 -5.57 -21.69
CA GLY C 249 6.29 -4.50 -21.09
C GLY C 249 6.25 -3.22 -21.89
N CYS C 250 6.45 -2.09 -21.20
CA CYS C 250 6.33 -0.78 -21.80
C CYS C 250 7.25 0.24 -21.16
N PHE C 251 7.46 1.36 -21.87
CA PHE C 251 8.00 2.58 -21.32
C PHE C 251 6.82 3.53 -21.27
N SER C 252 6.34 3.82 -20.06
CA SER C 252 5.08 4.53 -19.84
C SER C 252 5.15 6.06 -19.93
N LYS C 253 6.34 6.60 -20.17
CA LYS C 253 6.58 8.05 -20.19
C LYS C 253 5.57 8.86 -21.04
N ASP C 254 5.27 8.37 -22.25
CA ASP C 254 4.42 9.08 -23.21
C ASP C 254 2.95 9.20 -22.81
N GLN C 255 2.55 8.54 -21.71
CA GLN C 255 1.23 8.73 -21.13
C GLN C 255 1.06 10.12 -20.52
N VAL C 256 2.19 10.83 -20.31
CA VAL C 256 2.21 12.16 -19.70
C VAL C 256 1.36 13.19 -20.46
N TYR C 257 1.31 13.06 -21.78
CA TYR C 257 0.63 14.03 -22.66
C TYR C 257 -0.85 14.12 -22.36
N LEU C 258 -1.55 12.98 -22.47
CA LEU C 258 -2.99 12.92 -22.20
C LEU C 258 -3.27 13.23 -20.73
N ASP C 259 -2.42 12.68 -19.85
CA ASP C 259 -2.50 12.90 -18.41
C ASP C 259 -2.50 14.40 -18.08
N GLY C 260 -1.55 15.13 -18.68
CA GLY C 260 -1.46 16.58 -18.53
C GLY C 260 -2.64 17.34 -19.10
N ILE C 261 -3.05 16.96 -20.32
CA ILE C 261 -4.18 17.57 -21.02
C ILE C 261 -5.44 17.56 -20.15
N VAL C 262 -5.80 16.36 -19.66
CA VAL C 262 -7.01 16.17 -18.89
C VAL C 262 -7.02 17.05 -17.64
N ARG C 263 -5.89 17.03 -16.91
CA ARG C 263 -5.73 17.77 -15.68
C ARG C 263 -5.83 19.28 -15.87
N ILE C 264 -5.13 19.81 -16.89
CA ILE C 264 -5.15 21.23 -17.19
C ILE C 264 -6.53 21.71 -17.63
N LEU C 265 -7.19 20.91 -18.48
CA LEU C 265 -8.53 21.24 -18.97
C LEU C 265 -9.54 21.23 -17.82
N ARG C 266 -9.45 20.21 -16.96
CA ARG C 266 -10.26 20.10 -15.75
C ARG C 266 -10.19 21.37 -14.87
N HIS C 267 -8.98 21.91 -14.72
CA HIS C 267 -8.71 23.04 -13.82
C HIS C 267 -8.48 24.38 -14.53
N ARG C 268 -8.81 24.44 -15.83
CA ARG C 268 -8.51 25.61 -16.67
C ARG C 268 -9.12 26.92 -16.11
N GLN C 269 -10.29 26.81 -15.47
CA GLN C 269 -11.04 27.95 -14.96
C GLN C 269 -10.34 28.65 -13.79
N THR C 270 -9.50 27.91 -13.04
CA THR C 270 -8.75 28.44 -11.90
C THR C 270 -7.27 28.72 -12.20
N ILE C 271 -6.79 28.29 -13.37
CA ILE C 271 -5.41 28.50 -13.82
C ILE C 271 -5.24 29.85 -14.52
N ASP C 272 -4.20 30.59 -14.15
CA ASP C 272 -3.76 31.80 -14.84
C ASP C 272 -2.65 31.40 -15.80
N PHE C 273 -3.00 31.26 -17.08
CA PHE C 273 -2.12 30.68 -18.10
C PHE C 273 -0.89 31.53 -18.45
N PRO C 274 -1.04 32.88 -18.58
CA PRO C 274 0.14 33.75 -18.69
C PRO C 274 1.11 33.60 -17.52
N LEU C 275 0.58 33.69 -16.30
CA LEU C 275 1.35 33.54 -15.07
C LEU C 275 2.03 32.18 -14.99
N LEU C 276 1.27 31.13 -15.36
CA LEU C 276 1.77 29.75 -15.38
C LEU C 276 2.99 29.58 -16.29
N THR C 277 2.96 30.26 -17.44
CA THR C 277 4.09 30.25 -18.38
C THR C 277 5.24 31.13 -17.87
N SER C 278 4.90 32.29 -17.31
CA SER C 278 5.87 33.26 -16.78
C SER C 278 6.72 32.73 -15.62
N LEU C 279 6.14 31.84 -14.80
CA LEU C 279 6.82 31.28 -13.63
C LEU C 279 7.83 30.18 -13.97
N GLY C 280 7.81 29.70 -15.21
CA GLY C 280 8.76 28.71 -15.69
C GLY C 280 8.26 27.29 -15.57
N LYS C 281 9.19 26.36 -15.33
CA LYS C 281 8.92 24.92 -15.28
C LYS C 281 8.20 24.49 -14.00
N VAL C 282 6.98 25.00 -13.82
CA VAL C 282 6.20 24.79 -12.60
C VAL C 282 4.85 24.11 -12.88
N SER C 283 4.39 23.34 -11.89
CA SER C 283 3.07 22.71 -11.90
C SER C 283 1.97 23.78 -11.78
N TYR C 284 0.81 23.50 -12.39
CA TYR C 284 -0.34 24.40 -12.32
C TYR C 284 -0.82 24.56 -10.87
N GLU C 285 -0.53 23.55 -10.04
CA GLU C 285 -0.85 23.55 -8.63
C GLU C 285 0.02 24.49 -7.78
N ASP C 286 1.22 24.81 -8.27
CA ASP C 286 2.19 25.65 -7.55
C ASP C 286 2.05 27.16 -7.81
N VAL C 287 1.11 27.54 -8.69
CA VAL C 287 1.02 28.93 -9.17
C VAL C 287 0.80 29.94 -8.04
N ASP C 288 -0.17 29.65 -7.16
CA ASP C 288 -0.48 30.51 -6.02
C ASP C 288 0.65 30.54 -4.98
N HIS C 289 1.27 29.38 -4.77
CA HIS C 289 2.43 29.22 -3.90
C HIS C 289 3.62 30.09 -4.34
N LEU C 290 3.88 30.11 -5.65
CA LEU C 290 5.08 30.72 -6.23
C LEU C 290 4.89 32.17 -6.71
N ARG C 291 3.64 32.57 -6.94
CA ARG C 291 3.32 33.90 -7.44
C ARG C 291 4.02 35.01 -6.65
N PRO C 292 3.98 35.00 -5.30
CA PRO C 292 4.65 36.06 -4.53
C PRO C 292 6.17 36.14 -4.72
N HIS C 293 6.81 35.03 -5.13
CA HIS C 293 8.26 34.92 -5.24
C HIS C 293 8.80 34.92 -6.67
N GLY C 294 7.91 35.02 -7.66
CA GLY C 294 8.29 35.07 -9.05
C GLY C 294 8.77 36.46 -9.46
N VAL C 295 9.80 36.50 -10.32
CA VAL C 295 10.27 37.74 -10.94
C VAL C 295 9.77 37.80 -12.38
N LEU C 296 8.82 38.72 -12.64
CA LEU C 296 8.00 38.71 -13.84
C LEU C 296 8.20 39.91 -14.77
N ASP C 297 9.26 40.69 -14.52
CA ASP C 297 9.53 41.90 -15.29
C ASP C 297 9.75 41.57 -16.76
N ASN C 298 10.74 40.71 -17.01
CA ASN C 298 11.16 40.36 -18.38
C ASN C 298 10.94 38.88 -18.70
N THR C 299 9.79 38.34 -18.28
CA THR C 299 9.36 37.00 -18.64
C THR C 299 8.49 37.09 -19.89
N ARG C 300 8.63 36.09 -20.77
CA ARG C 300 7.92 36.05 -22.05
C ARG C 300 6.71 35.12 -22.01
N VAL C 301 5.57 35.64 -22.48
CA VAL C 301 4.34 34.88 -22.70
C VAL C 301 4.22 34.64 -24.20
N PRO C 302 3.88 33.40 -24.66
CA PRO C 302 3.77 33.14 -26.09
C PRO C 302 2.75 34.03 -26.80
N HIS C 303 2.99 34.28 -28.09
CA HIS C 303 2.18 35.20 -28.91
C HIS C 303 0.71 34.78 -28.96
N PHE C 304 0.47 33.46 -28.97
CA PHE C 304 -0.88 32.89 -29.06
C PHE C 304 -1.73 33.04 -27.78
N MET C 305 -1.11 33.58 -26.72
CA MET C 305 -1.77 33.79 -25.43
C MET C 305 -2.11 35.28 -25.19
N GLN C 306 -1.69 36.16 -26.11
CA GLN C 306 -1.88 37.62 -25.96
C GLN C 306 -3.35 38.02 -25.97
N ASP C 307 -4.09 37.49 -26.95
CA ASP C 307 -5.55 37.53 -26.99
C ASP C 307 -6.04 36.36 -26.12
N LEU C 308 -6.20 36.65 -24.82
CA LEU C 308 -6.46 35.63 -23.81
C LEU C 308 -7.89 35.12 -23.89
N ALA C 309 -8.83 36.02 -24.20
CA ALA C 309 -10.22 35.66 -24.44
C ALA C 309 -10.32 34.57 -25.50
N ARG C 310 -9.59 34.75 -26.61
CA ARG C 310 -9.55 33.79 -27.71
C ARG C 310 -8.86 32.48 -27.29
N TYR C 311 -7.79 32.60 -26.51
CA TYR C 311 -7.04 31.45 -26.00
C TYR C 311 -7.97 30.51 -25.23
N ARG C 312 -8.82 31.07 -24.37
CA ARG C 312 -9.75 30.30 -23.55
C ARG C 312 -10.84 29.64 -24.38
N GLN C 313 -11.33 30.37 -25.41
CA GLN C 313 -12.29 29.83 -26.38
C GLN C 313 -11.72 28.60 -27.07
N GLN C 314 -10.43 28.68 -27.47
CA GLN C 314 -9.73 27.56 -28.09
C GLN C 314 -9.70 26.33 -27.20
N LEU C 315 -9.47 26.53 -25.90
CA LEU C 315 -9.43 25.44 -24.93
C LEU C 315 -10.79 24.75 -24.81
N GLU C 316 -11.87 25.56 -24.80
CA GLU C 316 -13.25 25.06 -24.83
C GLU C 316 -13.49 24.24 -26.09
N HIS C 317 -13.04 24.76 -27.23
CA HIS C 317 -13.16 24.12 -28.53
C HIS C 317 -12.41 22.78 -28.56
N ILE C 318 -11.25 22.74 -27.89
CA ILE C 318 -10.44 21.53 -27.79
C ILE C 318 -11.13 20.45 -26.98
N MET C 319 -11.79 20.85 -25.88
CA MET C 319 -12.55 19.91 -25.05
C MET C 319 -13.71 19.33 -25.84
N ALA C 320 -14.57 20.22 -26.38
CA ALA C 320 -15.71 19.83 -27.17
C ALA C 320 -15.30 18.80 -28.22
N THR C 321 -14.31 19.17 -29.04
CA THR C 321 -13.82 18.33 -30.12
C THR C 321 -13.41 16.95 -29.64
N ASN C 322 -12.74 16.86 -28.49
CA ASN C 322 -12.17 15.61 -27.98
C ASN C 322 -13.07 14.82 -27.03
N ARG C 323 -14.34 15.22 -26.92
CA ARG C 323 -15.33 14.57 -26.06
C ARG C 323 -14.90 14.58 -24.60
N LEU C 324 -14.39 15.73 -24.15
CA LEU C 324 -13.97 15.96 -22.78
C LEU C 324 -14.74 17.15 -22.22
N ASP C 325 -16.07 17.03 -22.16
CA ASP C 325 -16.94 18.11 -21.67
C ASP C 325 -16.78 18.30 -20.15
N GLU C 326 -17.14 19.50 -19.68
CA GLU C 326 -16.94 19.93 -18.28
C GLU C 326 -17.45 18.92 -17.27
N ALA C 327 -18.69 18.47 -17.47
CA ALA C 327 -19.36 17.51 -16.60
C ALA C 327 -18.56 16.23 -16.42
N GLU C 328 -18.00 15.72 -17.53
CA GLU C 328 -17.20 14.50 -17.52
C GLU C 328 -15.88 14.67 -16.78
N LEU C 329 -15.20 15.81 -17.02
CA LEU C 329 -13.99 16.16 -16.28
C LEU C 329 -14.28 16.31 -14.79
N GLY C 330 -15.43 16.90 -14.46
CA GLY C 330 -15.91 17.04 -13.10
C GLY C 330 -16.03 15.73 -12.35
N ARG C 331 -16.64 14.72 -12.99
CA ARG C 331 -16.78 13.38 -12.42
C ARG C 331 -15.44 12.63 -12.36
N LEU C 332 -14.61 12.83 -13.39
CA LEU C 332 -13.29 12.20 -13.51
C LEU C 332 -12.38 12.59 -12.34
N LEU C 333 -12.35 13.89 -12.03
CA LEU C 333 -11.54 14.45 -10.96
C LEU C 333 -12.41 15.36 -10.09
N PRO C 334 -13.17 14.79 -9.10
CA PRO C 334 -14.03 15.60 -8.24
C PRO C 334 -13.27 16.62 -7.38
N VAL D 5 18.62 24.24 7.36
CA VAL D 5 18.74 25.73 7.31
C VAL D 5 17.46 26.38 6.75
N ALA D 6 16.89 25.78 5.71
CA ALA D 6 15.62 26.26 5.14
C ALA D 6 14.42 25.98 6.08
N LEU D 7 14.50 24.86 6.81
CA LEU D 7 13.47 24.41 7.73
C LEU D 7 13.80 24.65 9.20
N ARG D 8 14.80 25.48 9.46
CA ARG D 8 15.14 25.93 10.80
C ARG D 8 14.18 27.07 11.14
N PRO D 9 13.27 26.89 12.12
CA PRO D 9 12.27 27.92 12.42
C PRO D 9 12.88 29.29 12.69
N THR D 10 12.27 30.33 12.13
CA THR D 10 12.75 31.70 12.29
C THR D 10 12.53 32.24 13.71
N ASN D 11 11.64 31.59 14.47
CA ASN D 11 11.32 31.96 15.84
C ASN D 11 11.69 30.89 16.87
N MET D 12 12.73 30.09 16.56
CA MET D 12 13.10 28.93 17.35
C MET D 12 13.47 29.29 18.80
N ASP D 13 14.20 30.40 18.97
CA ASP D 13 14.65 30.86 20.29
C ASP D 13 13.50 31.32 21.17
N ARG D 14 12.61 32.16 20.63
CA ARG D 14 11.45 32.66 21.36
C ARG D 14 10.49 31.54 21.77
N GLU D 15 10.41 30.48 20.95
CA GLU D 15 9.58 29.32 21.24
C GLU D 15 10.25 28.37 22.22
N ARG D 16 11.60 28.34 22.22
CA ARG D 16 12.37 27.54 23.16
C ARG D 16 12.24 28.08 24.58
N ASP D 17 12.44 29.40 24.74
CA ASP D 17 12.27 30.07 26.02
C ASP D 17 10.85 29.85 26.56
N LYS D 18 9.84 29.99 25.68
CA LYS D 18 8.45 29.70 26.00
C LYS D 18 8.28 28.28 26.54
N PHE D 19 8.85 27.31 25.80
CA PHE D 19 8.76 25.89 26.13
C PHE D 19 9.39 25.56 27.48
N PHE D 20 10.63 26.01 27.68
CA PHE D 20 11.38 25.80 28.90
C PHE D 20 10.69 26.46 30.10
N GLN D 21 10.32 27.74 29.93
CA GLN D 21 9.69 28.53 30.98
C GLN D 21 8.30 28.03 31.42
N SER D 22 7.65 27.25 30.56
CA SER D 22 6.37 26.59 30.88
C SER D 22 6.56 25.21 31.50
N HIS D 23 7.83 24.85 31.77
CA HIS D 23 8.23 23.53 32.25
C HIS D 23 7.77 22.43 31.29
N TYR D 24 8.05 22.65 29.99
CA TYR D 24 7.91 21.66 28.92
C TYR D 24 6.47 21.24 28.60
N THR D 25 5.49 22.08 28.98
CA THR D 25 4.07 21.81 28.74
C THR D 25 3.53 22.52 27.48
N TYR D 26 4.18 23.64 27.11
CA TYR D 26 3.82 24.43 25.94
C TYR D 26 4.16 23.67 24.65
N ASN D 27 3.32 23.84 23.63
CA ASN D 27 3.57 23.31 22.29
C ASN D 27 4.08 24.43 21.40
N PRO D 28 5.37 24.37 20.95
CA PRO D 28 5.92 25.38 20.05
C PRO D 28 5.07 25.65 18.81
N GLN D 29 4.81 26.93 18.54
CA GLN D 29 4.16 27.40 17.31
C GLN D 29 5.23 28.03 16.43
N PHE D 30 5.90 27.19 15.64
CA PHE D 30 7.00 27.61 14.78
C PHE D 30 6.53 28.37 13.55
N GLU D 31 7.40 29.25 13.06
CA GLU D 31 7.20 29.99 11.82
C GLU D 31 8.49 29.91 11.01
N TYR D 32 8.37 30.02 9.68
CA TYR D 32 9.46 29.77 8.76
C TYR D 32 9.60 30.86 7.71
N GLN D 33 10.78 30.88 7.07
CA GLN D 33 11.08 31.78 5.97
C GLN D 33 10.26 31.35 4.75
N GLU D 34 9.45 32.27 4.22
CA GLU D 34 8.58 32.01 3.09
C GLU D 34 9.36 31.88 1.78
N PRO D 35 8.93 31.00 0.84
CA PRO D 35 7.81 30.10 1.04
C PRO D 35 8.27 28.81 1.72
N MET D 36 7.32 28.04 2.26
CA MET D 36 7.63 26.74 2.82
C MET D 36 7.89 25.75 1.68
N PRO D 37 8.87 24.84 1.81
CA PRO D 37 9.17 23.88 0.74
C PRO D 37 8.14 22.74 0.70
N THR D 38 6.92 23.07 0.25
CA THR D 38 5.75 22.18 0.35
C THR D 38 6.04 20.77 -0.17
N ALA D 39 6.66 20.70 -1.35
CA ALA D 39 6.98 19.44 -2.02
C ALA D 39 7.87 18.54 -1.16
N VAL D 40 8.88 19.13 -0.51
CA VAL D 40 9.84 18.38 0.29
C VAL D 40 9.24 17.95 1.64
N LEU D 41 8.39 18.81 2.22
CA LEU D 41 7.61 18.49 3.42
C LEU D 41 6.72 17.27 3.19
N GLU D 42 5.99 17.28 2.07
CA GLU D 42 5.10 16.19 1.68
C GLU D 42 5.85 14.89 1.40
N LYS D 43 7.05 15.00 0.81
CA LYS D 43 7.89 13.85 0.50
C LYS D 43 8.35 13.12 1.77
N TYR D 44 8.58 13.87 2.84
CA TYR D 44 9.09 13.35 4.11
C TYR D 44 8.07 13.53 5.25
N CYS D 45 6.78 13.39 4.94
CA CYS D 45 5.70 13.59 5.92
C CYS D 45 5.35 12.33 6.71
N GLU D 46 5.80 11.18 6.21
CA GLU D 46 5.55 9.88 6.85
C GLU D 46 6.84 9.25 7.33
N ALA D 47 6.84 8.78 8.58
CA ALA D 47 7.98 8.10 9.20
C ALA D 47 7.92 6.61 8.93
N SER D 48 9.09 5.98 8.87
CA SER D 48 9.23 4.53 8.72
C SER D 48 9.54 3.90 10.08
N GLY D 49 9.18 2.62 10.22
CA GLY D 49 9.49 1.84 11.40
C GLY D 49 10.28 0.59 11.07
N GLN D 50 10.85 0.54 9.86
CA GLN D 50 11.56 -0.65 9.38
C GLN D 50 12.72 -1.04 10.30
N PHE D 51 13.45 -0.03 10.80
CA PHE D 51 14.63 -0.25 11.63
C PHE D 51 14.51 0.32 13.05
N ILE D 52 13.26 0.51 13.51
CA ILE D 52 12.99 1.12 14.81
C ILE D 52 13.58 0.32 15.98
N HIS D 53 13.57 -1.01 15.87
CA HIS D 53 14.10 -1.92 16.89
C HIS D 53 15.63 -1.94 16.91
N GLN D 54 16.24 -1.59 15.77
CA GLN D 54 17.68 -1.47 15.67
C GLN D 54 18.11 -0.18 16.37
N ALA D 55 17.36 0.90 16.10
CA ALA D 55 17.57 2.20 16.71
C ALA D 55 17.55 2.09 18.24
N VAL D 56 16.45 1.53 18.75
CA VAL D 56 16.27 1.31 20.18
C VAL D 56 17.36 0.39 20.74
N GLY D 57 17.75 -0.62 19.95
CA GLY D 57 18.84 -1.52 20.29
C GLY D 57 20.15 -0.77 20.56
N ILE D 58 20.46 0.20 19.69
CA ILE D 58 21.68 0.98 19.78
C ILE D 58 21.64 1.93 21.00
N ILE D 59 20.50 2.61 21.16
CA ILE D 59 20.27 3.55 22.24
C ILE D 59 20.42 2.86 23.61
N GLU D 60 19.75 1.72 23.77
CA GLU D 60 19.80 0.95 25.02
C GLU D 60 21.21 0.42 25.30
N ALA D 61 21.91 -0.02 24.24
CA ALA D 61 23.28 -0.49 24.37
C ALA D 61 24.22 0.58 24.94
N VAL D 62 24.01 1.84 24.52
CA VAL D 62 24.77 2.98 25.00
C VAL D 62 24.49 3.21 26.48
N LEU D 63 23.20 3.31 26.84
CA LEU D 63 22.78 3.59 28.20
C LEU D 63 23.12 2.47 29.18
N GLU D 64 23.23 1.23 28.68
CA GLU D 64 23.67 0.08 29.47
C GLU D 64 25.15 0.20 29.85
N LYS D 65 25.96 0.67 28.90
CA LYS D 65 27.40 0.78 29.07
C LYS D 65 27.85 2.07 29.76
N PHE D 66 27.12 3.17 29.51
CA PHE D 66 27.50 4.50 29.98
C PHE D 66 26.50 5.12 30.97
N GLY D 67 25.38 4.44 31.22
CA GLY D 67 24.39 4.88 32.19
C GLY D 67 23.50 5.98 31.67
N THR D 68 24.11 7.13 31.35
CA THR D 68 23.41 8.28 30.77
C THR D 68 24.08 8.76 29.50
N TYR D 69 23.36 9.59 28.75
CA TYR D 69 23.93 10.24 27.57
C TYR D 69 25.02 11.23 28.01
N GLU D 70 24.75 11.97 29.09
CA GLU D 70 25.68 12.94 29.64
C GLU D 70 27.08 12.35 29.79
N HIS D 71 27.18 11.16 30.39
CA HIS D 71 28.47 10.48 30.57
C HIS D 71 29.03 9.94 29.24
N PHE D 72 28.14 9.40 28.40
CA PHE D 72 28.53 8.94 27.06
C PHE D 72 29.22 10.05 26.28
N GLU D 73 28.57 11.22 26.23
CA GLU D 73 29.08 12.41 25.57
C GLU D 73 30.50 12.76 26.00
N ALA D 74 30.69 12.93 27.31
CA ALA D 74 31.95 13.35 27.89
C ALA D 74 33.04 12.29 27.79
N ALA D 75 32.67 11.02 27.99
CA ALA D 75 33.62 9.92 27.94
C ALA D 75 34.13 9.63 26.53
N THR D 76 33.23 9.61 25.55
CA THR D 76 33.53 9.22 24.17
C THR D 76 33.82 10.40 23.24
N GLY D 77 33.18 11.55 23.51
CA GLY D 77 33.30 12.74 22.68
C GLY D 77 34.63 13.46 22.78
N GLY D 78 35.26 13.40 23.96
CA GLY D 78 36.52 14.10 24.18
C GLY D 78 36.26 15.48 24.72
N GLN D 79 37.30 16.32 24.73
CA GLN D 79 37.21 17.64 25.35
C GLN D 79 36.36 18.61 24.56
N LEU D 80 35.70 19.55 25.23
CA LEU D 80 35.06 20.69 24.57
C LEU D 80 36.16 21.52 23.92
N LEU D 81 35.91 21.98 22.70
CA LEU D 81 36.89 22.69 21.89
C LEU D 81 36.62 24.19 21.87
N THR D 82 37.71 24.97 21.92
CA THR D 82 37.70 26.40 21.60
C THR D 82 37.72 26.56 20.09
N LYS D 83 37.46 27.79 19.63
CA LYS D 83 37.49 28.12 18.20
C LYS D 83 38.84 27.77 17.59
N CYS D 84 39.90 28.18 18.29
CA CYS D 84 41.29 27.90 17.92
C CYS D 84 41.55 26.43 17.66
N GLN D 85 41.07 25.58 18.57
CA GLN D 85 41.24 24.13 18.49
C GLN D 85 40.47 23.52 17.33
N ILE D 86 39.26 24.04 17.09
CA ILE D 86 38.44 23.62 15.95
C ILE D 86 39.20 23.87 14.63
N TRP D 87 39.64 25.13 14.42
CA TRP D 87 40.41 25.51 13.24
C TRP D 87 41.64 24.62 13.04
N SER D 88 42.35 24.35 14.15
CA SER D 88 43.56 23.55 14.14
C SER D 88 43.28 22.13 13.63
N ILE D 89 42.24 21.50 14.17
CA ILE D 89 41.84 20.14 13.81
C ILE D 89 41.39 20.08 12.35
N VAL D 90 40.64 21.10 11.92
CA VAL D 90 40.14 21.18 10.55
C VAL D 90 41.30 21.31 9.57
N ARG D 91 42.21 22.25 9.84
CA ARG D 91 43.38 22.47 8.99
C ARG D 91 44.22 21.21 8.84
N LYS D 92 44.46 20.51 9.95
CA LYS D 92 45.20 19.23 9.94
C LYS D 92 44.48 18.20 9.07
N TYR D 93 43.14 18.18 9.15
CA TYR D 93 42.33 17.23 8.38
C TYR D 93 42.40 17.49 6.88
N MET D 94 42.17 18.75 6.48
CA MET D 94 42.20 19.15 5.06
C MET D 94 43.51 18.75 4.38
N GLN D 95 44.63 18.96 5.09
CA GLN D 95 45.96 18.59 4.60
C GLN D 95 46.11 17.08 4.48
N LYS D 96 45.60 16.35 5.48
CA LYS D 96 45.59 14.89 5.51
C LYS D 96 44.81 14.31 4.33
N GLU D 97 43.74 15.01 3.93
CA GLU D 97 42.83 14.58 2.87
C GLU D 97 43.23 15.11 1.49
N GLY D 98 44.23 16.00 1.46
CA GLY D 98 44.78 16.56 0.24
C GLY D 98 43.92 17.63 -0.40
N CYS D 99 42.92 18.13 0.34
CA CYS D 99 41.99 19.14 -0.17
C CYS D 99 42.12 20.46 0.60
N ALA D 100 43.35 20.80 0.98
CA ALA D 100 43.66 22.04 1.66
C ALA D 100 43.35 23.23 0.76
N GLY D 101 42.59 24.20 1.29
CA GLY D 101 42.29 25.45 0.61
C GLY D 101 41.14 25.42 -0.38
N GLU D 102 40.43 24.30 -0.44
CA GLU D 102 39.32 24.11 -1.38
C GLU D 102 37.96 24.47 -0.78
N VAL D 103 37.83 24.34 0.54
CA VAL D 103 36.59 24.61 1.25
C VAL D 103 36.74 25.79 2.22
N VAL D 104 35.76 26.70 2.20
CA VAL D 104 35.64 27.75 3.19
C VAL D 104 35.11 27.14 4.47
N VAL D 105 35.70 27.51 5.61
CA VAL D 105 35.26 27.05 6.92
C VAL D 105 34.65 28.22 7.67
N GLN D 106 33.46 28.02 8.24
CA GLN D 106 32.78 29.00 9.08
C GLN D 106 32.38 28.41 10.42
N LEU D 107 32.36 29.26 11.44
CA LEU D 107 31.95 28.86 12.79
C LEU D 107 30.66 29.58 13.16
N SER D 108 29.67 28.81 13.63
CA SER D 108 28.35 29.31 13.98
C SER D 108 27.82 28.67 15.27
N GLU D 109 26.88 29.36 15.92
CA GLU D 109 26.23 28.91 17.15
C GLU D 109 24.80 28.38 16.91
N ASP D 110 24.25 28.73 15.74
CA ASP D 110 22.85 28.50 15.41
C ASP D 110 22.64 27.36 14.40
N LEU D 111 23.31 26.22 14.63
CA LEU D 111 23.14 25.01 13.81
C LEU D 111 22.43 23.90 14.57
N LEU D 112 21.47 23.25 13.92
CA LEU D 112 20.74 22.11 14.49
C LEU D 112 21.57 20.82 14.45
N SER D 113 22.72 20.86 13.78
CA SER D 113 23.67 19.75 13.75
C SER D 113 25.08 20.23 14.08
N GLN D 114 26.01 19.27 14.15
CA GLN D 114 27.42 19.54 14.42
C GLN D 114 28.00 20.42 13.32
N ALA D 115 27.69 20.06 12.06
CA ALA D 115 28.16 20.78 10.89
C ALA D 115 27.31 20.47 9.65
N VAL D 116 27.26 21.45 8.74
CA VAL D 116 26.57 21.32 7.46
C VAL D 116 27.45 21.83 6.31
N MET D 117 27.63 20.97 5.30
CA MET D 117 28.31 21.31 4.06
C MET D 117 27.29 22.02 3.16
N MET D 118 27.69 23.17 2.61
CA MET D 118 26.81 24.00 1.79
C MET D 118 27.46 24.35 0.46
N VAL D 119 26.74 25.12 -0.37
CA VAL D 119 27.24 25.67 -1.62
C VAL D 119 26.89 27.16 -1.72
N GLU D 120 27.62 27.98 -0.96
CA GLU D 120 27.49 29.45 -0.97
C GLU D 120 28.40 30.02 -2.06
N ASN D 121 27.86 30.98 -2.85
CA ASN D 121 28.57 31.59 -3.96
C ASN D 121 29.06 30.57 -5.00
N SER D 122 28.24 29.53 -5.23
CA SER D 122 28.56 28.39 -6.11
C SER D 122 29.85 27.67 -5.71
N ARG D 123 30.18 27.70 -4.40
CA ARG D 123 31.43 27.16 -3.87
C ARG D 123 31.23 26.49 -2.52
N PRO D 124 31.95 25.39 -2.21
CA PRO D 124 31.74 24.64 -0.97
C PRO D 124 32.04 25.48 0.28
N THR D 125 31.17 25.37 1.27
CA THR D 125 31.31 26.04 2.56
C THR D 125 30.94 25.06 3.69
N LEU D 126 31.88 24.83 4.60
CA LEU D 126 31.68 23.98 5.77
C LEU D 126 31.41 24.85 7.00
N ALA D 127 30.16 24.81 7.48
CA ALA D 127 29.75 25.54 8.68
C ALA D 127 29.79 24.57 9.85
N ILE D 128 30.60 24.90 10.87
CA ILE D 128 30.79 24.07 12.06
C ILE D 128 30.16 24.76 13.27
N ASN D 129 29.38 23.97 14.03
CA ASN D 129 28.76 24.45 15.26
C ASN D 129 29.81 24.49 16.36
N LEU D 130 30.15 25.69 16.82
CA LEU D 130 31.12 25.86 17.91
C LEU D 130 30.51 25.49 19.27
N THR D 131 29.18 25.61 19.39
CA THR D 131 28.45 25.25 20.60
C THR D 131 28.44 23.74 20.82
N GLY D 132 29.20 23.31 21.83
CA GLY D 132 29.27 21.92 22.26
C GLY D 132 30.23 21.06 21.47
N ALA D 133 31.15 21.69 20.72
CA ALA D 133 32.06 20.98 19.83
C ALA D 133 33.06 20.20 20.68
N ARG D 134 33.29 18.93 20.31
CA ARG D 134 34.18 18.04 21.03
C ARG D 134 35.21 17.37 20.13
N GLN D 135 36.36 17.05 20.71
CA GLN D 135 37.53 16.61 19.97
C GLN D 135 37.30 15.40 19.04
N TYR D 136 36.90 14.27 19.60
CA TYR D 136 36.75 13.02 18.82
C TYR D 136 35.50 13.02 17.94
N TRP D 137 34.52 13.88 18.29
CA TRP D 137 33.28 14.01 17.51
C TRP D 137 33.43 14.95 16.31
N LEU D 138 34.24 16.00 16.47
CA LEU D 138 34.65 16.87 15.37
C LEU D 138 35.46 16.10 14.31
N GLU D 139 36.40 15.27 14.73
CA GLU D 139 37.20 14.46 13.80
C GLU D 139 36.31 13.57 12.94
N GLY D 140 35.28 12.98 13.57
CA GLY D 140 34.27 12.18 12.92
C GLY D 140 33.45 12.99 11.92
N MET D 141 33.03 14.19 12.33
CA MET D 141 32.28 15.13 11.48
C MET D 141 33.04 15.41 10.18
N LEU D 142 34.35 15.63 10.30
CA LEU D 142 35.21 15.89 9.14
C LEU D 142 35.30 14.66 8.23
N ARG D 143 35.31 13.46 8.80
CA ARG D 143 35.30 12.23 8.01
C ARG D 143 33.97 12.06 7.27
N HIS D 144 32.89 12.56 7.89
CA HIS D 144 31.54 12.57 7.33
C HIS D 144 31.43 13.61 6.21
N GLU D 145 31.64 14.89 6.57
CA GLU D 145 31.36 16.03 5.69
C GLU D 145 32.41 16.20 4.59
N ILE D 146 33.68 15.94 4.91
CA ILE D 146 34.79 16.10 3.96
C ILE D 146 35.22 14.78 3.37
N GLY D 147 35.51 13.80 4.24
CA GLY D 147 35.94 12.47 3.83
C GLY D 147 34.96 11.73 2.95
N THR D 148 33.66 12.04 3.10
CA THR D 148 32.60 11.40 2.33
C THR D 148 31.90 12.39 1.38
N HIS D 149 31.08 13.31 1.91
CA HIS D 149 30.27 14.20 1.10
C HIS D 149 31.09 15.00 0.08
N TYR D 150 32.17 15.64 0.56
CA TYR D 150 32.99 16.49 -0.30
C TYR D 150 33.76 15.71 -1.36
N LEU D 151 34.45 14.64 -0.95
CA LEU D 151 35.22 13.80 -1.87
C LEU D 151 34.34 13.13 -2.92
N ARG D 152 33.18 12.61 -2.50
CA ARG D 152 32.19 12.06 -3.42
C ARG D 152 31.76 13.14 -4.43
N GLY D 153 31.49 14.36 -3.95
CA GLY D 153 31.10 15.49 -4.76
C GLY D 153 32.11 15.86 -5.84
N VAL D 154 33.39 15.94 -5.46
CA VAL D 154 34.48 16.26 -6.37
C VAL D 154 34.72 15.16 -7.40
N ASN D 155 34.64 13.91 -6.95
CA ASN D 155 34.73 12.74 -7.84
C ASN D 155 33.58 12.71 -8.84
N ASN D 156 32.38 13.01 -8.35
CA ASN D 156 31.15 13.04 -9.15
C ASN D 156 31.18 14.10 -10.25
N ALA D 157 31.83 15.23 -9.97
CA ALA D 157 31.96 16.34 -10.92
C ALA D 157 32.77 15.94 -12.15
N ARG D 158 33.65 14.95 -11.98
CA ARG D 158 34.48 14.41 -13.06
C ARG D 158 33.80 13.33 -13.90
N GLN D 159 32.61 12.87 -13.49
CA GLN D 159 31.91 11.76 -14.13
C GLN D 159 30.88 12.17 -15.15
N PRO D 160 30.51 11.30 -16.12
CA PRO D 160 29.45 11.60 -17.08
C PRO D 160 28.10 11.94 -16.47
N TRP D 161 27.86 11.45 -15.24
CA TRP D 161 26.61 11.69 -14.50
C TRP D 161 26.77 12.81 -13.47
N HIS D 162 27.53 13.85 -13.85
CA HIS D 162 27.86 14.96 -12.96
C HIS D 162 26.72 15.95 -12.78
N ASN D 163 25.72 15.89 -13.66
CA ASN D 163 24.52 16.72 -13.56
C ASN D 163 23.25 15.88 -13.76
N ALA D 164 22.09 16.55 -13.63
CA ALA D 164 20.78 15.89 -13.71
C ALA D 164 20.62 15.02 -14.96
N GLU D 165 20.93 15.60 -16.13
CA GLU D 165 20.86 14.90 -17.42
C GLU D 165 21.72 13.63 -17.41
N GLY D 166 22.95 13.76 -16.91
CA GLY D 166 23.89 12.67 -16.81
C GLY D 166 23.39 11.52 -15.94
N ARG D 167 22.69 11.86 -14.85
CA ARG D 167 22.08 10.88 -13.96
C ARG D 167 21.00 10.08 -14.70
N LEU D 168 20.12 10.79 -15.41
CA LEU D 168 19.06 10.20 -16.23
C LEU D 168 19.64 9.29 -17.29
N ARG D 169 20.56 9.83 -18.09
CA ARG D 169 21.17 9.13 -19.21
C ARG D 169 21.83 7.81 -18.79
N TYR D 170 22.53 7.83 -17.65
CA TYR D 170 23.23 6.66 -17.14
C TYR D 170 22.40 5.82 -16.15
N GLY D 171 21.16 6.27 -15.91
CA GLY D 171 20.16 5.52 -15.17
C GLY D 171 20.56 5.28 -13.72
N LEU D 172 20.83 6.37 -13.00
CA LEU D 172 21.29 6.31 -11.63
C LEU D 172 20.14 6.30 -10.65
N ARG D 173 20.21 5.39 -9.67
CA ARG D 173 19.37 5.44 -8.49
C ARG D 173 19.79 6.65 -7.66
N PRO D 174 18.91 7.18 -6.78
CA PRO D 174 19.29 8.28 -5.89
C PRO D 174 20.56 8.01 -5.09
N ALA D 175 21.30 9.08 -4.78
CA ALA D 175 22.56 8.99 -4.03
C ALA D 175 22.28 8.49 -2.60
N ASN D 176 21.19 8.98 -1.99
CA ASN D 176 20.73 8.49 -0.70
C ASN D 176 19.91 7.21 -0.87
N PRO D 177 19.89 6.30 0.13
CA PRO D 177 20.55 6.50 1.42
C PRO D 177 22.04 6.10 1.49
N THR D 178 22.62 5.69 0.37
CA THR D 178 24.03 5.30 0.32
C THR D 178 24.96 6.41 0.80
N GLU D 179 24.64 7.66 0.43
CA GLU D 179 25.47 8.82 0.74
C GLU D 179 25.61 9.04 2.27
N GLU D 180 24.48 9.23 2.95
CA GLU D 180 24.45 9.53 4.37
C GLU D 180 24.73 8.31 5.24
N GLY D 181 24.49 7.12 4.69
CA GLY D 181 24.85 5.88 5.34
C GLY D 181 26.35 5.72 5.42
N LEU D 182 27.04 5.96 4.31
CA LEU D 182 28.49 5.91 4.23
C LEU D 182 29.12 6.98 5.14
N ALA D 183 28.55 8.18 5.10
CA ALA D 183 29.02 9.32 5.88
C ALA D 183 28.91 9.06 7.39
N SER D 184 27.81 8.41 7.81
CA SER D 184 27.55 8.08 9.22
C SER D 184 28.48 6.98 9.75
N LEU D 185 28.73 5.96 8.93
CA LEU D 185 29.69 4.92 9.27
C LEU D 185 31.08 5.51 9.44
N HIS D 186 31.42 6.47 8.57
CA HIS D 186 32.73 7.10 8.57
C HIS D 186 32.95 8.04 9.76
N SER D 187 31.86 8.59 10.31
CA SER D 187 31.93 9.49 11.46
C SER D 187 32.41 8.74 12.72
N VAL D 188 32.00 7.48 12.86
CA VAL D 188 32.35 6.66 14.02
C VAL D 188 33.51 5.69 13.74
N LEU D 189 34.19 5.87 12.61
CA LEU D 189 35.40 5.13 12.30
C LEU D 189 36.43 5.47 13.39
N PHE D 190 37.18 4.45 13.83
CA PHE D 190 38.33 4.59 14.73
C PHE D 190 38.05 4.92 16.19
N ARG D 191 36.77 5.04 16.56
CA ARG D 191 36.38 5.15 17.97
C ARG D 191 36.45 3.77 18.61
N LYS D 192 36.72 3.74 19.92
CA LYS D 192 36.82 2.49 20.69
C LYS D 192 35.44 1.91 21.00
N GLN D 193 34.46 2.79 21.16
CA GLN D 193 33.05 2.45 21.34
C GLN D 193 32.21 3.15 20.28
N PRO D 194 32.24 2.69 19.00
CA PRO D 194 31.59 3.41 17.89
C PRO D 194 30.08 3.19 17.82
N PHE D 195 29.37 3.59 18.89
CA PHE D 195 27.91 3.54 18.93
C PHE D 195 27.36 4.61 18.01
N LEU D 196 26.35 4.23 17.22
CA LEU D 196 25.70 5.13 16.26
C LEU D 196 24.50 5.79 16.92
N TRP D 197 24.77 6.51 18.01
CA TRP D 197 23.77 7.12 18.86
C TRP D 197 22.94 8.13 18.08
N ARG D 198 23.61 9.09 17.43
CA ARG D 198 22.98 10.16 16.67
C ARG D 198 21.98 9.61 15.64
N ALA D 199 22.46 8.66 14.82
CA ALA D 199 21.62 8.02 13.80
C ALA D 199 20.39 7.35 14.41
N ALA D 200 20.61 6.56 15.47
CA ALA D 200 19.58 5.79 16.14
C ALA D 200 18.52 6.68 16.78
N LEU D 201 18.95 7.74 17.47
CA LEU D 201 18.06 8.63 18.19
C LEU D 201 17.24 9.51 17.24
N LEU D 202 17.85 9.93 16.14
CA LEU D 202 17.15 10.65 15.07
C LEU D 202 16.04 9.77 14.49
N TYR D 203 16.38 8.52 14.17
CA TYR D 203 15.43 7.55 13.63
C TYR D 203 14.26 7.36 14.59
N TYR D 204 14.57 7.11 15.87
CA TYR D 204 13.59 6.93 16.93
C TYR D 204 12.68 8.12 17.12
N THR D 205 13.28 9.32 17.19
CA THR D 205 12.56 10.55 17.49
C THR D 205 11.52 10.87 16.41
N ILE D 206 11.89 10.64 15.15
CA ILE D 206 11.01 10.83 14.00
C ILE D 206 9.82 9.88 14.07
N HIS D 207 10.11 8.60 14.36
CA HIS D 207 9.08 7.58 14.52
C HIS D 207 8.00 8.01 15.52
N ARG D 208 8.43 8.53 16.67
CA ARG D 208 7.52 8.98 17.71
C ARG D 208 6.85 10.31 17.35
N ALA D 209 7.60 11.20 16.69
CA ALA D 209 7.11 12.53 16.29
C ALA D 209 5.85 12.42 15.43
N ALA D 210 5.83 11.41 14.55
CA ALA D 210 4.68 11.11 13.68
C ALA D 210 3.39 10.87 14.46
N ARG D 211 3.51 10.35 15.69
CA ARG D 211 2.40 10.02 16.57
C ARG D 211 2.11 11.08 17.65
N MET D 212 3.13 11.88 17.98
CA MET D 212 3.12 12.71 19.18
C MET D 212 3.16 14.21 18.92
N SER D 213 2.63 14.96 19.89
CA SER D 213 2.86 16.40 19.99
C SER D 213 4.30 16.64 20.42
N PHE D 214 4.74 17.91 20.37
CA PHE D 214 6.09 18.29 20.78
C PHE D 214 6.29 17.95 22.25
N ARG D 215 5.34 18.41 23.08
CA ARG D 215 5.28 18.13 24.50
C ARG D 215 5.50 16.65 24.80
N GLN D 216 4.69 15.81 24.16
CA GLN D 216 4.76 14.36 24.32
C GLN D 216 6.10 13.79 23.88
N LEU D 217 6.60 14.27 22.72
CA LEU D 217 7.86 13.82 22.15
C LEU D 217 9.04 14.17 23.08
N PHE D 218 9.02 15.40 23.59
CA PHE D 218 10.07 15.89 24.50
C PHE D 218 10.11 15.07 25.78
N GLN D 219 8.93 14.76 26.33
CA GLN D 219 8.80 13.91 27.52
C GLN D 219 9.27 12.49 27.25
N ASP D 220 8.88 11.94 26.12
CA ASP D 220 9.22 10.57 25.71
C ASP D 220 10.73 10.33 25.70
N LEU D 221 11.48 11.33 25.23
CA LEU D 221 12.93 11.25 25.10
C LEU D 221 13.68 11.27 26.44
N GLU D 222 12.99 11.72 27.50
CA GLU D 222 13.57 11.80 28.85
C GLU D 222 14.17 10.48 29.29
N ARG D 223 13.55 9.38 28.86
CA ARG D 223 14.01 8.04 29.19
C ARG D 223 15.42 7.73 28.65
N TYR D 224 15.84 8.44 27.60
CA TYR D 224 17.12 8.21 26.94
C TYR D 224 18.17 9.30 27.16
N VAL D 225 17.71 10.54 27.33
CA VAL D 225 18.60 11.68 27.53
C VAL D 225 17.89 12.75 28.35
N GLN D 226 18.58 13.21 29.41
CA GLN D 226 18.00 14.10 30.41
C GLN D 226 18.10 15.55 29.95
N ASP D 227 19.28 15.92 29.44
CA ASP D 227 19.59 17.28 29.00
C ASP D 227 18.47 17.84 28.11
N ALA D 228 17.85 18.93 28.57
CA ALA D 228 16.73 19.58 27.88
C ALA D 228 17.16 20.19 26.54
N ASP D 229 18.38 20.74 26.50
CA ASP D 229 18.92 21.33 25.29
C ASP D 229 19.15 20.27 24.20
N VAL D 230 19.71 19.13 24.58
CA VAL D 230 19.93 18.02 23.66
C VAL D 230 18.57 17.54 23.11
N ARG D 231 17.61 17.33 24.01
CA ARG D 231 16.27 16.88 23.64
C ARG D 231 15.55 17.85 22.71
N TRP D 232 15.71 19.16 22.98
CA TRP D 232 15.12 20.21 22.16
C TRP D 232 15.61 20.15 20.72
N GLU D 233 16.92 19.95 20.56
CA GLU D 233 17.53 19.80 19.23
C GLU D 233 16.87 18.66 18.46
N TYR D 234 16.81 17.47 19.06
CA TYR D 234 16.25 16.28 18.43
C TYR D 234 14.78 16.43 18.06
N CYS D 235 14.01 17.10 18.93
CA CYS D 235 12.59 17.34 18.72
C CYS D 235 12.35 18.27 17.51
N VAL D 236 13.10 19.36 17.44
CA VAL D 236 13.00 20.33 16.34
C VAL D 236 13.39 19.69 15.00
N ARG D 237 14.50 18.94 14.98
CA ARG D 237 14.94 18.19 13.80
C ARG D 237 13.85 17.25 13.28
N ALA D 238 13.15 16.58 14.21
CA ALA D 238 12.11 15.63 13.88
C ALA D 238 10.82 16.31 13.41
N LYS D 239 10.60 17.56 13.86
CA LYS D 239 9.40 18.32 13.54
C LYS D 239 9.65 19.58 12.67
N ARG D 240 10.78 19.56 11.94
CA ARG D 240 11.12 20.59 10.96
C ARG D 240 9.98 20.76 9.98
N GLY D 241 9.47 22.00 9.89
CA GLY D 241 8.42 22.33 8.96
C GLY D 241 7.05 22.39 9.59
N GLN D 242 6.85 21.65 10.68
CA GLN D 242 5.61 21.68 11.45
C GLN D 242 5.46 23.08 12.03
N THR D 243 4.30 23.69 11.79
CA THR D 243 3.99 25.01 12.35
C THR D 243 3.41 24.83 13.76
N ASP D 244 2.23 24.22 13.83
CA ASP D 244 1.55 23.89 15.08
C ASP D 244 1.96 22.49 15.55
N THR D 245 3.00 22.44 16.40
CA THR D 245 3.58 21.18 16.88
C THR D 245 2.74 20.44 17.94
N SER D 246 1.59 21.02 18.31
CA SER D 246 0.61 20.37 19.17
C SER D 246 -0.01 19.13 18.52
N LEU D 247 -0.01 19.10 17.18
CA LEU D 247 -0.52 17.98 16.40
C LEU D 247 0.59 16.97 16.13
N PRO D 248 0.27 15.69 15.88
CA PRO D 248 1.26 14.72 15.43
C PRO D 248 1.80 15.11 14.06
N GLY D 249 3.01 14.64 13.73
CA GLY D 249 3.64 14.93 12.45
C GLY D 249 5.14 15.06 12.56
N CYS D 250 5.83 14.78 11.45
CA CYS D 250 7.28 14.73 11.41
C CYS D 250 7.86 15.14 10.06
N PHE D 251 9.15 15.47 10.05
CA PHE D 251 9.96 15.54 8.86
C PHE D 251 10.87 14.32 8.94
N SER D 252 10.63 13.34 8.08
CA SER D 252 11.24 12.02 8.17
C SER D 252 12.64 11.88 7.57
N LYS D 253 13.16 12.97 7.00
CA LYS D 253 14.45 12.99 6.30
C LYS D 253 15.60 12.32 7.06
N ASP D 254 15.72 12.64 8.38
CA ASP D 254 16.84 12.19 9.19
C ASP D 254 16.86 10.69 9.50
N GLN D 255 15.81 9.97 9.08
CA GLN D 255 15.80 8.51 9.14
C GLN D 255 16.79 7.89 8.15
N VAL D 256 17.25 8.71 7.19
CA VAL D 256 18.17 8.27 6.14
C VAL D 256 19.48 7.67 6.68
N TYR D 257 19.94 8.21 7.81
CA TYR D 257 21.22 7.83 8.40
C TYR D 257 21.28 6.36 8.79
N LEU D 258 20.35 5.95 9.66
CA LEU D 258 20.27 4.56 10.11
C LEU D 258 19.90 3.64 8.94
N ASP D 259 18.96 4.12 8.10
CA ASP D 259 18.53 3.41 6.91
C ASP D 259 19.71 3.04 6.01
N GLY D 260 20.58 4.03 5.75
CA GLY D 260 21.80 3.85 4.97
C GLY D 260 22.80 2.91 5.62
N ILE D 261 23.03 3.11 6.93
CA ILE D 261 23.95 2.30 7.73
C ILE D 261 23.63 0.82 7.59
N VAL D 262 22.37 0.47 7.88
CA VAL D 262 21.92 -0.92 7.87
C VAL D 262 22.14 -1.56 6.51
N ARG D 263 21.73 -0.86 5.45
CA ARG D 263 21.85 -1.33 4.07
C ARG D 263 23.30 -1.57 3.64
N ILE D 264 24.17 -0.60 3.93
CA ILE D 264 25.59 -0.71 3.59
C ILE D 264 26.28 -1.84 4.35
N LEU D 265 25.98 -1.95 5.65
CA LEU D 265 26.56 -3.01 6.49
C LEU D 265 26.08 -4.39 6.03
N ARG D 266 24.79 -4.50 5.74
CA ARG D 266 24.18 -5.70 5.19
C ARG D 266 24.90 -6.21 3.93
N HIS D 267 25.27 -5.28 3.04
CA HIS D 267 25.88 -5.60 1.75
C HIS D 267 27.38 -5.32 1.65
N ARG D 268 28.03 -5.07 2.80
CA ARG D 268 29.42 -4.63 2.84
C ARG D 268 30.39 -5.60 2.13
N GLN D 269 30.07 -6.90 2.20
CA GLN D 269 30.92 -7.96 1.66
C GLN D 269 30.98 -7.95 0.12
N THR D 270 29.94 -7.41 -0.52
CA THR D 270 29.87 -7.30 -1.99
C THR D 270 30.18 -5.89 -2.54
N ILE D 271 30.27 -4.90 -1.65
CA ILE D 271 30.57 -3.51 -2.03
C ILE D 271 32.07 -3.26 -2.12
N ASP D 272 32.48 -2.58 -3.20
CA ASP D 272 33.85 -2.08 -3.38
C ASP D 272 33.85 -0.61 -2.93
N PHE D 273 34.33 -0.38 -1.70
CA PHE D 273 34.22 0.92 -1.05
C PHE D 273 35.07 2.03 -1.67
N PRO D 274 36.33 1.76 -2.06
CA PRO D 274 37.11 2.71 -2.86
C PRO D 274 36.39 3.13 -4.15
N LEU D 275 35.95 2.13 -4.92
CA LEU D 275 35.24 2.33 -6.17
C LEU D 275 33.95 3.11 -5.96
N LEU D 276 33.21 2.74 -4.90
CA LEU D 276 31.96 3.41 -4.52
C LEU D 276 32.15 4.91 -4.27
N THR D 277 33.26 5.28 -3.63
CA THR D 277 33.59 6.67 -3.39
C THR D 277 34.11 7.36 -4.66
N SER D 278 34.92 6.64 -5.45
CA SER D 278 35.50 7.15 -6.70
C SER D 278 34.46 7.50 -7.78
N LEU D 279 33.33 6.77 -7.80
CA LEU D 279 32.27 6.96 -8.80
C LEU D 279 31.38 8.17 -8.52
N GLY D 280 31.50 8.76 -7.33
CA GLY D 280 30.77 9.97 -6.97
C GLY D 280 29.48 9.66 -6.24
N LYS D 281 28.48 10.52 -6.46
CA LYS D 281 27.19 10.49 -5.77
C LYS D 281 26.29 9.36 -6.28
N VAL D 282 26.73 8.12 -6.09
CA VAL D 282 26.06 6.94 -6.62
C VAL D 282 25.65 5.95 -5.52
N SER D 283 24.55 5.24 -5.76
CA SER D 283 24.07 4.16 -4.90
C SER D 283 25.03 2.97 -4.96
N TYR D 284 25.12 2.22 -3.85
CA TYR D 284 25.97 1.03 -3.77
C TYR D 284 25.50 -0.03 -4.77
N GLU D 285 24.22 0.04 -5.12
CA GLU D 285 23.61 -0.86 -6.11
C GLU D 285 24.03 -0.59 -7.55
N ASP D 286 24.46 0.65 -7.84
CA ASP D 286 24.83 1.08 -9.20
C ASP D 286 26.31 0.85 -9.55
N VAL D 287 27.10 0.32 -8.61
CA VAL D 287 28.56 0.22 -8.78
C VAL D 287 28.97 -0.61 -10.00
N ASP D 288 28.37 -1.80 -10.15
CA ASP D 288 28.62 -2.69 -11.29
C ASP D 288 28.15 -2.10 -12.61
N HIS D 289 26.98 -1.45 -12.57
CA HIS D 289 26.38 -0.77 -13.70
C HIS D 289 27.28 0.35 -14.23
N LEU D 290 27.87 1.13 -13.33
CA LEU D 290 28.61 2.36 -13.65
C LEU D 290 30.13 2.18 -13.80
N ARG D 291 30.67 1.09 -13.23
CA ARG D 291 32.10 0.81 -13.27
C ARG D 291 32.70 0.95 -14.67
N PRO D 292 32.09 0.35 -15.72
CA PRO D 292 32.64 0.47 -17.07
C PRO D 292 32.72 1.90 -17.62
N HIS D 293 31.88 2.80 -17.11
CA HIS D 293 31.73 4.16 -17.61
C HIS D 293 32.33 5.25 -16.72
N GLY D 294 32.91 4.85 -15.59
CA GLY D 294 33.55 5.78 -14.67
C GLY D 294 34.94 6.17 -15.13
N VAL D 295 35.30 7.45 -14.91
CA VAL D 295 36.65 7.94 -15.15
C VAL D 295 37.36 8.10 -13.81
N LEU D 296 38.35 7.23 -13.57
CA LEU D 296 38.94 7.00 -12.25
C LEU D 296 40.41 7.40 -12.13
N ASP D 297 40.92 8.12 -13.14
CA ASP D 297 42.32 8.54 -13.20
C ASP D 297 42.65 9.42 -11.99
N ASN D 298 41.90 10.53 -11.86
CA ASN D 298 42.15 11.54 -10.84
C ASN D 298 41.03 11.68 -9.81
N THR D 299 40.47 10.54 -9.39
CA THR D 299 39.45 10.49 -8.34
C THR D 299 40.14 10.27 -7.01
N ARG D 300 39.63 10.91 -5.96
CA ARG D 300 40.20 10.84 -4.61
C ARG D 300 39.42 9.89 -3.69
N VAL D 301 40.16 8.98 -3.05
CA VAL D 301 39.64 8.08 -2.03
C VAL D 301 40.10 8.63 -0.68
N PRO D 302 39.21 8.69 0.36
CA PRO D 302 39.61 9.24 1.65
C PRO D 302 40.78 8.49 2.29
N HIS D 303 41.58 9.21 3.10
CA HIS D 303 42.79 8.70 3.72
C HIS D 303 42.52 7.46 4.60
N PHE D 304 41.35 7.44 5.27
CA PHE D 304 40.97 6.36 6.17
C PHE D 304 40.58 5.04 5.47
N MET D 305 40.55 5.07 4.14
CA MET D 305 40.21 3.91 3.31
C MET D 305 41.45 3.26 2.64
N GLN D 306 42.63 3.89 2.82
CA GLN D 306 43.88 3.43 2.18
C GLN D 306 44.31 2.06 2.68
N ASP D 307 44.31 1.90 4.01
CA ASP D 307 44.44 0.60 4.66
C ASP D 307 43.05 -0.03 4.68
N LEU D 308 42.73 -0.76 3.60
CA LEU D 308 41.39 -1.27 3.34
C LEU D 308 41.05 -2.45 4.26
N ALA D 309 42.07 -3.29 4.54
CA ALA D 309 41.94 -4.38 5.49
C ALA D 309 41.43 -3.86 6.84
N ARG D 310 42.04 -2.77 7.32
CA ARG D 310 41.66 -2.13 8.57
C ARG D 310 40.27 -1.50 8.50
N TYR D 311 39.96 -0.88 7.36
CA TYR D 311 38.67 -0.26 7.12
C TYR D 311 37.54 -1.27 7.31
N ARG D 312 37.71 -2.49 6.77
CA ARG D 312 36.72 -3.54 6.86
C ARG D 312 36.57 -4.07 8.28
N GLN D 313 37.70 -4.18 8.99
CA GLN D 313 37.72 -4.55 10.41
C GLN D 313 36.89 -3.56 11.22
N GLN D 314 37.06 -2.26 10.95
CA GLN D 314 36.29 -1.21 11.58
C GLN D 314 34.79 -1.38 11.40
N LEU D 315 34.38 -1.75 10.19
CA LEU D 315 32.96 -1.97 9.87
C LEU D 315 32.39 -3.12 10.69
N GLU D 316 33.18 -4.21 10.82
CA GLU D 316 32.83 -5.36 11.66
C GLU D 316 32.68 -4.93 13.12
N HIS D 317 33.64 -4.11 13.59
CA HIS D 317 33.65 -3.57 14.94
C HIS D 317 32.43 -2.70 15.21
N ILE D 318 32.01 -1.93 14.18
CA ILE D 318 30.85 -1.07 14.26
C ILE D 318 29.55 -1.88 14.38
N MET D 319 29.45 -2.99 13.65
CA MET D 319 28.29 -3.88 13.74
C MET D 319 28.22 -4.49 15.14
N ALA D 320 29.29 -5.15 15.55
CA ALA D 320 29.39 -5.78 16.87
C ALA D 320 28.91 -4.81 17.94
N THR D 321 29.55 -3.63 17.98
CA THR D 321 29.24 -2.61 18.97
C THR D 321 27.76 -2.23 19.00
N ASN D 322 27.15 -2.11 17.83
CA ASN D 322 25.77 -1.63 17.71
C ASN D 322 24.69 -2.71 17.69
N ARG D 323 25.08 -3.96 18.01
CA ARG D 323 24.17 -5.11 18.07
C ARG D 323 23.50 -5.36 16.72
N LEU D 324 24.29 -5.28 15.64
CA LEU D 324 23.85 -5.51 14.28
C LEU D 324 24.68 -6.63 13.66
N ASP D 325 24.54 -7.84 14.22
CA ASP D 325 25.22 -9.02 13.69
C ASP D 325 24.67 -9.46 12.32
N GLU D 326 25.50 -10.20 11.59
CA GLU D 326 25.22 -10.74 10.25
C GLU D 326 23.81 -11.31 10.11
N ALA D 327 23.47 -12.25 11.01
CA ALA D 327 22.21 -12.98 11.00
C ALA D 327 21.01 -12.03 11.05
N GLU D 328 21.12 -10.99 11.88
CA GLU D 328 20.05 -10.00 12.04
C GLU D 328 19.86 -9.14 10.80
N LEU D 329 20.98 -8.71 10.20
CA LEU D 329 20.96 -7.98 8.94
C LEU D 329 20.38 -8.86 7.81
N GLY D 330 20.73 -10.16 7.83
CA GLY D 330 20.21 -11.15 6.91
C GLY D 330 18.69 -11.25 6.91
N ARG D 331 18.10 -11.32 8.12
CA ARG D 331 16.65 -11.38 8.28
C ARG D 331 15.98 -10.04 7.95
N LEU D 332 16.65 -8.93 8.29
CA LEU D 332 16.17 -7.58 8.03
C LEU D 332 15.96 -7.34 6.54
N LEU D 333 16.98 -7.70 5.74
CA LEU D 333 16.98 -7.54 4.30
C LEU D 333 17.38 -8.85 3.61
N PRO D 334 16.43 -9.78 3.37
CA PRO D 334 16.74 -11.03 2.68
C PRO D 334 17.02 -10.80 1.19
N ASP D 335 18.00 -11.52 0.66
CA ASP D 335 18.57 -11.28 -0.67
C ASP D 335 17.56 -11.46 -1.81
#